data_5OAJ
#
_entry.id   5OAJ
#
_cell.length_a   100.239
_cell.length_b   137.469
_cell.length_c   103.666
_cell.angle_alpha   90.00
_cell.angle_beta   90.79
_cell.angle_gamma   90.00
#
_symmetry.space_group_name_H-M   'P 1 21 1'
#
loop_
_entity.id
_entity.type
_entity.pdbx_description
1 polymer 'Soluble acetylcholine receptor'
2 non-polymer 2-acetamido-2-deoxy-beta-D-glucopyranose
3 non-polymer 1,2-ETHANEDIOL
4 non-polymer 'CITRATE ANION'
5 non-polymer '(3-ENDO)-8-METHYL-8-AZABICYCLO[3.2.1]OCT-3-YL 1H-INDOLE-3-CARBOXYLATE'
6 water water
#
_entity_poly.entity_id   1
_entity_poly.type   'polypeptide(L)'
_entity_poly.pdbx_seq_one_letter_code
;MLVSVYLALLVACVGQAHSQANLMRLKSDLFNRSPMYPGPTKDDPLTVTLGFFLQDIVKVDSSTNEVDLVYYERQRWKLN
SLMWDPNEYGNITDFRTSAADIWTPDITAASSTRPVQVLSPQIAVVTHDGSVMFSPAQRLSFMCDPTGVDSEEGVTCAVK
FESWVYSGFEIDLKTDTDQVDLSSYYASSKYEILSATQTRQVQHYSCCPEPYIDVNLVVKFRERRAGNGFFRNLFDENLY
FQGHHHHHH
;
_entity_poly.pdbx_strand_id   A,B,C,D,E,F,G,H,I,J
#
# COMPACT_ATOMS: atom_id res chain seq x y z
N GLN A 20 -20.32 3.73 19.20
CA GLN A 20 -19.74 3.59 17.86
C GLN A 20 -18.31 3.11 18.04
N ALA A 21 -17.54 3.82 18.87
CA ALA A 21 -16.09 3.58 18.98
C ALA A 21 -15.77 2.16 19.41
N ASN A 22 -16.48 1.66 20.39
CA ASN A 22 -16.25 0.30 20.86
C ASN A 22 -16.61 -0.71 19.77
N LEU A 23 -17.68 -0.49 19.06
CA LEU A 23 -18.08 -1.35 18.00
C LEU A 23 -17.07 -1.33 16.84
N MET A 24 -16.59 -0.13 16.47
CA MET A 24 -15.60 -0.01 15.38
C MET A 24 -14.35 -0.79 15.72
N ARG A 25 -13.99 -0.71 16.97
CA ARG A 25 -12.82 -1.38 17.53
C ARG A 25 -13.01 -2.90 17.52
N LEU A 26 -14.19 -3.39 17.94
CA LEU A 26 -14.49 -4.80 17.88
C LEU A 26 -14.41 -5.30 16.43
N LYS A 27 -15.02 -4.59 15.50
CA LYS A 27 -15.05 -5.07 14.11
C LYS A 27 -13.64 -5.11 13.54
N SER A 28 -12.88 -4.11 13.89
CA SER A 28 -11.49 -4.04 13.49
C SER A 28 -10.65 -5.19 14.10
N ASP A 29 -10.85 -5.49 15.37
CA ASP A 29 -10.17 -6.65 15.96
C ASP A 29 -10.59 -8.00 15.38
N LEU A 30 -11.87 -8.19 15.12
CA LEU A 30 -12.34 -9.46 14.54
C LEU A 30 -11.98 -9.63 13.05
N PHE A 31 -11.99 -8.57 12.27
CA PHE A 31 -11.89 -8.69 10.78
C PHE A 31 -10.59 -8.19 10.15
N ASN A 32 -9.98 -7.13 10.67
CA ASN A 32 -8.74 -6.56 10.11
C ASN A 32 -7.48 -7.10 10.72
N ARG A 33 -7.54 -7.87 11.80
CA ARG A 33 -6.34 -8.32 12.53
C ARG A 33 -5.97 -9.78 12.28
N SER A 34 -6.74 -10.53 11.50
CA SER A 34 -6.29 -11.87 11.04
C SER A 34 -6.98 -12.16 9.72
N PRO A 35 -6.53 -13.21 8.99
CA PRO A 35 -7.16 -13.44 7.66
C PRO A 35 -8.52 -14.04 7.86
N MET A 36 -9.31 -14.09 6.79
CA MET A 36 -10.68 -14.60 6.93
C MET A 36 -10.65 -16.09 7.34
N TYR A 37 -11.61 -16.50 8.15
CA TYR A 37 -11.88 -17.92 8.35
C TYR A 37 -11.93 -18.60 6.95
N PRO A 38 -11.07 -19.61 6.72
CA PRO A 38 -11.01 -20.27 5.41
C PRO A 38 -12.06 -21.40 5.26
N GLY A 39 -13.01 -21.49 6.17
CA GLY A 39 -14.04 -22.54 6.12
C GLY A 39 -13.66 -23.75 6.95
N PRO A 40 -14.63 -24.62 7.20
CA PRO A 40 -14.42 -25.81 8.01
C PRO A 40 -13.61 -26.88 7.33
N THR A 41 -13.04 -27.74 8.17
CA THR A 41 -12.29 -28.94 7.70
C THR A 41 -12.76 -30.16 8.54
N LYS A 42 -12.30 -31.34 8.15
CA LYS A 42 -12.47 -32.61 8.93
C LYS A 42 -12.08 -32.40 10.40
N ASP A 43 -10.97 -31.74 10.63
CA ASP A 43 -10.47 -31.49 11.99
C ASP A 43 -11.21 -30.39 12.73
N ASP A 44 -11.81 -29.41 12.03
CA ASP A 44 -12.56 -28.33 12.69
C ASP A 44 -13.91 -28.17 12.02
N PRO A 45 -14.76 -29.18 12.18
CA PRO A 45 -16.05 -29.16 11.51
C PRO A 45 -16.99 -28.16 12.17
N LEU A 46 -18.12 -27.97 11.54
CA LEU A 46 -19.10 -27.00 11.91
C LEU A 46 -20.47 -27.55 11.71
N THR A 47 -21.37 -27.11 12.53
CA THR A 47 -22.76 -27.48 12.40
C THR A 47 -23.53 -26.24 12.02
N VAL A 48 -24.32 -26.34 10.96
CA VAL A 48 -25.21 -25.28 10.51
C VAL A 48 -26.66 -25.73 10.71
N THR A 49 -27.42 -24.92 11.40
CA THR A 49 -28.79 -25.19 11.62
C THR A 49 -29.64 -24.34 10.67
N LEU A 50 -30.57 -24.98 9.96
CA LEU A 50 -31.48 -24.33 9.06
C LEU A 50 -32.89 -24.46 9.49
N GLY A 51 -33.67 -23.40 9.25
CA GLY A 51 -35.11 -23.46 9.33
C GLY A 51 -35.68 -22.59 8.19
N PHE A 52 -36.81 -23.04 7.63
CA PHE A 52 -37.52 -22.30 6.59
C PHE A 52 -38.78 -21.63 7.08
N PHE A 53 -39.12 -20.51 6.45
CA PHE A 53 -40.24 -19.68 6.79
C PHE A 53 -40.88 -19.36 5.47
N LEU A 54 -41.92 -20.10 5.12
CA LEU A 54 -42.59 -19.94 3.84
C LEU A 54 -43.47 -18.72 3.91
N GLN A 55 -43.41 -17.90 2.86
CA GLN A 55 -44.19 -16.70 2.75
C GLN A 55 -45.24 -16.76 1.65
N ASP A 56 -44.94 -17.41 0.53
CA ASP A 56 -45.90 -17.42 -0.59
C ASP A 56 -45.47 -18.39 -1.65
N ILE A 57 -46.42 -19.19 -2.14
CA ILE A 57 -46.27 -19.89 -3.41
C ILE A 57 -46.90 -18.93 -4.40
N VAL A 58 -46.09 -18.36 -5.25
CA VAL A 58 -46.49 -17.25 -6.06
C VAL A 58 -47.12 -17.76 -7.30
N LYS A 59 -46.42 -18.73 -7.93
CA LYS A 59 -47.00 -19.36 -9.09
C LYS A 59 -46.52 -20.74 -9.37
N VAL A 60 -47.31 -21.34 -10.25
CA VAL A 60 -47.15 -22.73 -10.65
C VAL A 60 -47.09 -22.65 -12.18
N ASP A 61 -46.23 -23.42 -12.82
CA ASP A 61 -46.22 -23.45 -14.29
C ASP A 61 -46.30 -24.91 -14.71
N SER A 62 -47.47 -25.30 -15.15
CA SER A 62 -47.75 -26.70 -15.51
C SER A 62 -47.27 -27.04 -16.89
N SER A 63 -46.87 -26.05 -17.69
CA SER A 63 -46.25 -26.36 -18.96
C SER A 63 -44.73 -26.63 -18.83
N THR A 64 -44.08 -26.20 -17.73
CA THR A 64 -42.66 -26.47 -17.50
C THR A 64 -42.34 -27.26 -16.25
N ASN A 65 -43.32 -27.50 -15.40
CA ASN A 65 -43.11 -28.14 -14.08
C ASN A 65 -42.09 -27.39 -13.22
N GLU A 66 -42.38 -26.09 -13.08
CA GLU A 66 -41.64 -25.20 -12.21
C GLU A 66 -42.65 -24.56 -11.27
N VAL A 67 -42.28 -24.47 -10.01
CA VAL A 67 -43.06 -23.70 -9.05
C VAL A 67 -42.17 -22.63 -8.41
N ASP A 68 -42.75 -21.48 -8.14
CA ASP A 68 -42.07 -20.31 -7.55
C ASP A 68 -42.51 -20.03 -6.12
N LEU A 69 -41.53 -20.02 -5.22
CA LEU A 69 -41.71 -19.84 -3.79
C LEU A 69 -40.97 -18.59 -3.31
N VAL A 70 -41.58 -17.89 -2.38
CA VAL A 70 -40.93 -16.84 -1.67
C VAL A 70 -40.86 -17.28 -0.24
N TYR A 71 -39.68 -17.19 0.36
CA TYR A 71 -39.46 -17.63 1.70
C TYR A 71 -38.22 -16.97 2.27
N TYR A 72 -38.04 -17.07 3.58
CA TYR A 72 -36.72 -16.86 4.13
C TYR A 72 -36.28 -18.06 4.91
N GLU A 73 -35.00 -18.04 5.24
CA GLU A 73 -34.25 -19.18 5.66
C GLU A 73 -33.39 -18.70 6.80
N ARG A 74 -33.53 -19.23 8.00
CA ARG A 74 -32.62 -18.91 9.09
C ARG A 74 -31.48 -19.87 9.07
N GLN A 75 -30.24 -19.36 9.02
CA GLN A 75 -29.03 -20.18 9.10
C GLN A 75 -28.29 -19.76 10.33
N ARG A 76 -27.77 -20.74 11.07
CA ARG A 76 -27.10 -20.48 12.34
C ARG A 76 -25.88 -21.38 12.47
N TRP A 77 -24.75 -20.79 12.85
CA TRP A 77 -23.54 -21.55 13.13
C TRP A 77 -22.68 -20.80 14.12
N LYS A 78 -21.53 -21.34 14.50
CA LYS A 78 -20.71 -20.76 15.52
C LYS A 78 -19.24 -20.93 15.22
N LEU A 79 -18.47 -19.86 15.35
CA LEU A 79 -17.00 -19.86 15.16
C LEU A 79 -16.26 -19.37 16.37
N ASN A 80 -15.27 -20.10 16.80
CA ASN A 80 -14.38 -19.59 17.87
C ASN A 80 -13.74 -18.25 17.55
N SER A 81 -13.37 -18.06 16.29
CA SER A 81 -12.70 -16.81 15.88
C SER A 81 -13.64 -15.59 15.88
N LEU A 82 -14.94 -15.76 16.10
CA LEU A 82 -15.84 -14.62 16.24
C LEU A 82 -16.24 -14.34 17.68
N MET A 83 -15.60 -15.00 18.62
CA MET A 83 -15.88 -14.76 20.05
C MET A 83 -15.21 -13.49 20.54
N TRP A 84 -15.88 -12.81 21.45
CA TRP A 84 -15.24 -11.80 22.28
C TRP A 84 -15.88 -11.77 23.65
N ASP A 85 -15.17 -11.13 24.56
CA ASP A 85 -15.68 -10.80 25.88
C ASP A 85 -16.36 -9.46 25.87
N PRO A 86 -17.66 -9.39 26.14
CA PRO A 86 -18.29 -8.06 26.15
C PRO A 86 -17.68 -7.02 27.08
N ASN A 87 -17.04 -7.43 28.20
CA ASN A 87 -16.44 -6.44 29.13
C ASN A 87 -15.31 -5.66 28.51
N GLU A 88 -14.64 -6.28 27.53
CA GLU A 88 -13.58 -5.60 26.81
C GLU A 88 -14.07 -4.63 25.74
N TYR A 89 -15.39 -4.60 25.44
CA TYR A 89 -15.92 -3.82 24.32
C TYR A 89 -17.21 -3.14 24.69
N GLY A 90 -17.20 -2.50 25.87
CA GLY A 90 -18.30 -1.63 26.28
C GLY A 90 -19.61 -2.34 26.42
N ASN A 91 -19.53 -3.63 26.78
CA ASN A 91 -20.71 -4.47 26.99
C ASN A 91 -21.51 -4.80 25.73
N ILE A 92 -20.90 -4.68 24.54
CA ILE A 92 -21.53 -5.08 23.30
C ILE A 92 -21.64 -6.62 23.30
N THR A 93 -22.85 -7.14 23.11
CA THR A 93 -23.09 -8.57 23.08
C THR A 93 -23.39 -9.11 21.69
N ASP A 94 -23.73 -8.22 20.76
CA ASP A 94 -23.94 -8.62 19.39
C ASP A 94 -23.89 -7.41 18.48
N PHE A 95 -23.68 -7.65 17.19
CA PHE A 95 -23.68 -6.61 16.19
C PHE A 95 -24.09 -7.14 14.84
N ARG A 96 -24.48 -6.21 13.98
CA ARG A 96 -24.81 -6.53 12.61
C ARG A 96 -23.65 -6.21 11.72
N THR A 97 -23.49 -7.02 10.69
CA THR A 97 -22.45 -6.81 9.74
C THR A 97 -22.79 -7.46 8.40
N SER A 98 -22.26 -6.85 7.36
CA SER A 98 -22.43 -7.31 6.03
C SER A 98 -21.92 -8.77 5.92
N ALA A 99 -22.67 -9.61 5.24
CA ALA A 99 -22.28 -10.99 5.02
C ALA A 99 -20.98 -11.17 4.25
N ALA A 100 -20.60 -10.17 3.48
CA ALA A 100 -19.30 -10.18 2.82
C ALA A 100 -18.12 -10.14 3.79
N ASP A 101 -18.32 -9.65 5.01
CA ASP A 101 -17.23 -9.58 6.01
C ASP A 101 -16.90 -10.91 6.68
N ILE A 102 -17.78 -11.92 6.51
CA ILE A 102 -17.64 -13.17 7.20
C ILE A 102 -17.78 -14.34 6.23
N TRP A 103 -17.28 -15.47 6.66
CA TRP A 103 -17.57 -16.68 5.95
C TRP A 103 -19.06 -17.02 6.13
N THR A 104 -19.67 -17.54 5.08
CA THR A 104 -21.02 -18.07 5.16
C THR A 104 -21.10 -19.42 4.43
N PRO A 105 -21.97 -20.29 4.86
CA PRO A 105 -22.03 -21.59 4.24
C PRO A 105 -22.70 -21.55 2.85
N ASP A 106 -22.28 -22.45 1.99
CA ASP A 106 -22.67 -22.53 0.62
C ASP A 106 -23.95 -23.43 0.41
N ILE A 107 -24.98 -23.13 1.19
CA ILE A 107 -26.21 -23.86 1.14
C ILE A 107 -26.90 -23.57 -0.19
N THR A 108 -27.28 -24.62 -0.90
CA THR A 108 -27.79 -24.48 -2.25
C THR A 108 -29.09 -25.32 -2.38
N ALA A 109 -30.07 -24.79 -3.07
CA ALA A 109 -31.23 -25.55 -3.48
C ALA A 109 -30.83 -26.41 -4.64
N ALA A 110 -30.88 -27.73 -4.46
CA ALA A 110 -30.38 -28.68 -5.44
C ALA A 110 -31.24 -28.82 -6.68
N SER A 111 -32.50 -28.38 -6.62
CA SER A 111 -33.41 -28.53 -7.74
C SER A 111 -33.99 -27.22 -8.26
N SER A 112 -33.27 -26.13 -8.03
CA SER A 112 -33.62 -24.85 -8.66
C SER A 112 -33.49 -24.92 -10.17
N THR A 113 -34.30 -24.13 -10.86
CA THR A 113 -34.23 -24.00 -12.32
C THR A 113 -33.85 -22.61 -12.79
N ARG A 114 -33.62 -21.68 -11.84
CA ARG A 114 -33.22 -20.30 -12.11
C ARG A 114 -32.34 -19.86 -10.96
N PRO A 115 -31.44 -18.89 -11.21
CA PRO A 115 -30.74 -18.34 -10.04
C PRO A 115 -31.74 -17.78 -9.03
N VAL A 116 -31.47 -18.05 -7.76
CA VAL A 116 -32.29 -17.57 -6.70
C VAL A 116 -32.21 -16.04 -6.66
N GLN A 117 -33.34 -15.41 -6.53
CA GLN A 117 -33.43 -13.95 -6.39
C GLN A 117 -33.48 -13.53 -4.93
N VAL A 118 -32.53 -12.68 -4.55
CA VAL A 118 -32.37 -12.26 -3.18
C VAL A 118 -33.32 -11.10 -2.90
N LEU A 119 -34.13 -11.21 -1.86
CA LEU A 119 -35.12 -10.18 -1.50
C LEU A 119 -34.78 -9.43 -0.24
N SER A 120 -33.70 -9.81 0.44
CA SER A 120 -33.33 -9.14 1.67
C SER A 120 -31.88 -8.69 1.64
N PRO A 121 -31.51 -7.71 2.46
CA PRO A 121 -30.13 -7.26 2.55
C PRO A 121 -29.27 -8.40 3.08
N GLN A 122 -28.05 -8.49 2.56
CA GLN A 122 -27.12 -9.54 2.88
C GLN A 122 -26.35 -9.15 4.15
N ILE A 123 -27.00 -9.25 5.29
CA ILE A 123 -26.44 -8.80 6.55
C ILE A 123 -26.67 -9.85 7.59
N ALA A 124 -25.68 -10.10 8.43
CA ALA A 124 -25.81 -11.09 9.49
C ALA A 124 -25.64 -10.50 10.86
N VAL A 125 -26.08 -11.26 11.86
CA VAL A 125 -25.97 -10.88 13.27
C VAL A 125 -24.96 -11.79 13.87
N VAL A 126 -23.96 -11.20 14.50
CA VAL A 126 -22.89 -11.94 15.14
C VAL A 126 -23.02 -11.67 16.65
N THR A 127 -22.90 -12.71 17.45
CA THR A 127 -23.08 -12.66 18.88
C THR A 127 -21.75 -13.04 19.56
N HIS A 128 -21.53 -12.52 20.77
CA HIS A 128 -20.24 -12.63 21.48
C HIS A 128 -19.72 -14.03 21.76
N ASP A 129 -20.61 -15.01 21.75
CA ASP A 129 -20.19 -16.43 21.84
C ASP A 129 -19.72 -17.00 20.49
N GLY A 130 -19.66 -16.16 19.45
CA GLY A 130 -19.16 -16.59 18.16
C GLY A 130 -20.28 -17.12 17.25
N SER A 131 -21.52 -17.01 17.69
CA SER A 131 -22.60 -17.51 16.87
C SER A 131 -23.07 -16.45 15.89
N VAL A 132 -23.48 -16.93 14.72
CA VAL A 132 -23.89 -16.11 13.63
C VAL A 132 -25.26 -16.53 13.24
N MET A 133 -26.09 -15.56 12.90
CA MET A 133 -27.45 -15.76 12.44
C MET A 133 -27.58 -15.01 11.09
N PHE A 134 -27.93 -15.71 10.03
CA PHE A 134 -28.09 -15.09 8.71
C PHE A 134 -29.41 -15.58 8.15
N SER A 135 -30.27 -14.64 7.75
CA SER A 135 -31.66 -14.92 7.37
C SER A 135 -32.05 -14.40 5.99
N PRO A 136 -31.45 -14.94 4.96
CA PRO A 136 -31.80 -14.44 3.65
C PRO A 136 -33.17 -14.83 3.18
N ALA A 137 -33.86 -13.87 2.59
CA ALA A 137 -35.11 -14.06 1.90
C ALA A 137 -34.86 -14.19 0.39
N GLN A 138 -35.66 -15.03 -0.26
CA GLN A 138 -35.33 -15.55 -1.55
C GLN A 138 -36.64 -15.80 -2.31
N ARG A 139 -36.60 -15.59 -3.63
CA ARG A 139 -37.53 -16.19 -4.51
C ARG A 139 -36.84 -17.27 -5.29
N LEU A 140 -37.42 -18.46 -5.28
CA LEU A 140 -36.84 -19.66 -5.87
C LEU A 140 -37.82 -20.26 -6.89
N SER A 141 -37.31 -20.59 -8.07
CA SER A 141 -38.03 -21.44 -9.00
C SER A 141 -37.41 -22.83 -8.89
N PHE A 142 -38.25 -23.85 -8.73
CA PHE A 142 -37.72 -25.22 -8.57
C PHE A 142 -38.62 -26.26 -9.27
N MET A 143 -38.03 -27.43 -9.51
CA MET A 143 -38.66 -28.51 -10.28
C MET A 143 -39.81 -29.12 -9.47
N CYS A 144 -41.01 -29.03 -10.02
CA CYS A 144 -42.22 -29.46 -9.32
C CYS A 144 -43.33 -29.65 -10.33
N ASP A 145 -43.90 -30.86 -10.38
CA ASP A 145 -45.06 -31.16 -11.21
C ASP A 145 -46.27 -30.79 -10.37
N PRO A 146 -46.99 -29.74 -10.76
CA PRO A 146 -48.14 -29.28 -10.03
C PRO A 146 -49.47 -30.01 -10.36
N THR A 147 -49.44 -31.01 -11.22
CA THR A 147 -50.63 -31.83 -11.52
C THR A 147 -51.30 -32.30 -10.22
N GLY A 148 -52.59 -31.97 -10.09
CA GLY A 148 -53.37 -32.30 -8.89
C GLY A 148 -53.58 -31.13 -7.94
N VAL A 149 -53.03 -29.97 -8.30
CA VAL A 149 -53.06 -28.82 -7.38
C VAL A 149 -54.47 -28.27 -7.23
N ASP A 150 -55.26 -28.39 -8.31
CA ASP A 150 -56.70 -27.93 -8.34
C ASP A 150 -57.68 -28.87 -7.62
N SER A 151 -57.22 -30.04 -7.20
CA SER A 151 -57.98 -30.96 -6.41
C SER A 151 -57.95 -30.58 -4.93
N GLU A 152 -58.61 -31.39 -4.12
CA GLU A 152 -58.72 -31.19 -2.70
C GLU A 152 -57.55 -31.87 -1.94
N GLU A 153 -57.03 -32.98 -2.49
CA GLU A 153 -55.86 -33.68 -1.90
C GLU A 153 -54.60 -32.84 -2.11
N GLY A 154 -54.62 -32.00 -3.15
CA GLY A 154 -53.53 -31.12 -3.50
C GLY A 154 -52.36 -31.86 -4.14
N VAL A 155 -51.18 -31.25 -4.05
CA VAL A 155 -49.97 -31.84 -4.62
C VAL A 155 -48.80 -31.64 -3.68
N THR A 156 -47.87 -32.58 -3.71
CA THR A 156 -46.69 -32.56 -2.90
C THR A 156 -45.47 -32.28 -3.79
N CYS A 157 -44.64 -31.31 -3.35
CA CYS A 157 -43.31 -31.14 -3.96
C CYS A 157 -42.25 -31.02 -2.89
N ALA A 158 -41.03 -31.21 -3.35
CA ALA A 158 -39.88 -31.31 -2.49
C ALA A 158 -38.66 -30.61 -3.09
N VAL A 159 -37.85 -29.99 -2.23
CA VAL A 159 -36.59 -29.45 -2.65
C VAL A 159 -35.57 -29.65 -1.56
N LYS A 160 -34.42 -30.20 -1.95
CA LYS A 160 -33.30 -30.39 -1.05
C LYS A 160 -32.40 -29.17 -1.00
N PHE A 161 -31.97 -28.87 0.21
CA PHE A 161 -30.99 -27.86 0.46
C PHE A 161 -29.76 -28.52 1.02
N GLU A 162 -28.60 -28.24 0.44
CA GLU A 162 -27.36 -28.86 0.87
C GLU A 162 -26.16 -27.94 0.62
N SER A 163 -25.05 -28.25 1.32
CA SER A 163 -23.79 -27.70 0.95
C SER A 163 -23.41 -28.23 -0.44
N TRP A 164 -23.01 -27.36 -1.33
CA TRP A 164 -22.58 -27.77 -2.66
C TRP A 164 -21.26 -28.54 -2.62
N VAL A 165 -20.33 -28.13 -1.78
CA VAL A 165 -18.97 -28.68 -1.83
C VAL A 165 -18.45 -29.31 -0.58
N TYR A 166 -19.10 -29.10 0.54
CA TYR A 166 -18.64 -29.68 1.81
C TYR A 166 -19.45 -30.94 2.19
N SER A 167 -18.71 -31.95 2.62
CA SER A 167 -19.28 -33.20 3.13
C SER A 167 -19.74 -33.00 4.53
N GLY A 168 -20.41 -33.99 5.06
CA GLY A 168 -20.83 -34.04 6.47
C GLY A 168 -19.70 -34.10 7.48
N PHE A 169 -18.51 -34.45 7.04
CA PHE A 169 -17.34 -34.36 7.90
C PHE A 169 -16.91 -32.92 8.13
N GLU A 170 -17.28 -31.99 7.25
CA GLU A 170 -16.92 -30.58 7.39
C GLU A 170 -18.11 -29.73 7.83
N ILE A 171 -19.27 -29.94 7.21
CA ILE A 171 -20.46 -29.24 7.59
C ILE A 171 -21.56 -30.24 7.82
N ASP A 172 -22.07 -30.30 9.03
CA ASP A 172 -23.25 -31.02 9.39
C ASP A 172 -24.46 -30.09 9.39
N LEU A 173 -25.56 -30.48 8.75
CA LEU A 173 -26.76 -29.68 8.80
C LEU A 173 -27.72 -30.25 9.78
N LYS A 174 -28.46 -29.40 10.46
CA LYS A 174 -29.59 -29.85 11.21
C LYS A 174 -30.71 -28.83 11.21
N THR A 175 -31.87 -29.23 11.71
CA THR A 175 -33.04 -28.38 11.89
C THR A 175 -33.32 -28.24 13.37
N ASP A 176 -33.99 -27.18 13.81
CA ASP A 176 -34.42 -27.08 15.23
C ASP A 176 -35.75 -27.81 15.41
N THR A 177 -36.53 -27.83 14.34
CA THR A 177 -37.83 -28.43 14.33
C THR A 177 -38.04 -29.03 12.95
N ASP A 178 -38.93 -30.01 12.85
CA ASP A 178 -39.32 -30.60 11.58
C ASP A 178 -40.46 -29.89 10.90
N GLN A 179 -41.13 -29.00 11.60
CA GLN A 179 -42.20 -28.21 11.05
C GLN A 179 -41.66 -26.90 10.50
N VAL A 180 -41.95 -26.66 9.23
CA VAL A 180 -41.71 -25.40 8.57
C VAL A 180 -42.63 -24.36 9.22
N ASP A 181 -42.09 -23.19 9.52
CA ASP A 181 -42.87 -22.11 10.05
C ASP A 181 -43.72 -21.45 8.96
N LEU A 182 -45.02 -21.39 9.22
CA LEU A 182 -45.99 -20.81 8.31
C LEU A 182 -46.60 -19.53 8.82
N SER A 183 -46.07 -18.97 9.89
CA SER A 183 -46.70 -17.77 10.44
C SER A 183 -46.52 -16.48 9.63
N SER A 184 -45.66 -16.46 8.62
CA SER A 184 -45.63 -15.32 7.65
C SER A 184 -46.29 -15.70 6.31
N TYR A 185 -46.96 -16.84 6.23
CA TYR A 185 -47.54 -17.23 4.95
C TYR A 185 -48.65 -16.24 4.59
N TYR A 186 -48.64 -15.80 3.34
CA TYR A 186 -49.59 -14.83 2.82
C TYR A 186 -51.00 -15.43 2.81
N ALA A 187 -51.88 -14.84 3.60
CA ALA A 187 -53.24 -15.35 3.76
C ALA A 187 -54.03 -15.35 2.45
N SER A 188 -53.77 -14.42 1.53
CA SER A 188 -54.48 -14.46 0.24
C SER A 188 -53.67 -15.02 -0.92
N SER A 189 -52.69 -15.85 -0.64
CA SER A 189 -51.99 -16.55 -1.72
C SER A 189 -53.02 -17.26 -2.58
N LYS A 190 -52.73 -17.48 -3.85
CA LYS A 190 -53.53 -18.43 -4.63
C LYS A 190 -53.44 -19.86 -4.13
N TYR A 191 -52.44 -20.20 -3.33
CA TYR A 191 -52.22 -21.56 -2.89
C TYR A 191 -52.20 -21.62 -1.40
N GLU A 192 -52.71 -22.72 -0.88
CA GLU A 192 -52.97 -22.93 0.53
C GLU A 192 -52.00 -24.03 0.90
N ILE A 193 -51.37 -23.93 2.05
CA ILE A 193 -50.41 -24.95 2.47
C ILE A 193 -51.13 -26.00 3.30
N LEU A 194 -51.05 -27.26 2.90
CA LEU A 194 -51.65 -28.34 3.65
C LEU A 194 -50.65 -28.90 4.65
N SER A 195 -49.42 -29.12 4.22
CA SER A 195 -48.35 -29.32 5.18
C SER A 195 -46.98 -28.90 4.61
N ALA A 196 -46.05 -28.76 5.54
CA ALA A 196 -44.72 -28.30 5.23
C ALA A 196 -43.74 -28.79 6.25
N THR A 197 -42.83 -29.66 5.83
CA THR A 197 -41.83 -30.17 6.73
C THR A 197 -40.42 -29.93 6.21
N GLN A 198 -39.46 -30.06 7.12
CA GLN A 198 -38.07 -29.91 6.82
C GLN A 198 -37.30 -30.97 7.58
N THR A 199 -36.60 -31.84 6.84
CA THR A 199 -36.07 -33.04 7.42
C THR A 199 -34.62 -33.30 7.00
N ARG A 200 -33.77 -33.53 7.96
CA ARG A 200 -32.38 -33.91 7.68
C ARG A 200 -32.31 -35.27 7.05
N GLN A 201 -31.52 -35.42 5.99
CA GLN A 201 -31.21 -36.69 5.36
C GLN A 201 -29.71 -36.82 5.15
N VAL A 202 -29.24 -38.05 5.21
CA VAL A 202 -27.83 -38.39 5.08
C VAL A 202 -27.71 -39.23 3.84
N GLN A 203 -26.82 -38.81 2.99
CA GLN A 203 -26.58 -39.47 1.67
C GLN A 203 -25.21 -40.13 1.70
N HIS A 204 -25.17 -41.40 1.28
CA HIS A 204 -23.93 -42.17 1.28
C HIS A 204 -23.61 -42.57 -0.16
N TYR A 205 -22.34 -42.43 -0.51
CA TYR A 205 -21.84 -42.79 -1.82
C TYR A 205 -20.89 -43.96 -1.65
N SER A 206 -20.95 -44.95 -2.53
CA SER A 206 -20.19 -46.23 -2.30
C SER A 206 -18.66 -46.07 -2.49
N CYS A 207 -18.27 -45.11 -3.32
CA CYS A 207 -16.87 -44.72 -3.54
C CYS A 207 -16.09 -44.25 -2.29
N CYS A 208 -16.79 -43.72 -1.27
CA CYS A 208 -16.32 -42.65 -0.40
C CYS A 208 -16.83 -42.82 1.03
N PRO A 209 -15.97 -42.68 2.04
CA PRO A 209 -16.48 -42.86 3.41
C PRO A 209 -17.41 -41.72 3.93
N GLU A 210 -17.30 -40.52 3.36
CA GLU A 210 -17.92 -39.32 3.98
C GLU A 210 -19.42 -39.31 3.69
N PRO A 211 -20.24 -39.03 4.69
CA PRO A 211 -21.64 -38.73 4.39
C PRO A 211 -21.82 -37.31 3.84
N TYR A 212 -22.86 -37.09 3.06
CA TYR A 212 -23.27 -35.76 2.52
C TYR A 212 -24.69 -35.47 3.03
N ILE A 213 -24.95 -34.30 3.58
CA ILE A 213 -26.17 -34.01 4.34
C ILE A 213 -27.03 -33.07 3.54
N ASP A 214 -28.35 -33.21 3.62
CA ASP A 214 -29.27 -32.24 3.07
C ASP A 214 -30.43 -32.09 4.00
N VAL A 215 -31.17 -30.99 3.84
CA VAL A 215 -32.43 -30.80 4.49
C VAL A 215 -33.47 -30.75 3.39
N ASN A 216 -34.46 -31.64 3.47
CA ASN A 216 -35.47 -31.83 2.45
C ASN A 216 -36.70 -31.06 2.86
N LEU A 217 -37.08 -30.09 2.05
CA LEU A 217 -38.24 -29.27 2.31
C LEU A 217 -39.37 -29.85 1.49
N VAL A 218 -40.43 -30.30 2.16
CA VAL A 218 -41.53 -31.03 1.51
C VAL A 218 -42.75 -30.23 1.76
N VAL A 219 -43.42 -29.80 0.70
CA VAL A 219 -44.56 -28.96 0.82
C VAL A 219 -45.75 -29.54 0.05
N LYS A 220 -46.87 -29.70 0.75
CA LYS A 220 -48.13 -30.15 0.15
C LYS A 220 -49.03 -28.93 0.13
N PHE A 221 -49.57 -28.63 -1.04
CA PHE A 221 -50.37 -27.45 -1.22
C PHE A 221 -51.47 -27.64 -2.29
N ARG A 222 -52.41 -26.73 -2.33
CA ARG A 222 -53.47 -26.76 -3.37
C ARG A 222 -54.00 -25.35 -3.62
N GLU A 223 -54.77 -25.20 -4.69
CA GLU A 223 -55.45 -23.92 -4.96
C GLU A 223 -56.39 -23.55 -3.80
N ARG A 224 -56.35 -22.31 -3.37
CA ARG A 224 -57.26 -21.80 -2.33
C ARG A 224 -58.72 -21.88 -2.83
N ARG A 225 -59.61 -22.30 -1.94
CA ARG A 225 -61.06 -22.32 -2.17
C ARG A 225 -61.50 -20.95 -2.69
N GLN B 20 -7.55 -24.21 11.41
CA GLN B 20 -7.72 -23.01 10.62
C GLN B 20 -6.33 -22.56 10.20
N ALA B 21 -5.41 -22.46 11.19
CA ALA B 21 -4.11 -21.85 10.96
C ALA B 21 -3.32 -22.54 9.86
N ASN B 22 -3.30 -23.86 9.86
CA ASN B 22 -2.58 -24.57 8.83
C ASN B 22 -3.19 -24.34 7.44
N LEU B 23 -4.50 -24.33 7.38
CA LEU B 23 -5.16 -24.09 6.13
C LEU B 23 -4.92 -22.65 5.64
N MET B 24 -4.99 -21.67 6.53
CA MET B 24 -4.74 -20.26 6.13
C MET B 24 -3.35 -20.11 5.55
N ARG B 25 -2.43 -20.81 6.15
CA ARG B 25 -1.03 -20.83 5.76
C ARG B 25 -0.86 -21.50 4.39
N LEU B 26 -1.51 -22.65 4.17
CA LEU B 26 -1.48 -23.30 2.89
C LEU B 26 -2.05 -22.39 1.80
N LYS B 27 -3.19 -21.76 2.05
CA LYS B 27 -3.83 -20.93 1.02
C LYS B 27 -2.91 -19.74 0.68
N SER B 28 -2.33 -19.20 1.71
CA SER B 28 -1.40 -18.11 1.55
C SER B 28 -0.14 -18.54 0.77
N ASP B 29 0.42 -19.70 1.06
CA ASP B 29 1.54 -20.20 0.25
C ASP B 29 1.18 -20.50 -1.20
N LEU B 30 0.02 -21.08 -1.45
CA LEU B 30 -0.37 -21.39 -2.82
C LEU B 30 -0.80 -20.18 -3.63
N PHE B 31 -1.45 -19.20 -3.02
CA PHE B 31 -2.09 -18.10 -3.78
C PHE B 31 -1.42 -16.71 -3.66
N ASN B 32 -0.87 -16.36 -2.49
CA ASN B 32 -0.26 -15.03 -2.27
C ASN B 32 1.22 -14.99 -2.52
N ARG B 33 1.89 -16.11 -2.75
CA ARG B 33 3.36 -16.14 -2.89
C ARG B 33 3.88 -16.26 -4.33
N SER B 34 3.00 -16.40 -5.32
CA SER B 34 3.43 -16.39 -6.75
C SER B 34 2.26 -15.96 -7.59
N PRO B 35 2.50 -15.64 -8.88
CA PRO B 35 1.36 -15.09 -9.67
C PRO B 35 0.44 -16.23 -10.03
N MET B 36 -0.74 -15.92 -10.53
CA MET B 36 -1.68 -16.96 -10.90
C MET B 36 -1.08 -17.80 -12.07
N TYR B 37 -1.40 -19.09 -12.08
CA TYR B 37 -1.18 -19.92 -13.25
C TYR B 37 -1.76 -19.15 -14.48
N PRO B 38 -0.93 -18.91 -15.51
CA PRO B 38 -1.33 -18.13 -16.69
C PRO B 38 -2.07 -18.97 -17.75
N GLY B 39 -2.45 -20.20 -17.41
CA GLY B 39 -3.15 -21.09 -18.34
C GLY B 39 -2.16 -21.97 -19.12
N PRO B 40 -2.65 -22.99 -19.78
CA PRO B 40 -1.82 -23.90 -20.53
C PRO B 40 -1.27 -23.31 -21.84
N THR B 41 -0.20 -23.92 -22.33
CA THR B 41 0.42 -23.61 -23.64
C THR B 41 0.72 -24.94 -24.39
N LYS B 42 1.15 -24.82 -25.65
CA LYS B 42 1.65 -25.96 -26.47
C LYS B 42 2.68 -26.78 -25.68
N ASP B 43 3.61 -26.11 -25.02
CA ASP B 43 4.66 -26.75 -24.25
C ASP B 43 4.20 -27.32 -22.92
N ASP B 44 3.14 -26.76 -22.30
CA ASP B 44 2.65 -27.27 -21.01
C ASP B 44 1.15 -27.45 -21.09
N PRO B 45 0.70 -28.40 -21.91
CA PRO B 45 -0.72 -28.60 -22.09
C PRO B 45 -1.37 -29.22 -20.89
N LEU B 46 -2.68 -29.25 -20.95
CA LEU B 46 -3.50 -29.68 -19.83
C LEU B 46 -4.64 -30.49 -20.33
N THR B 47 -5.03 -31.47 -19.56
CA THR B 47 -6.18 -32.27 -19.86
C THR B 47 -7.27 -31.95 -18.85
N VAL B 48 -8.47 -31.67 -19.38
CA VAL B 48 -9.63 -31.45 -18.56
C VAL B 48 -10.64 -32.54 -18.82
N THR B 49 -11.10 -33.19 -17.76
CA THR B 49 -12.08 -34.20 -17.86
C THR B 49 -13.46 -33.61 -17.50
N LEU B 50 -14.45 -33.83 -18.37
CA LEU B 50 -15.82 -33.43 -18.15
C LEU B 50 -16.75 -34.60 -18.01
N GLY B 51 -17.75 -34.47 -17.14
CA GLY B 51 -18.93 -35.29 -17.17
C GLY B 51 -20.17 -34.43 -16.87
N PHE B 52 -21.29 -34.75 -17.49
CA PHE B 52 -22.57 -34.10 -17.28
C PHE B 52 -23.53 -34.91 -16.43
N PHE B 53 -24.37 -34.19 -15.70
CA PHE B 53 -25.35 -34.73 -14.77
C PHE B 53 -26.61 -33.96 -15.08
N LEU B 54 -27.45 -34.53 -15.94
CA LEU B 54 -28.68 -33.90 -16.36
C LEU B 54 -29.69 -33.96 -15.24
N GLN B 55 -30.33 -32.82 -15.00
CA GLN B 55 -31.34 -32.69 -13.98
C GLN B 55 -32.73 -32.46 -14.54
N ASP B 56 -32.85 -31.73 -15.65
CA ASP B 56 -34.19 -31.41 -16.14
C ASP B 56 -34.13 -30.76 -17.47
N ILE B 57 -34.99 -31.22 -18.39
CA ILE B 57 -35.32 -30.43 -19.58
C ILE B 57 -36.54 -29.67 -19.17
N VAL B 58 -36.39 -28.36 -19.04
CA VAL B 58 -37.38 -27.54 -18.40
C VAL B 58 -38.38 -27.14 -19.42
N LYS B 59 -37.92 -26.69 -20.58
CA LYS B 59 -38.81 -26.39 -21.65
C LYS B 59 -38.22 -26.37 -23.02
N VAL B 60 -39.12 -26.29 -23.97
CA VAL B 60 -38.92 -26.40 -25.37
C VAL B 60 -39.63 -25.19 -25.95
N ASP B 61 -39.05 -24.54 -26.95
CA ASP B 61 -39.73 -23.43 -27.62
C ASP B 61 -39.67 -23.69 -29.10
N SER B 62 -40.82 -24.14 -29.64
CA SER B 62 -40.87 -24.55 -31.06
C SER B 62 -41.04 -23.38 -31.98
N SER B 63 -41.34 -22.20 -31.45
CA SER B 63 -41.36 -21.02 -32.30
C SER B 63 -39.96 -20.39 -32.49
N THR B 64 -38.99 -20.70 -31.61
CA THR B 64 -37.61 -20.17 -31.72
C THR B 64 -36.54 -21.24 -31.88
N ASN B 65 -36.89 -22.51 -31.73
CA ASN B 65 -35.92 -23.60 -31.73
C ASN B 65 -34.84 -23.44 -30.67
N GLU B 66 -35.32 -23.25 -29.44
CA GLU B 66 -34.51 -23.18 -28.27
C GLU B 66 -35.02 -24.21 -27.29
N VAL B 67 -34.10 -24.92 -26.65
CA VAL B 67 -34.45 -25.81 -25.57
C VAL B 67 -33.64 -25.42 -24.31
N ASP B 68 -34.28 -25.55 -23.15
CA ASP B 68 -33.70 -25.19 -21.86
C ASP B 68 -33.42 -26.41 -20.99
N LEU B 69 -32.15 -26.55 -20.56
CA LEU B 69 -31.67 -27.62 -19.75
C LEU B 69 -31.09 -27.14 -18.44
N VAL B 70 -31.32 -27.92 -17.39
CA VAL B 70 -30.67 -27.69 -16.14
C VAL B 70 -29.82 -28.90 -15.89
N TYR B 71 -28.56 -28.68 -15.54
CA TYR B 71 -27.62 -29.73 -15.31
C TYR B 71 -26.47 -29.23 -14.46
N TYR B 72 -25.65 -30.14 -13.95
CA TYR B 72 -24.33 -29.78 -13.52
C TYR B 72 -23.29 -30.58 -14.24
N GLU B 73 -22.06 -30.14 -14.08
CA GLU B 73 -20.97 -30.48 -14.95
C GLU B 73 -19.78 -30.68 -14.03
N ARG B 74 -19.18 -31.85 -13.99
CA ARG B 74 -17.97 -32.07 -13.21
C ARG B 74 -16.79 -31.78 -14.13
N GLN B 75 -15.89 -30.88 -13.71
CA GLN B 75 -14.66 -30.58 -14.42
C GLN B 75 -13.51 -30.95 -13.54
N ARG B 76 -12.48 -31.56 -14.13
CA ARG B 76 -11.34 -32.03 -13.35
C ARG B 76 -10.05 -31.79 -14.15
N TRP B 77 -9.05 -31.25 -13.48
CA TRP B 77 -7.73 -31.07 -14.08
C TRP B 77 -6.70 -31.06 -12.95
N LYS B 78 -5.43 -30.91 -13.32
CA LYS B 78 -4.36 -31.03 -12.36
C LYS B 78 -3.22 -30.08 -12.69
N LEU B 79 -2.76 -29.35 -11.69
CA LEU B 79 -1.65 -28.38 -11.82
C LEU B 79 -0.54 -28.68 -10.85
N ASN B 80 0.68 -28.74 -11.35
CA ASN B 80 1.85 -28.82 -10.47
C ASN B 80 1.92 -27.71 -9.44
N SER B 81 1.54 -26.50 -9.83
CA SER B 81 1.58 -25.34 -8.94
C SER B 81 0.57 -25.40 -7.78
N LEU B 82 -0.36 -26.35 -7.78
CA LEU B 82 -1.30 -26.53 -6.68
C LEU B 82 -0.94 -27.71 -5.78
N MET B 83 0.22 -28.30 -5.99
CA MET B 83 0.67 -29.43 -5.15
C MET B 83 1.20 -28.94 -3.81
N TRP B 84 0.97 -29.74 -2.79
CA TRP B 84 1.70 -29.62 -1.55
C TRP B 84 1.87 -31.00 -0.90
N ASP B 85 2.79 -31.04 0.04
CA ASP B 85 2.99 -32.17 0.90
C ASP B 85 2.13 -32.01 2.16
N PRO B 86 1.17 -32.92 2.37
CA PRO B 86 0.38 -32.77 3.60
C PRO B 86 1.13 -32.74 4.93
N ASN B 87 2.32 -33.35 5.01
CA ASN B 87 3.09 -33.35 6.28
C ASN B 87 3.54 -31.96 6.68
N GLU B 88 3.73 -31.08 5.69
CA GLU B 88 4.08 -29.71 5.95
C GLU B 88 2.91 -28.82 6.38
N TYR B 89 1.67 -29.33 6.33
CA TYR B 89 0.48 -28.50 6.59
C TYR B 89 -0.56 -29.24 7.40
N GLY B 90 -0.07 -29.87 8.47
CA GLY B 90 -0.96 -30.47 9.48
C GLY B 90 -1.80 -31.58 8.95
N ASN B 91 -1.29 -32.27 7.93
CA ASN B 91 -1.96 -33.40 7.30
C ASN B 91 -3.21 -33.05 6.48
N ILE B 92 -3.33 -31.78 6.06
CA ILE B 92 -4.38 -31.36 5.15
C ILE B 92 -4.16 -32.02 3.79
N THR B 93 -5.16 -32.73 3.29
CA THR B 93 -5.10 -33.38 1.99
C THR B 93 -5.93 -32.70 0.91
N ASP B 94 -6.87 -31.88 1.32
CA ASP B 94 -7.68 -31.13 0.38
C ASP B 94 -8.37 -29.97 1.08
N PHE B 95 -8.81 -29.00 0.30
CA PHE B 95 -9.57 -27.87 0.81
C PHE B 95 -10.51 -27.32 -0.24
N ARG B 96 -11.48 -26.57 0.23
CA ARG B 96 -12.39 -25.86 -0.62
C ARG B 96 -11.97 -24.42 -0.73
N THR B 97 -12.21 -23.85 -1.91
CA THR B 97 -11.87 -22.49 -2.13
C THR B 97 -12.68 -21.91 -3.27
N SER B 98 -12.85 -20.60 -3.18
CA SER B 98 -13.53 -19.85 -4.21
C SER B 98 -12.86 -20.05 -5.55
N ALA B 99 -13.66 -20.26 -6.58
CA ALA B 99 -13.14 -20.41 -7.96
C ALA B 99 -12.39 -19.18 -8.47
N ALA B 100 -12.67 -18.02 -7.88
CA ALA B 100 -11.92 -16.82 -8.23
C ALA B 100 -10.44 -16.90 -7.80
N ASP B 101 -10.10 -17.77 -6.85
CA ASP B 101 -8.71 -17.90 -6.40
C ASP B 101 -7.80 -18.68 -7.35
N ILE B 102 -8.39 -19.39 -8.33
CA ILE B 102 -7.67 -20.27 -9.19
C ILE B 102 -8.03 -20.07 -10.64
N TRP B 103 -7.16 -20.53 -11.50
CA TRP B 103 -7.46 -20.59 -12.92
C TRP B 103 -8.53 -21.70 -13.09
N THR B 104 -9.46 -21.43 -14.00
CA THR B 104 -10.43 -22.46 -14.41
C THR B 104 -10.54 -22.44 -15.94
N PRO B 105 -10.88 -23.59 -16.52
CA PRO B 105 -10.96 -23.61 -17.96
C PRO B 105 -12.19 -22.93 -18.52
N ASP B 106 -12.04 -22.36 -19.71
CA ASP B 106 -13.08 -21.60 -20.37
C ASP B 106 -14.02 -22.48 -21.25
N ILE B 107 -14.55 -23.53 -20.63
CA ILE B 107 -15.43 -24.45 -21.31
C ILE B 107 -16.73 -23.74 -21.63
N THR B 108 -17.17 -23.78 -22.88
CA THR B 108 -18.30 -22.99 -23.34
C THR B 108 -19.23 -23.90 -24.16
N ALA B 109 -20.53 -23.72 -23.99
CA ALA B 109 -21.51 -24.34 -24.84
C ALA B 109 -21.53 -23.55 -26.15
N ALA B 110 -21.20 -24.23 -27.24
CA ALA B 110 -21.02 -23.57 -28.53
C ALA B 110 -22.29 -23.10 -29.20
N SER B 111 -23.44 -23.61 -28.80
CA SER B 111 -24.70 -23.25 -29.46
C SER B 111 -25.73 -22.68 -28.47
N SER B 112 -25.27 -22.10 -27.39
CA SER B 112 -26.15 -21.36 -26.48
C SER B 112 -26.77 -20.17 -27.18
N THR B 113 -27.98 -19.79 -26.75
CA THR B 113 -28.66 -18.62 -27.24
C THR B 113 -28.91 -17.56 -26.19
N ARG B 114 -28.44 -17.80 -24.96
CA ARG B 114 -28.54 -16.85 -23.83
C ARG B 114 -27.34 -17.08 -22.96
N PRO B 115 -26.95 -16.08 -22.17
CA PRO B 115 -25.89 -16.40 -21.19
C PRO B 115 -26.34 -17.50 -20.27
N VAL B 116 -25.42 -18.40 -19.98
CA VAL B 116 -25.65 -19.48 -19.05
C VAL B 116 -25.93 -18.90 -17.68
N GLN B 117 -26.95 -19.39 -17.03
CA GLN B 117 -27.27 -19.01 -15.66
C GLN B 117 -26.69 -19.98 -14.65
N VAL B 118 -25.89 -19.45 -13.74
CA VAL B 118 -25.21 -20.23 -12.74
C VAL B 118 -26.16 -20.49 -11.58
N LEU B 119 -26.32 -21.75 -11.19
CA LEU B 119 -27.23 -22.15 -10.12
C LEU B 119 -26.51 -22.63 -8.89
N SER B 120 -25.18 -22.69 -8.92
CA SER B 120 -24.45 -23.20 -7.77
C SER B 120 -23.34 -22.23 -7.36
N PRO B 121 -22.88 -22.30 -6.11
CA PRO B 121 -21.78 -21.49 -5.64
C PRO B 121 -20.51 -21.85 -6.42
N GLN B 122 -19.72 -20.84 -6.70
CA GLN B 122 -18.53 -20.94 -7.51
C GLN B 122 -17.36 -21.35 -6.58
N ILE B 123 -17.32 -22.61 -6.21
CA ILE B 123 -16.34 -23.08 -5.26
C ILE B 123 -15.74 -24.37 -5.76
N ALA B 124 -14.44 -24.52 -5.61
CA ALA B 124 -13.77 -25.74 -6.06
C ALA B 124 -13.09 -26.46 -4.94
N VAL B 125 -12.80 -27.75 -5.20
CA VAL B 125 -12.06 -28.58 -4.25
C VAL B 125 -10.68 -28.79 -4.86
N VAL B 126 -9.67 -28.47 -4.09
CA VAL B 126 -8.31 -28.65 -4.50
C VAL B 126 -7.68 -29.71 -3.60
N THR B 127 -6.94 -30.63 -4.20
CA THR B 127 -6.36 -31.78 -3.51
C THR B 127 -4.83 -31.66 -3.62
N HIS B 128 -4.13 -32.25 -2.64
CA HIS B 128 -2.68 -32.11 -2.46
C HIS B 128 -1.81 -32.57 -3.62
N ASP B 129 -2.35 -33.41 -4.49
CA ASP B 129 -1.66 -33.76 -5.74
C ASP B 129 -1.84 -32.74 -6.85
N GLY B 130 -2.49 -31.61 -6.54
CA GLY B 130 -2.65 -30.54 -7.50
C GLY B 130 -3.91 -30.68 -8.34
N SER B 131 -4.75 -31.64 -8.00
CA SER B 131 -5.95 -31.84 -8.79
C SER B 131 -7.08 -30.97 -8.25
N VAL B 132 -7.92 -30.51 -9.17
CA VAL B 132 -8.97 -29.61 -8.88
C VAL B 132 -10.23 -30.22 -9.42
N MET B 133 -11.31 -30.04 -8.67
CA MET B 133 -12.61 -30.54 -9.04
C MET B 133 -13.61 -29.39 -8.91
N PHE B 134 -14.33 -29.08 -9.98
CA PHE B 134 -15.22 -27.93 -10.01
C PHE B 134 -16.49 -28.37 -10.68
N SER B 135 -17.63 -28.16 -10.01
CA SER B 135 -18.90 -28.73 -10.43
C SER B 135 -20.03 -27.72 -10.57
N PRO B 136 -19.90 -26.82 -11.53
CA PRO B 136 -20.96 -25.84 -11.66
C PRO B 136 -22.26 -26.39 -12.21
N ALA B 137 -23.34 -25.95 -11.60
CA ALA B 137 -24.68 -26.15 -12.07
C ALA B 137 -25.18 -24.95 -12.87
N GLN B 138 -25.96 -25.21 -13.91
CA GLN B 138 -26.19 -24.28 -14.95
C GLN B 138 -27.60 -24.50 -15.51
N ARG B 139 -28.23 -23.41 -15.91
CA ARG B 139 -29.31 -23.45 -16.83
C ARG B 139 -28.86 -22.90 -18.15
N LEU B 140 -29.09 -23.66 -19.21
CA LEU B 140 -28.64 -23.35 -20.55
C LEU B 140 -29.83 -23.35 -21.51
N SER B 141 -29.93 -22.29 -22.32
CA SER B 141 -30.76 -22.26 -23.49
C SER B 141 -29.87 -22.51 -24.69
N PHE B 142 -30.25 -23.45 -25.55
CA PHE B 142 -29.44 -23.76 -26.74
C PHE B 142 -30.27 -24.10 -27.98
N MET B 143 -29.63 -24.05 -29.14
CA MET B 143 -30.28 -24.26 -30.43
C MET B 143 -30.70 -25.71 -30.62
N CYS B 144 -32.01 -25.90 -30.73
CA CYS B 144 -32.57 -27.24 -30.89
C CYS B 144 -33.94 -27.13 -31.49
N ASP B 145 -34.19 -27.82 -32.62
CA ASP B 145 -35.51 -27.95 -33.21
C ASP B 145 -36.21 -29.07 -32.51
N PRO B 146 -37.24 -28.74 -31.72
CA PRO B 146 -37.93 -29.76 -30.95
C PRO B 146 -39.09 -30.47 -31.69
N THR B 147 -39.29 -30.17 -32.97
CA THR B 147 -40.29 -30.86 -33.79
C THR B 147 -40.14 -32.40 -33.64
N GLY B 148 -41.26 -33.02 -33.26
CA GLY B 148 -41.30 -34.46 -33.02
C GLY B 148 -41.27 -34.86 -31.58
N VAL B 149 -41.21 -33.89 -30.67
CA VAL B 149 -41.02 -34.18 -29.26
C VAL B 149 -42.27 -34.86 -28.67
N ASP B 150 -43.44 -34.49 -29.20
CA ASP B 150 -44.77 -35.06 -28.79
C ASP B 150 -45.07 -36.47 -29.34
N SER B 151 -44.22 -36.96 -30.24
CA SER B 151 -44.29 -38.31 -30.75
C SER B 151 -43.63 -39.31 -29.79
N GLU B 152 -43.62 -40.56 -30.20
CA GLU B 152 -43.04 -41.66 -29.43
C GLU B 152 -41.55 -41.86 -29.75
N GLU B 153 -41.12 -41.53 -30.98
CA GLU B 153 -39.70 -41.60 -31.39
C GLU B 153 -38.91 -40.47 -30.71
N GLY B 154 -39.62 -39.39 -30.36
CA GLY B 154 -39.09 -38.25 -29.68
C GLY B 154 -38.24 -37.38 -30.62
N VAL B 155 -37.32 -36.61 -30.01
CA VAL B 155 -36.43 -35.75 -30.78
C VAL B 155 -35.02 -35.79 -30.20
N THR B 156 -34.04 -35.57 -31.05
CA THR B 156 -32.67 -35.54 -30.63
C THR B 156 -32.14 -34.10 -30.71
N CYS B 157 -31.44 -33.67 -29.67
CA CYS B 157 -30.68 -32.41 -29.69
C CYS B 157 -29.27 -32.65 -29.24
N ALA B 158 -28.37 -31.79 -29.74
CA ALA B 158 -27.00 -31.86 -29.39
C ALA B 158 -26.39 -30.50 -29.09
N VAL B 159 -25.45 -30.48 -28.15
CA VAL B 159 -24.69 -29.25 -27.93
C VAL B 159 -23.27 -29.63 -27.58
N LYS B 160 -22.34 -28.97 -28.27
CA LYS B 160 -20.92 -29.11 -28.04
C LYS B 160 -20.43 -28.20 -26.95
N PHE B 161 -19.56 -28.74 -26.13
CA PHE B 161 -18.84 -28.03 -25.12
C PHE B 161 -17.37 -28.04 -25.48
N GLU B 162 -16.76 -26.85 -25.54
CA GLU B 162 -15.35 -26.74 -25.91
C GLU B 162 -14.72 -25.54 -25.23
N SER B 163 -13.39 -25.55 -25.20
CA SER B 163 -12.64 -24.34 -24.89
C SER B 163 -12.92 -23.30 -25.97
N TRP B 164 -13.24 -22.09 -25.56
CA TRP B 164 -13.48 -21.02 -26.53
C TRP B 164 -12.20 -20.58 -27.22
N VAL B 165 -11.08 -20.55 -26.51
CA VAL B 165 -9.86 -19.98 -27.07
C VAL B 165 -8.66 -20.89 -27.14
N TYR B 166 -8.71 -22.03 -26.48
CA TYR B 166 -7.60 -22.96 -26.52
C TYR B 166 -7.89 -24.15 -27.48
N SER B 167 -6.90 -24.47 -28.28
CA SER B 167 -6.92 -25.59 -29.24
C SER B 167 -6.59 -26.83 -28.47
N GLY B 168 -6.65 -27.97 -29.15
CA GLY B 168 -6.26 -29.26 -28.58
C GLY B 168 -4.78 -29.41 -28.27
N PHE B 169 -3.95 -28.51 -28.79
CA PHE B 169 -2.57 -28.47 -28.39
C PHE B 169 -2.38 -27.94 -26.98
N GLU B 170 -3.34 -27.14 -26.50
CA GLU B 170 -3.24 -26.52 -25.17
C GLU B 170 -4.18 -27.17 -24.16
N ILE B 171 -5.41 -27.43 -24.58
CA ILE B 171 -6.36 -28.14 -23.73
C ILE B 171 -6.91 -29.32 -24.49
N ASP B 172 -6.70 -30.49 -23.93
CA ASP B 172 -7.35 -31.70 -24.36
C ASP B 172 -8.52 -32.00 -23.44
N LEU B 173 -9.68 -32.29 -24.00
CA LEU B 173 -10.83 -32.71 -23.19
C LEU B 173 -11.02 -34.16 -23.22
N LYS B 174 -11.49 -34.74 -22.14
CA LYS B 174 -11.95 -36.11 -22.17
C LYS B 174 -13.11 -36.36 -21.24
N THR B 175 -13.74 -37.52 -21.38
CA THR B 175 -14.83 -37.96 -20.51
C THR B 175 -14.36 -39.18 -19.74
N ASP B 176 -14.93 -39.49 -18.60
CA ASP B 176 -14.63 -40.75 -17.87
C ASP B 176 -15.53 -41.85 -18.41
N THR B 177 -16.72 -41.47 -18.88
CA THR B 177 -17.70 -42.38 -19.41
C THR B 177 -18.42 -41.67 -20.54
N ASP B 178 -19.03 -42.44 -21.44
CA ASP B 178 -19.85 -41.88 -22.50
C ASP B 178 -21.31 -41.72 -22.12
N GLN B 179 -21.71 -42.25 -21.00
CA GLN B 179 -23.07 -42.15 -20.53
C GLN B 179 -23.19 -40.95 -19.59
N VAL B 180 -24.11 -40.06 -19.93
CA VAL B 180 -24.50 -39.01 -19.05
C VAL B 180 -25.19 -39.58 -17.84
N ASP B 181 -24.85 -39.08 -16.67
CA ASP B 181 -25.44 -39.51 -15.42
C ASP B 181 -26.85 -38.89 -15.29
N LEU B 182 -27.83 -39.79 -15.09
CA LEU B 182 -29.20 -39.45 -14.97
C LEU B 182 -29.76 -39.69 -13.60
N SER B 183 -28.93 -39.92 -12.60
CA SER B 183 -29.47 -40.18 -11.29
C SER B 183 -30.05 -38.99 -10.54
N SER B 184 -29.81 -37.75 -11.00
CA SER B 184 -30.53 -36.58 -10.46
C SER B 184 -31.59 -36.10 -11.44
N TYR B 185 -31.90 -36.83 -12.50
CA TYR B 185 -32.92 -36.36 -13.45
C TYR B 185 -34.25 -36.34 -12.73
N TYR B 186 -34.97 -35.23 -12.89
CA TYR B 186 -36.25 -35.02 -12.25
C TYR B 186 -37.28 -35.99 -12.79
N ALA B 187 -37.76 -36.88 -11.94
CA ALA B 187 -38.68 -37.97 -12.40
C ALA B 187 -39.96 -37.41 -12.96
N SER B 188 -40.45 -36.24 -12.47
CA SER B 188 -41.69 -35.68 -13.04
C SER B 188 -41.46 -34.53 -14.01
N SER B 189 -40.30 -34.47 -14.65
CA SER B 189 -40.09 -33.51 -15.71
C SER B 189 -41.21 -33.66 -16.72
N LYS B 190 -41.55 -32.61 -17.46
CA LYS B 190 -42.37 -32.77 -18.66
C LYS B 190 -41.75 -33.65 -19.74
N TYR B 191 -40.43 -33.86 -19.70
CA TYR B 191 -39.76 -34.59 -20.76
C TYR B 191 -39.02 -35.75 -20.15
N GLU B 192 -39.00 -36.83 -20.93
CA GLU B 192 -38.51 -38.12 -20.51
C GLU B 192 -37.26 -38.31 -21.35
N ILE B 193 -36.21 -38.84 -20.73
CA ILE B 193 -34.96 -39.03 -21.48
C ILE B 193 -34.92 -40.40 -22.10
N LEU B 194 -34.72 -40.47 -23.39
CA LEU B 194 -34.58 -41.76 -24.09
C LEU B 194 -33.13 -42.19 -24.12
N SER B 195 -32.25 -41.26 -24.46
CA SER B 195 -30.83 -41.46 -24.18
C SER B 195 -30.09 -40.14 -24.00
N ALA B 196 -28.93 -40.27 -23.37
CA ALA B 196 -28.07 -39.11 -23.13
C ALA B 196 -26.63 -39.54 -23.11
N THR B 197 -25.88 -39.05 -24.11
CA THR B 197 -24.47 -39.41 -24.17
C THR B 197 -23.59 -38.17 -24.19
N GLN B 198 -22.32 -38.39 -23.91
CA GLN B 198 -21.32 -37.35 -23.93
C GLN B 198 -20.07 -37.92 -24.55
N THR B 199 -19.67 -37.37 -25.68
CA THR B 199 -18.69 -37.99 -26.53
C THR B 199 -17.60 -37.00 -26.94
N ARG B 200 -16.34 -37.40 -26.69
CA ARG B 200 -15.23 -36.58 -27.15
C ARG B 200 -15.17 -36.64 -28.67
N GLN B 201 -14.98 -35.49 -29.32
CA GLN B 201 -14.77 -35.38 -30.73
C GLN B 201 -13.56 -34.49 -30.99
N VAL B 202 -12.90 -34.81 -32.10
CA VAL B 202 -11.75 -34.07 -32.56
C VAL B 202 -12.13 -33.50 -33.87
N GLN B 203 -12.03 -32.18 -33.99
CA GLN B 203 -12.45 -31.43 -35.16
C GLN B 203 -11.19 -30.87 -35.84
N HIS B 204 -11.14 -31.08 -37.17
CA HIS B 204 -10.06 -30.56 -37.96
C HIS B 204 -10.62 -29.62 -39.00
N TYR B 205 -9.92 -28.50 -39.21
CA TYR B 205 -10.32 -27.51 -40.18
C TYR B 205 -9.19 -27.45 -41.21
N SER B 206 -9.53 -27.19 -42.46
CA SER B 206 -8.57 -27.17 -43.57
C SER B 206 -7.57 -26.01 -43.52
N CYS B 207 -7.95 -24.90 -42.91
CA CYS B 207 -7.04 -23.75 -42.68
C CYS B 207 -5.78 -24.05 -41.80
N CYS B 208 -5.87 -25.04 -40.94
CA CYS B 208 -5.17 -25.01 -39.63
C CYS B 208 -4.68 -26.40 -39.22
N PRO B 209 -3.42 -26.51 -38.80
CA PRO B 209 -2.97 -27.85 -38.34
C PRO B 209 -3.53 -28.32 -36.99
N GLU B 210 -3.97 -27.40 -36.13
CA GLU B 210 -4.25 -27.71 -34.71
C GLU B 210 -5.65 -28.40 -34.68
N PRO B 211 -5.75 -29.49 -33.90
CA PRO B 211 -7.06 -30.05 -33.66
C PRO B 211 -7.84 -29.18 -32.61
N TYR B 212 -9.17 -29.23 -32.69
CA TYR B 212 -10.06 -28.59 -31.72
C TYR B 212 -10.91 -29.67 -31.12
N ILE B 213 -10.95 -29.72 -29.77
CA ILE B 213 -11.60 -30.81 -29.07
C ILE B 213 -12.92 -30.29 -28.50
N ASP B 214 -13.94 -31.13 -28.54
CA ASP B 214 -15.19 -30.82 -27.91
C ASP B 214 -15.74 -32.06 -27.30
N VAL B 215 -16.69 -31.89 -26.39
CA VAL B 215 -17.49 -32.99 -25.86
C VAL B 215 -18.91 -32.67 -26.31
N ASN B 216 -19.50 -33.62 -27.05
CA ASN B 216 -20.80 -33.47 -27.66
C ASN B 216 -21.81 -34.11 -26.75
N LEU B 217 -22.75 -33.31 -26.25
CA LEU B 217 -23.79 -33.79 -25.39
C LEU B 217 -25.00 -34.01 -26.27
N VAL B 218 -25.47 -35.27 -26.33
CA VAL B 218 -26.55 -35.63 -27.27
C VAL B 218 -27.64 -36.16 -26.42
N VAL B 219 -28.81 -35.56 -26.55
CA VAL B 219 -29.93 -35.98 -25.75
C VAL B 219 -31.14 -36.27 -26.65
N LYS B 220 -31.68 -37.48 -26.46
CA LYS B 220 -32.92 -37.88 -27.16
C LYS B 220 -33.98 -37.90 -26.11
N PHE B 221 -35.10 -37.21 -26.37
CA PHE B 221 -36.14 -37.11 -25.37
C PHE B 221 -37.52 -36.92 -25.99
N ARG B 222 -38.57 -37.04 -25.16
CA ARG B 222 -39.95 -36.77 -25.64
C ARG B 222 -40.82 -36.35 -24.48
N GLU B 223 -42.02 -35.85 -24.81
CA GLU B 223 -43.00 -35.51 -23.76
C GLU B 223 -43.36 -36.75 -22.93
N ARG B 224 -43.37 -36.63 -21.61
CA ARG B 224 -43.77 -37.71 -20.73
C ARG B 224 -45.26 -37.96 -20.84
N ARG B 225 -45.72 -39.12 -20.31
CA ARG B 225 -47.17 -39.31 -20.01
C ARG B 225 -47.51 -39.70 -18.55
N ALA B 226 -48.31 -38.88 -17.87
CA ALA B 226 -48.78 -39.15 -16.47
C ALA B 226 -49.99 -38.25 -16.09
N ASN B 233 -42.35 -40.04 -2.66
CA ASN B 233 -43.15 -40.68 -1.58
C ASN B 233 -42.33 -41.31 -0.43
N LEU B 234 -41.17 -41.84 -0.81
CA LEU B 234 -40.15 -42.37 0.11
C LEU B 234 -39.11 -41.25 0.37
N PHE B 235 -39.49 -40.26 1.19
CA PHE B 235 -38.59 -39.17 1.63
C PHE B 235 -37.93 -39.69 2.93
N ASP B 236 -36.81 -40.40 2.81
CA ASP B 236 -36.23 -41.19 3.94
C ASP B 236 -34.82 -40.76 4.43
N GLU B 237 -34.62 -40.88 5.72
CA GLU B 237 -33.49 -40.29 6.38
C GLU B 237 -32.10 -40.80 5.94
N ASN B 238 -32.02 -41.93 5.26
CA ASN B 238 -30.77 -42.35 4.58
C ASN B 238 -31.03 -42.61 3.09
N LEU B 239 -30.05 -42.30 2.23
CA LEU B 239 -30.13 -42.45 0.78
C LEU B 239 -28.77 -42.95 0.34
N TYR B 240 -28.71 -43.84 -0.65
CA TYR B 240 -27.47 -44.51 -1.06
C TYR B 240 -27.33 -44.32 -2.57
N PHE B 241 -26.09 -44.11 -3.03
CA PHE B 241 -25.73 -43.65 -4.39
C PHE B 241 -24.40 -44.37 -4.78
N GLN B 242 -23.93 -44.20 -6.01
CA GLN B 242 -22.69 -44.84 -6.45
C GLN B 242 -21.50 -43.88 -6.32
N HIS B 244 -19.53 -39.26 -5.15
CA HIS B 244 -19.92 -37.86 -4.92
C HIS B 244 -19.81 -37.20 -6.24
N HIS B 245 -20.92 -37.23 -6.98
CA HIS B 245 -21.11 -36.59 -8.29
C HIS B 245 -20.50 -35.16 -8.25
N HIS B 246 -21.11 -34.30 -7.40
CA HIS B 246 -20.69 -32.89 -7.19
C HIS B 246 -19.65 -32.92 -6.09
N HIS B 247 -18.50 -33.49 -6.47
CA HIS B 247 -17.20 -33.32 -5.79
C HIS B 247 -16.93 -31.76 -5.81
N GLN C 20 5.37 -22.26 -17.63
CA GLN C 20 4.68 -21.28 -16.90
C GLN C 20 5.59 -20.08 -16.66
N ALA C 21 6.80 -20.32 -16.20
CA ALA C 21 7.67 -19.26 -15.68
C ALA C 21 7.94 -18.15 -16.70
N ASN C 22 8.26 -18.56 -17.92
CA ASN C 22 8.52 -17.59 -18.97
C ASN C 22 7.26 -16.78 -19.30
N LEU C 23 6.13 -17.46 -19.35
CA LEU C 23 4.90 -16.78 -19.63
C LEU C 23 4.51 -15.82 -18.51
N MET C 24 4.68 -16.22 -17.26
CA MET C 24 4.36 -15.36 -16.11
C MET C 24 5.19 -14.08 -16.18
N ARG C 25 6.44 -14.26 -16.55
CA ARG C 25 7.37 -13.19 -16.69
C ARG C 25 6.99 -12.23 -17.85
N LEU C 26 6.62 -12.80 -18.99
CA LEU C 26 6.13 -11.99 -20.09
C LEU C 26 4.90 -11.17 -19.69
N LYS C 27 3.94 -11.82 -19.05
CA LYS C 27 2.69 -11.11 -18.69
C LYS C 27 2.98 -9.98 -17.71
N SER C 28 3.87 -10.27 -16.80
CA SER C 28 4.31 -9.30 -15.83
C SER C 28 5.04 -8.12 -16.51
N ASP C 29 5.93 -8.40 -17.45
CA ASP C 29 6.58 -7.31 -18.20
C ASP C 29 5.62 -6.49 -19.04
N LEU C 30 4.67 -7.13 -19.72
CA LEU C 30 3.72 -6.37 -20.55
C LEU C 30 2.66 -5.61 -19.75
N PHE C 31 2.20 -6.14 -18.62
CA PHE C 31 1.04 -5.57 -17.92
C PHE C 31 1.33 -4.85 -16.57
N ASN C 32 2.28 -5.33 -15.79
CA ASN C 32 2.61 -4.76 -14.47
C ASN C 32 3.71 -3.74 -14.48
N ARG C 33 4.42 -3.54 -15.57
CA ARG C 33 5.57 -2.62 -15.64
C ARG C 33 5.29 -1.31 -16.35
N SER C 34 4.09 -1.09 -16.89
CA SER C 34 3.74 0.23 -17.48
C SER C 34 2.25 0.41 -17.41
N PRO C 35 1.74 1.64 -17.64
CA PRO C 35 0.28 1.83 -17.48
C PRO C 35 -0.42 1.22 -18.65
N MET C 36 -1.74 1.08 -18.56
CA MET C 36 -2.48 0.48 -19.69
C MET C 36 -2.37 1.46 -20.92
N TYR C 37 -2.33 0.88 -22.11
CA TYR C 37 -2.55 1.64 -23.32
C TYR C 37 -3.82 2.52 -23.11
N PRO C 38 -3.70 3.85 -23.27
CA PRO C 38 -4.81 4.77 -23.03
C PRO C 38 -5.75 4.92 -24.24
N GLY C 39 -5.59 4.08 -25.26
CA GLY C 39 -6.42 4.15 -26.46
C GLY C 39 -5.76 5.03 -27.54
N PRO C 40 -6.26 4.94 -28.76
CA PRO C 40 -5.70 5.68 -29.88
C PRO C 40 -6.00 7.16 -29.86
N THR C 41 -5.17 7.91 -30.59
CA THR C 41 -5.37 9.36 -30.83
C THR C 41 -5.18 9.68 -32.33
N LYS C 42 -5.49 10.92 -32.72
CA LYS C 42 -5.18 11.48 -34.06
C LYS C 42 -3.75 11.15 -34.49
N ASP C 43 -2.81 11.36 -33.59
CA ASP C 43 -1.38 11.13 -33.87
C ASP C 43 -0.98 9.66 -33.87
N ASP C 44 -1.70 8.79 -33.12
CA ASP C 44 -1.35 7.36 -33.08
C ASP C 44 -2.61 6.54 -33.32
N PRO C 45 -3.16 6.62 -34.52
CA PRO C 45 -4.41 5.93 -34.81
C PRO C 45 -4.23 4.46 -34.91
N LEU C 46 -5.34 3.76 -35.01
CA LEU C 46 -5.39 2.33 -34.96
C LEU C 46 -6.42 1.82 -35.93
N THR C 47 -6.15 0.70 -36.50
CA THR C 47 -7.06 0.04 -37.38
C THR C 47 -7.53 -1.24 -36.73
N VAL C 48 -8.85 -1.41 -36.67
CA VAL C 48 -9.48 -2.60 -36.16
C VAL C 48 -10.20 -3.31 -37.28
N THR C 49 -9.92 -4.57 -37.44
CA THR C 49 -10.54 -5.39 -38.44
C THR C 49 -11.64 -6.23 -37.80
N LEU C 50 -12.85 -6.18 -38.37
CA LEU C 50 -13.99 -6.98 -37.94
C LEU C 50 -14.42 -7.97 -38.97
N GLY C 51 -14.84 -9.14 -38.51
CA GLY C 51 -15.58 -10.09 -39.31
C GLY C 51 -16.66 -10.74 -38.45
N PHE C 52 -17.84 -10.97 -39.03
CA PHE C 52 -18.97 -11.61 -38.37
C PHE C 52 -19.16 -13.07 -38.79
N PHE C 53 -19.67 -13.86 -37.88
CA PHE C 53 -19.88 -15.30 -38.03
C PHE C 53 -21.27 -15.52 -37.48
N LEU C 54 -22.27 -15.53 -38.37
CA LEU C 54 -23.61 -15.74 -37.98
C LEU C 54 -23.90 -17.13 -37.60
N GLN C 55 -24.59 -17.30 -36.48
CA GLN C 55 -24.95 -18.62 -35.97
C GLN C 55 -26.43 -18.89 -36.00
N ASP C 56 -27.27 -17.89 -35.77
CA ASP C 56 -28.72 -18.14 -35.71
C ASP C 56 -29.49 -16.85 -35.66
N ILE C 57 -30.55 -16.78 -36.46
CA ILE C 57 -31.61 -15.81 -36.25
C ILE C 57 -32.61 -16.55 -35.39
N VAL C 58 -32.73 -16.13 -34.15
CA VAL C 58 -33.43 -16.89 -33.16
C VAL C 58 -34.87 -16.54 -33.21
N LYS C 59 -35.16 -15.24 -33.25
CA LYS C 59 -36.52 -14.82 -33.48
C LYS C 59 -36.69 -13.47 -34.07
N VAL C 60 -37.94 -13.26 -34.45
CA VAL C 60 -38.42 -12.08 -35.13
C VAL C 60 -39.61 -11.63 -34.31
N ASP C 61 -39.80 -10.33 -34.11
CA ASP C 61 -41.00 -9.82 -33.42
C ASP C 61 -41.61 -8.75 -34.31
N SER C 62 -42.69 -9.15 -34.99
CA SER C 62 -43.34 -8.26 -35.97
C SER C 62 -44.24 -7.25 -35.33
N SER C 63 -44.53 -7.39 -34.05
CA SER C 63 -45.25 -6.33 -33.37
C SER C 63 -44.36 -5.19 -32.87
N THR C 64 -43.04 -5.43 -32.74
CA THR C 64 -42.09 -4.39 -32.28
C THR C 64 -40.99 -4.05 -33.28
N ASN C 65 -40.89 -4.82 -34.36
CA ASN C 65 -39.80 -4.66 -35.33
C ASN C 65 -38.42 -4.81 -34.69
N GLU C 66 -38.27 -5.90 -33.98
CA GLU C 66 -37.02 -6.32 -33.36
C GLU C 66 -36.70 -7.72 -33.83
N VAL C 67 -35.46 -7.96 -34.19
CA VAL C 67 -35.00 -9.28 -34.54
C VAL C 67 -33.80 -9.62 -33.65
N ASP C 68 -33.69 -10.90 -33.27
CA ASP C 68 -32.66 -11.42 -32.40
C ASP C 68 -31.68 -12.34 -33.16
N LEU C 69 -30.39 -12.00 -33.08
CA LEU C 69 -29.32 -12.70 -33.72
C LEU C 69 -28.31 -13.23 -32.73
N VAL C 70 -27.79 -14.42 -32.99
CA VAL C 70 -26.68 -14.93 -32.25
C VAL C 70 -25.56 -15.07 -33.22
N TYR C 71 -24.40 -14.55 -32.84
CA TYR C 71 -23.24 -14.56 -33.71
C TYR C 71 -21.98 -14.40 -32.88
N TYR C 72 -20.84 -14.63 -33.50
CA TYR C 72 -19.61 -14.11 -32.95
C TYR C 72 -18.91 -13.22 -33.95
N GLU C 73 -17.92 -12.53 -33.44
CA GLU C 73 -17.36 -11.36 -34.06
C GLU C 73 -15.87 -11.46 -33.84
N ARG C 74 -15.06 -11.55 -34.88
CA ARG C 74 -13.61 -11.56 -34.76
C ARG C 74 -13.18 -10.08 -34.83
N GLN C 75 -12.44 -9.60 -33.81
CA GLN C 75 -11.86 -8.30 -33.80
C GLN C 75 -10.36 -8.44 -33.76
N ARG C 76 -9.65 -7.63 -34.54
CA ARG C 76 -8.21 -7.72 -34.65
C ARG C 76 -7.60 -6.34 -34.74
N TRP C 77 -6.53 -6.12 -33.96
CA TRP C 77 -5.78 -4.86 -34.02
C TRP C 77 -4.38 -5.14 -33.52
N LYS C 78 -3.53 -4.14 -33.50
CA LYS C 78 -2.12 -4.31 -33.27
C LYS C 78 -1.55 -3.12 -32.52
N LEU C 79 -0.81 -3.39 -31.44
CA LEU C 79 -0.20 -2.36 -30.61
C LEU C 79 1.30 -2.60 -30.48
N ASN C 80 2.07 -1.53 -30.68
CA ASN C 80 3.51 -1.62 -30.38
C ASN C 80 3.82 -2.03 -28.95
N SER C 81 3.02 -1.56 -28.00
CA SER C 81 3.25 -1.84 -26.58
C SER C 81 2.97 -3.31 -26.22
N LEU C 82 2.40 -4.13 -27.11
CA LEU C 82 2.24 -5.54 -26.85
C LEU C 82 3.24 -6.42 -27.55
N MET C 83 4.26 -5.81 -28.16
CA MET C 83 5.30 -6.58 -28.86
C MET C 83 6.28 -7.15 -27.85
N TRP C 84 6.79 -8.32 -28.19
CA TRP C 84 8.00 -8.83 -27.57
C TRP C 84 8.79 -9.65 -28.56
N ASP C 85 10.03 -9.87 -28.20
CA ASP C 85 10.89 -10.80 -28.90
C ASP C 85 10.79 -12.18 -28.30
N PRO C 86 10.30 -13.17 -29.07
CA PRO C 86 10.22 -14.50 -28.46
C PRO C 86 11.51 -15.08 -27.90
N ASN C 87 12.69 -14.69 -28.42
CA ASN C 87 13.96 -15.26 -27.90
C ASN C 87 14.21 -14.89 -26.46
N GLU C 88 13.67 -13.73 -26.04
CA GLU C 88 13.78 -13.30 -24.66
C GLU C 88 12.82 -13.99 -23.70
N TYR C 89 11.88 -14.80 -24.20
CA TYR C 89 10.82 -15.39 -23.37
C TYR C 89 10.55 -16.83 -23.75
N GLY C 90 11.63 -17.58 -23.90
CA GLY C 90 11.54 -19.04 -24.07
C GLY C 90 10.83 -19.44 -25.34
N ASN C 91 10.91 -18.59 -26.36
CA ASN C 91 10.27 -18.84 -27.66
C ASN C 91 8.75 -18.79 -27.67
N ILE C 92 8.14 -18.13 -26.68
CA ILE C 92 6.70 -17.92 -26.65
C ILE C 92 6.33 -16.95 -27.78
N THR C 93 5.41 -17.38 -28.65
CA THR C 93 4.96 -16.55 -29.75
C THR C 93 3.56 -15.94 -29.57
N ASP C 94 2.79 -16.51 -28.66
CA ASP C 94 1.49 -15.98 -28.35
C ASP C 94 1.00 -16.54 -27.02
N PHE C 95 -0.01 -15.87 -26.44
CA PHE C 95 -0.65 -16.34 -25.23
C PHE C 95 -2.09 -15.86 -25.17
N ARG C 96 -2.85 -16.53 -24.32
CA ARG C 96 -4.20 -16.14 -24.01
C ARG C 96 -4.26 -15.37 -22.75
N THR C 97 -5.18 -14.42 -22.69
CA THR C 97 -5.32 -13.61 -21.52
C THR C 97 -6.70 -12.97 -21.47
N SER C 98 -7.13 -12.71 -20.26
CA SER C 98 -8.39 -12.09 -20.01
C SER C 98 -8.43 -10.73 -20.71
N ALA C 99 -9.55 -10.43 -21.34
CA ALA C 99 -9.74 -9.13 -22.00
C ALA C 99 -9.67 -7.93 -21.07
N ALA C 100 -9.91 -8.17 -19.79
CA ALA C 100 -9.73 -7.12 -18.79
C ALA C 100 -8.27 -6.65 -18.65
N ASP C 101 -7.29 -7.47 -19.06
CA ASP C 101 -5.88 -7.10 -18.98
C ASP C 101 -5.40 -6.11 -20.01
N ILE C 102 -6.21 -5.90 -21.06
CA ILE C 102 -5.79 -5.12 -22.21
C ILE C 102 -6.87 -4.15 -22.61
N TRP C 103 -6.45 -3.15 -23.36
CA TRP C 103 -7.40 -2.25 -23.98
C TRP C 103 -8.15 -3.04 -25.06
N THR C 104 -9.45 -2.77 -25.20
CA THR C 104 -10.23 -3.31 -26.31
C THR C 104 -11.10 -2.19 -26.90
N PRO C 105 -11.40 -2.30 -28.18
CA PRO C 105 -12.18 -1.24 -28.79
C PRO C 105 -13.66 -1.29 -28.39
N ASP C 106 -14.28 -0.11 -28.37
CA ASP C 106 -15.64 0.09 -27.98
C ASP C 106 -16.66 -0.07 -29.16
N ILE C 107 -16.55 -1.18 -29.85
CA ILE C 107 -17.39 -1.46 -30.98
C ILE C 107 -18.82 -1.68 -30.49
N THR C 108 -19.79 -0.97 -31.08
CA THR C 108 -21.14 -0.99 -30.60
C THR C 108 -22.10 -1.16 -31.77
N ALA C 109 -23.16 -1.95 -31.58
CA ALA C 109 -24.23 -2.05 -32.54
C ALA C 109 -25.10 -0.82 -32.40
N ALA C 110 -25.18 -0.03 -33.44
CA ALA C 110 -25.86 1.27 -33.41
C ALA C 110 -27.35 1.23 -33.30
N SER C 111 -27.97 0.11 -33.65
CA SER C 111 -29.43 0.04 -33.68
C SER C 111 -29.95 -1.12 -32.81
N SER C 112 -29.17 -1.51 -31.79
CA SER C 112 -29.65 -2.40 -30.77
C SER C 112 -30.84 -1.81 -30.01
N THR C 113 -31.72 -2.68 -29.52
CA THR C 113 -32.83 -2.28 -28.68
C THR C 113 -32.77 -2.86 -27.27
N ARG C 114 -31.71 -3.61 -26.97
CA ARG C 114 -31.46 -4.20 -25.64
C ARG C 114 -29.96 -4.29 -25.46
N PRO C 115 -29.49 -4.33 -24.22
CA PRO C 115 -28.04 -4.58 -24.09
C PRO C 115 -27.68 -5.94 -24.72
N VAL C 116 -26.57 -5.97 -25.41
CA VAL C 116 -26.02 -7.13 -25.96
C VAL C 116 -25.68 -8.13 -24.85
N GLN C 117 -26.09 -9.37 -25.04
CA GLN C 117 -25.77 -10.45 -24.13
C GLN C 117 -24.54 -11.22 -24.58
N VAL C 118 -23.54 -11.29 -23.72
CA VAL C 118 -22.32 -12.00 -23.98
C VAL C 118 -22.49 -13.48 -23.73
N LEU C 119 -22.12 -14.30 -24.71
CA LEU C 119 -22.26 -15.76 -24.62
C LEU C 119 -20.96 -16.48 -24.49
N SER C 120 -19.83 -15.77 -24.54
CA SER C 120 -18.54 -16.44 -24.50
C SER C 120 -17.62 -15.81 -23.45
N PRO C 121 -16.60 -16.51 -23.00
CA PRO C 121 -15.60 -15.97 -22.11
C PRO C 121 -14.86 -14.81 -22.78
N GLN C 122 -14.56 -13.82 -21.98
CA GLN C 122 -13.94 -12.57 -22.41
C GLN C 122 -12.42 -12.78 -22.40
N ILE C 123 -11.91 -13.50 -23.40
CA ILE C 123 -10.48 -13.83 -23.42
C ILE C 123 -9.91 -13.52 -24.78
N ALA C 124 -8.72 -12.97 -24.83
CA ALA C 124 -8.10 -12.63 -26.10
C ALA C 124 -6.78 -13.37 -26.31
N VAL C 125 -6.34 -13.40 -27.56
CA VAL C 125 -5.07 -13.96 -27.94
C VAL C 125 -4.18 -12.82 -28.31
N VAL C 126 -3.01 -12.78 -27.69
CA VAL C 126 -2.03 -11.77 -27.98
C VAL C 126 -0.83 -12.47 -28.61
N THR C 127 -0.30 -11.87 -29.69
CA THR C 127 0.79 -12.46 -30.46
C THR C 127 1.99 -11.52 -30.38
N HIS C 128 3.19 -12.09 -30.52
CA HIS C 128 4.47 -11.37 -30.30
C HIS C 128 4.72 -10.14 -31.15
N ASP C 129 4.03 -10.05 -32.28
CA ASP C 129 4.07 -8.83 -33.10
C ASP C 129 3.13 -7.74 -32.62
N GLY C 130 2.47 -7.95 -31.47
CA GLY C 130 1.62 -6.95 -30.87
C GLY C 130 0.18 -7.05 -31.35
N SER C 131 -0.13 -8.10 -32.12
CA SER C 131 -1.49 -8.19 -32.62
C SER C 131 -2.35 -8.95 -31.62
N VAL C 132 -3.62 -8.56 -31.59
CA VAL C 132 -4.57 -9.08 -30.67
C VAL C 132 -5.73 -9.58 -31.48
N MET C 133 -6.29 -10.70 -31.04
CA MET C 133 -7.46 -11.29 -31.64
C MET C 133 -8.49 -11.51 -30.50
N PHE C 134 -9.68 -10.99 -30.63
CA PHE C 134 -10.73 -11.12 -29.64
C PHE C 134 -12.02 -11.48 -30.35
N SER C 135 -12.67 -12.55 -29.91
CA SER C 135 -13.82 -13.13 -30.60
C SER C 135 -15.04 -13.33 -29.75
N PRO C 136 -15.64 -12.25 -29.32
CA PRO C 136 -16.84 -12.45 -28.46
C PRO C 136 -18.04 -12.92 -29.25
N ALA C 137 -18.76 -13.85 -28.64
CA ALA C 137 -20.08 -14.28 -29.06
C ALA C 137 -21.17 -13.53 -28.30
N GLN C 138 -22.26 -13.23 -28.97
CA GLN C 138 -23.20 -12.24 -28.56
C GLN C 138 -24.61 -12.64 -29.04
N ARG C 139 -25.60 -12.31 -28.24
CA ARG C 139 -26.94 -12.22 -28.68
C ARG C 139 -27.34 -10.77 -28.73
N LEU C 140 -27.88 -10.35 -29.87
CA LEU C 140 -28.28 -8.99 -30.13
C LEU C 140 -29.75 -8.90 -30.54
N SER C 141 -30.49 -8.00 -29.94
CA SER C 141 -31.78 -7.56 -30.43
C SER C 141 -31.58 -6.23 -31.15
N PHE C 142 -32.06 -6.12 -32.37
CA PHE C 142 -31.89 -4.88 -33.14
C PHE C 142 -33.13 -4.54 -34.01
N MET C 143 -33.21 -3.29 -34.42
CA MET C 143 -34.31 -2.71 -35.16
C MET C 143 -34.40 -3.30 -36.58
N CYS C 144 -35.47 -4.02 -36.88
CA CYS C 144 -35.66 -4.69 -38.14
C CYS C 144 -37.15 -4.98 -38.35
N ASP C 145 -37.69 -4.51 -39.46
CA ASP C 145 -39.07 -4.79 -39.89
C ASP C 145 -39.03 -6.10 -40.63
N PRO C 146 -39.58 -7.16 -40.04
CA PRO C 146 -39.57 -8.47 -40.66
C PRO C 146 -40.73 -8.73 -41.66
N THR C 147 -41.57 -7.74 -41.93
CA THR C 147 -42.58 -7.86 -42.98
C THR C 147 -41.99 -8.42 -44.29
N GLY C 148 -42.59 -9.54 -44.74
CA GLY C 148 -42.13 -10.23 -45.95
C GLY C 148 -41.28 -11.46 -45.69
N VAL C 149 -41.08 -11.78 -44.41
CA VAL C 149 -40.14 -12.85 -44.07
C VAL C 149 -40.73 -14.22 -44.44
N ASP C 150 -42.06 -14.32 -44.41
CA ASP C 150 -42.81 -15.56 -44.79
C ASP C 150 -42.92 -15.81 -46.31
N SER C 151 -42.51 -14.86 -47.10
CA SER C 151 -42.44 -14.97 -48.54
C SER C 151 -41.17 -15.69 -48.97
N GLU C 152 -41.02 -15.83 -50.28
CA GLU C 152 -39.87 -16.48 -50.88
C GLU C 152 -38.72 -15.48 -51.16
N GLU C 153 -39.05 -14.21 -51.41
CA GLU C 153 -38.04 -13.13 -51.60
C GLU C 153 -37.37 -12.81 -50.25
N GLY C 154 -38.09 -13.08 -49.17
CA GLY C 154 -37.63 -12.83 -47.83
C GLY C 154 -37.62 -11.37 -47.44
N VAL C 155 -36.78 -11.04 -46.46
CA VAL C 155 -36.64 -9.66 -45.99
C VAL C 155 -35.16 -9.34 -45.74
N THR C 156 -34.82 -8.08 -45.94
CA THR C 156 -33.50 -7.57 -45.70
C THR C 156 -33.49 -6.68 -44.45
N CYS C 157 -32.52 -6.91 -43.56
CA CYS C 157 -32.24 -6.02 -42.43
C CYS C 157 -30.77 -5.73 -42.31
N ALA C 158 -30.49 -4.67 -41.58
CA ALA C 158 -29.17 -4.12 -41.46
C ALA C 158 -28.86 -3.61 -40.07
N VAL C 159 -27.62 -3.77 -39.64
CA VAL C 159 -27.17 -3.14 -38.43
C VAL C 159 -25.73 -2.70 -38.56
N LYS C 160 -25.47 -1.47 -38.21
CA LYS C 160 -24.15 -0.88 -38.20
C LYS C 160 -23.42 -1.14 -36.90
N PHE C 161 -22.16 -1.46 -37.02
CA PHE C 161 -21.26 -1.59 -35.92
C PHE C 161 -20.20 -0.51 -36.03
N GLU C 162 -20.00 0.26 -34.98
CA GLU C 162 -19.04 1.34 -34.97
C GLU C 162 -18.43 1.57 -33.59
N SER C 163 -17.31 2.28 -33.56
CA SER C 163 -16.82 2.87 -32.35
C SER C 163 -17.85 3.90 -31.87
N TRP C 164 -18.22 3.83 -30.60
CA TRP C 164 -19.17 4.80 -30.08
C TRP C 164 -18.54 6.17 -29.92
N VAL C 165 -17.28 6.25 -29.54
CA VAL C 165 -16.70 7.54 -29.19
C VAL C 165 -15.48 7.95 -29.97
N TYR C 166 -14.89 7.04 -30.74
CA TYR C 166 -13.74 7.38 -31.54
C TYR C 166 -14.14 7.59 -33.02
N SER C 167 -13.63 8.68 -33.59
CA SER C 167 -13.83 9.02 -34.98
C SER C 167 -12.88 8.25 -35.81
N GLY C 168 -13.01 8.37 -37.12
CA GLY C 168 -12.10 7.72 -38.07
C GLY C 168 -10.68 8.25 -38.05
N PHE C 169 -10.46 9.41 -37.43
CA PHE C 169 -9.10 9.87 -37.22
C PHE C 169 -8.38 9.06 -36.13
N GLU C 170 -9.13 8.40 -35.24
CA GLU C 170 -8.53 7.62 -34.16
C GLU C 170 -8.65 6.11 -34.39
N ILE C 171 -9.84 5.68 -34.82
CA ILE C 171 -10.07 4.28 -35.11
C ILE C 171 -10.64 4.17 -36.52
N ASP C 172 -9.93 3.47 -37.36
CA ASP C 172 -10.40 3.04 -38.64
C ASP C 172 -10.83 1.60 -38.58
N LEU C 173 -12.00 1.28 -39.10
CA LEU C 173 -12.46 -0.10 -39.20
C LEU C 173 -12.25 -0.63 -40.57
N LYS C 174 -11.97 -1.92 -40.68
CA LYS C 174 -12.07 -2.59 -41.94
C LYS C 174 -12.55 -4.03 -41.79
N THR C 175 -12.85 -4.69 -42.90
CA THR C 175 -13.22 -6.10 -42.98
C THR C 175 -12.12 -6.83 -43.76
N ASP C 176 -11.96 -8.13 -43.57
CA ASP C 176 -11.05 -8.91 -44.43
C ASP C 176 -11.77 -9.37 -45.67
N THR C 177 -13.08 -9.56 -45.53
CA THR C 177 -13.93 -9.99 -46.61
C THR C 177 -15.25 -9.28 -46.49
N ASP C 178 -15.98 -9.15 -47.59
CA ASP C 178 -17.34 -8.60 -47.56
C ASP C 178 -18.41 -9.65 -47.32
N GLN C 179 -18.05 -10.92 -47.39
CA GLN C 179 -18.96 -11.99 -47.11
C GLN C 179 -18.89 -12.38 -45.62
N VAL C 180 -20.04 -12.32 -44.98
CA VAL C 180 -20.23 -12.86 -43.67
C VAL C 180 -20.05 -14.37 -43.73
N ASP C 181 -19.30 -14.92 -42.79
CA ASP C 181 -19.11 -16.34 -42.70
C ASP C 181 -20.37 -17.02 -42.13
N LEU C 182 -20.89 -17.99 -42.88
CA LEU C 182 -22.06 -18.73 -42.52
C LEU C 182 -21.80 -20.17 -42.22
N SER C 183 -20.55 -20.56 -42.07
CA SER C 183 -20.28 -21.96 -41.82
C SER C 183 -20.65 -22.50 -40.45
N SER C 184 -20.99 -21.63 -39.47
CA SER C 184 -21.57 -22.08 -38.20
C SER C 184 -23.07 -21.79 -38.13
N TYR C 185 -23.70 -21.41 -39.24
CA TYR C 185 -25.12 -21.10 -39.16
C TYR C 185 -25.88 -22.39 -38.86
N TYR C 186 -26.81 -22.29 -37.93
CA TYR C 186 -27.63 -23.38 -37.49
C TYR C 186 -28.52 -23.90 -38.59
N ALA C 187 -28.26 -25.15 -38.98
CA ALA C 187 -28.99 -25.76 -40.12
C ALA C 187 -30.50 -25.84 -39.87
N SER C 188 -30.95 -26.00 -38.60
CA SER C 188 -32.39 -26.03 -38.35
C SER C 188 -32.97 -24.76 -37.79
N SER C 189 -32.32 -23.61 -38.04
CA SER C 189 -32.92 -22.35 -37.64
C SER C 189 -34.31 -22.26 -38.19
N LYS C 190 -35.21 -21.52 -37.55
CA LYS C 190 -36.46 -21.13 -38.22
C LYS C 190 -36.24 -20.26 -39.44
N TYR C 191 -35.09 -19.63 -39.59
CA TYR C 191 -34.83 -18.70 -40.67
C TYR C 191 -33.63 -19.13 -41.44
N GLU C 192 -33.67 -18.86 -42.73
CA GLU C 192 -32.72 -19.35 -43.70
C GLU C 192 -32.04 -18.09 -44.20
N ILE C 193 -30.73 -18.14 -44.39
CA ILE C 193 -30.01 -16.93 -44.82
C ILE C 193 -29.92 -16.92 -46.34
N LEU C 194 -30.39 -15.88 -46.98
CA LEU C 194 -30.28 -15.76 -48.42
C LEU C 194 -28.98 -15.04 -48.79
N SER C 195 -28.68 -13.95 -48.11
CA SER C 195 -27.34 -13.42 -48.14
C SER C 195 -26.97 -12.64 -46.87
N ALA C 196 -25.68 -12.45 -46.71
CA ALA C 196 -25.12 -11.78 -45.56
C ALA C 196 -23.82 -11.12 -45.92
N THR C 197 -23.80 -9.80 -45.86
CA THR C 197 -22.58 -9.06 -46.15
C THR C 197 -22.18 -8.15 -45.00
N GLN C 198 -20.94 -7.73 -45.05
CA GLN C 198 -20.36 -6.83 -44.09
C GLN C 198 -19.49 -5.84 -44.80
N THR C 199 -19.82 -4.57 -44.70
CA THR C 199 -19.24 -3.55 -45.54
C THR C 199 -18.79 -2.32 -44.77
N ARG C 200 -17.55 -1.93 -44.93
CA ARG C 200 -17.06 -0.68 -44.33
C ARG C 200 -17.75 0.51 -45.00
N GLN C 201 -18.21 1.47 -44.21
CA GLN C 201 -18.75 2.73 -44.66
C GLN C 201 -18.14 3.87 -43.90
N VAL C 202 -18.10 5.02 -44.57
CA VAL C 202 -17.58 6.24 -44.04
C VAL C 202 -18.73 7.21 -43.98
N GLN C 203 -18.96 7.76 -42.81
CA GLN C 203 -20.06 8.68 -42.56
C GLN C 203 -19.53 10.07 -42.30
N HIS C 204 -20.10 11.05 -43.00
CA HIS C 204 -19.74 12.45 -42.83
C HIS C 204 -20.97 13.20 -42.38
N TYR C 205 -20.76 14.11 -41.44
CA TYR C 205 -21.85 14.94 -40.90
C TYR C 205 -21.44 16.37 -41.22
N SER C 206 -22.40 17.23 -41.56
CA SER C 206 -22.07 18.61 -42.05
C SER C 206 -21.52 19.54 -40.94
N CYS C 207 -21.91 19.29 -39.70
CA CYS C 207 -21.37 19.98 -38.51
C CYS C 207 -19.84 19.89 -38.28
N CYS C 208 -19.21 18.84 -38.78
CA CYS C 208 -18.01 18.25 -38.14
C CYS C 208 -17.03 17.70 -39.18
N PRO C 209 -15.76 18.08 -39.11
CA PRO C 209 -14.85 17.63 -40.20
C PRO C 209 -14.45 16.15 -40.15
N GLU C 210 -14.54 15.50 -38.99
CA GLU C 210 -13.92 14.14 -38.81
C GLU C 210 -14.93 13.13 -39.45
N PRO C 211 -14.43 12.18 -40.22
CA PRO C 211 -15.27 11.08 -40.63
C PRO C 211 -15.51 10.07 -39.47
N TYR C 212 -16.63 9.34 -39.51
CA TYR C 212 -16.96 8.25 -38.61
C TYR C 212 -17.11 6.96 -39.39
N ILE C 213 -16.52 5.86 -38.94
CA ILE C 213 -16.47 4.63 -39.70
C ILE C 213 -17.41 3.60 -39.07
N ASP C 214 -18.08 2.80 -39.89
CA ASP C 214 -18.87 1.70 -39.41
C ASP C 214 -18.71 0.53 -40.34
N VAL C 215 -19.08 -0.65 -39.87
CA VAL C 215 -19.23 -1.83 -40.67
C VAL C 215 -20.71 -2.18 -40.65
N ASN C 216 -21.34 -2.24 -41.82
CA ASN C 216 -22.76 -2.45 -41.99
C ASN C 216 -22.98 -3.93 -42.25
N LEU C 217 -23.70 -4.59 -41.36
CA LEU C 217 -24.04 -5.97 -41.50
C LEU C 217 -25.42 -6.04 -42.12
N VAL C 218 -25.52 -6.63 -43.29
CA VAL C 218 -26.79 -6.65 -44.06
C VAL C 218 -27.15 -8.09 -44.26
N VAL C 219 -28.32 -8.46 -43.81
CA VAL C 219 -28.73 -9.85 -43.84
C VAL C 219 -30.11 -9.96 -44.50
N LYS C 220 -30.19 -10.81 -45.53
CA LYS C 220 -31.44 -11.13 -46.21
C LYS C 220 -31.79 -12.54 -45.79
N PHE C 221 -32.99 -12.73 -45.27
CA PHE C 221 -33.40 -14.01 -44.75
C PHE C 221 -34.91 -14.25 -44.92
N ARG C 222 -35.33 -15.49 -44.72
CA ARG C 222 -36.78 -15.83 -44.76
C ARG C 222 -37.06 -17.05 -43.91
N GLU C 223 -38.33 -17.33 -43.66
CA GLU C 223 -38.72 -18.55 -42.94
C GLU C 223 -38.26 -19.80 -43.71
N ARG C 224 -37.64 -20.77 -43.05
CA ARG C 224 -37.29 -22.08 -43.66
C ARG C 224 -38.57 -22.92 -43.93
N GLN D 20 1.25 7.78 -27.13
CA GLN D 20 0.84 7.09 -25.92
C GLN D 20 1.39 7.88 -24.75
N ALA D 21 2.69 8.15 -24.75
CA ALA D 21 3.37 8.67 -23.55
C ALA D 21 2.80 9.98 -23.08
N ASN D 22 2.57 10.89 -24.00
CA ASN D 22 2.01 12.18 -23.67
C ASN D 22 0.60 12.05 -23.09
N LEU D 23 -0.20 11.17 -23.71
CA LEU D 23 -1.53 10.97 -23.23
C LEU D 23 -1.54 10.31 -21.84
N MET D 24 -0.67 9.31 -21.61
CA MET D 24 -0.59 8.65 -20.30
C MET D 24 -0.27 9.65 -19.21
N ARG D 25 0.62 10.55 -19.56
CA ARG D 25 1.09 11.60 -18.70
C ARG D 25 -0.04 12.60 -18.39
N LEU D 26 -0.79 13.01 -19.41
CA LEU D 26 -1.94 13.87 -19.18
C LEU D 26 -2.97 13.21 -18.28
N LYS D 27 -3.28 11.95 -18.53
CA LYS D 27 -4.32 11.29 -17.74
C LYS D 27 -3.87 11.16 -16.28
N SER D 28 -2.62 10.87 -16.12
CA SER D 28 -2.01 10.78 -14.82
C SER D 28 -2.01 12.15 -14.09
N ASP D 29 -1.69 13.23 -14.79
CA ASP D 29 -1.81 14.55 -14.17
C ASP D 29 -3.24 14.97 -13.83
N LEU D 30 -4.19 14.66 -14.69
CA LEU D 30 -5.59 15.03 -14.39
C LEU D 30 -6.26 14.15 -13.34
N PHE D 31 -5.94 12.87 -13.29
CA PHE D 31 -6.70 11.91 -12.46
C PHE D 31 -5.96 11.36 -11.21
N ASN D 32 -4.65 11.16 -11.27
CA ASN D 32 -3.88 10.59 -10.15
C ASN D 32 -3.26 11.63 -9.26
N ARG D 33 -3.30 12.90 -9.58
CA ARG D 33 -2.60 13.94 -8.78
C ARG D 33 -3.49 14.75 -7.82
N SER D 34 -4.80 14.56 -7.87
CA SER D 34 -5.76 15.19 -6.92
C SER D 34 -7.00 14.35 -6.89
N PRO D 35 -7.90 14.60 -5.88
CA PRO D 35 -9.07 13.70 -5.79
C PRO D 35 -10.04 14.06 -6.88
N MET D 36 -11.03 13.21 -7.10
CA MET D 36 -12.01 13.47 -8.15
C MET D 36 -12.81 14.76 -7.75
N TYR D 37 -13.22 15.50 -8.78
CA TYR D 37 -14.22 16.53 -8.64
C TYR D 37 -15.38 15.98 -7.76
N PRO D 38 -15.69 16.64 -6.62
CA PRO D 38 -16.73 16.17 -5.69
C PRO D 38 -18.14 16.59 -6.08
N GLY D 39 -18.31 17.16 -7.27
CA GLY D 39 -19.62 17.64 -7.72
C GLY D 39 -19.82 19.11 -7.38
N PRO D 40 -20.83 19.74 -7.97
CA PRO D 40 -21.10 21.16 -7.77
C PRO D 40 -21.70 21.47 -6.41
N THR D 41 -21.58 22.75 -6.00
CA THR D 41 -22.26 23.29 -4.80
C THR D 41 -22.92 24.64 -5.14
N LYS D 42 -23.69 25.18 -4.17
CA LYS D 42 -24.29 26.53 -4.25
C LYS D 42 -23.23 27.58 -4.71
N ASP D 43 -22.05 27.52 -4.11
CA ASP D 43 -20.98 28.46 -4.43
C ASP D 43 -20.27 28.20 -5.76
N ASP D 44 -20.25 26.94 -6.23
CA ASP D 44 -19.59 26.62 -7.51
C ASP D 44 -20.52 25.77 -8.35
N PRO D 45 -21.61 26.40 -8.81
CA PRO D 45 -22.60 25.67 -9.58
C PRO D 45 -22.10 25.34 -10.98
N LEU D 46 -22.85 24.50 -11.64
CA LEU D 46 -22.45 23.90 -12.90
C LEU D 46 -23.64 23.85 -13.83
N THR D 47 -23.40 24.05 -15.09
CA THR D 47 -24.40 24.00 -16.08
C THR D 47 -24.15 22.81 -16.99
N VAL D 48 -25.18 21.97 -17.14
CA VAL D 48 -25.14 20.81 -18.01
C VAL D 48 -26.12 21.00 -19.13
N THR D 49 -25.66 20.82 -20.34
CA THR D 49 -26.45 20.92 -21.51
C THR D 49 -26.86 19.52 -21.97
N LEU D 50 -28.15 19.30 -22.19
CA LEU D 50 -28.69 18.06 -22.73
C LEU D 50 -29.30 18.25 -24.09
N GLY D 51 -29.15 17.25 -24.92
CA GLY D 51 -29.93 17.14 -26.15
C GLY D 51 -30.24 15.67 -26.42
N PHE D 52 -31.45 15.38 -26.91
CA PHE D 52 -31.90 14.03 -27.19
C PHE D 52 -31.92 13.72 -28.69
N PHE D 53 -31.69 12.45 -29.00
CA PHE D 53 -31.59 11.93 -30.34
C PHE D 53 -32.42 10.67 -30.34
N LEU D 54 -33.68 10.79 -30.75
CA LEU D 54 -34.57 9.68 -30.79
C LEU D 54 -34.28 8.74 -31.88
N GLN D 55 -34.27 7.45 -31.54
CA GLN D 55 -33.98 6.40 -32.50
C GLN D 55 -35.18 5.53 -32.78
N ASP D 56 -36.04 5.25 -31.79
CA ASP D 56 -37.14 4.32 -32.01
C ASP D 56 -38.10 4.33 -30.85
N ILE D 57 -39.39 4.38 -31.16
CA ILE D 57 -40.42 4.00 -30.20
C ILE D 57 -40.65 2.53 -30.51
N VAL D 58 -40.26 1.68 -29.59
CA VAL D 58 -40.17 0.28 -29.84
C VAL D 58 -41.49 -0.36 -29.58
N LYS D 59 -42.09 -0.01 -28.44
CA LYS D 59 -43.44 -0.45 -28.20
C LYS D 59 -44.21 0.41 -27.24
N VAL D 60 -45.50 0.08 -27.25
CA VAL D 60 -46.53 0.75 -26.50
C VAL D 60 -47.22 -0.38 -25.74
N ASP D 61 -47.58 -0.17 -24.48
CA ASP D 61 -48.35 -1.17 -23.74
C ASP D 61 -49.57 -0.45 -23.16
N SER D 62 -50.71 -0.67 -23.80
CA SER D 62 -51.95 0.02 -23.44
C SER D 62 -52.63 -0.63 -22.26
N SER D 63 -52.20 -1.79 -21.84
CA SER D 63 -52.72 -2.35 -20.59
C SER D 63 -52.00 -1.81 -19.34
N THR D 64 -50.79 -1.27 -19.49
CA THR D 64 -50.02 -0.71 -18.34
C THR D 64 -49.69 0.77 -18.47
N ASN D 65 -49.95 1.37 -19.62
CA ASN D 65 -49.56 2.76 -19.89
C ASN D 65 -48.07 3.00 -19.72
N GLU D 66 -47.31 2.14 -20.41
CA GLU D 66 -45.87 2.22 -20.50
C GLU D 66 -45.51 2.29 -21.97
N VAL D 67 -44.59 3.17 -22.32
CA VAL D 67 -44.04 3.22 -23.65
C VAL D 67 -42.52 3.07 -23.56
N ASP D 68 -41.95 2.37 -24.53
CA ASP D 68 -40.52 2.08 -24.61
C ASP D 68 -39.83 2.84 -25.75
N LEU D 69 -38.80 3.60 -25.40
CA LEU D 69 -38.04 4.45 -26.30
C LEU D 69 -36.58 4.04 -26.31
N VAL D 70 -35.97 4.10 -27.48
CA VAL D 70 -34.56 3.97 -27.61
C VAL D 70 -34.06 5.28 -28.12
N TYR D 71 -33.03 5.81 -27.48
CA TYR D 71 -32.48 7.10 -27.85
C TYR D 71 -31.07 7.23 -27.32
N TYR D 72 -30.35 8.24 -27.77
CA TYR D 72 -29.19 8.68 -27.04
C TYR D 72 -29.32 10.14 -26.67
N GLU D 73 -28.43 10.54 -25.80
CA GLU D 73 -28.54 11.75 -25.04
C GLU D 73 -27.16 12.35 -25.02
N ARG D 74 -26.97 13.55 -25.54
CA ARG D 74 -25.67 14.24 -25.42
C ARG D 74 -25.72 15.05 -24.15
N GLN D 75 -24.74 14.85 -23.27
CA GLN D 75 -24.57 15.66 -22.06
C GLN D 75 -23.26 16.38 -22.18
N ARG D 76 -23.25 17.65 -21.81
CA ARG D 76 -22.07 18.49 -21.93
C ARG D 76 -21.94 19.39 -20.70
N TRP D 77 -20.75 19.46 -20.13
CA TRP D 77 -20.46 20.38 -19.02
C TRP D 77 -18.95 20.68 -19.07
N LYS D 78 -18.50 21.52 -18.14
CA LYS D 78 -17.15 22.05 -18.23
C LYS D 78 -16.60 22.27 -16.83
N LEU D 79 -15.39 21.76 -16.59
CA LEU D 79 -14.71 21.86 -15.29
C LEU D 79 -13.35 22.48 -15.45
N ASN D 80 -13.05 23.47 -14.62
CA ASN D 80 -11.68 24.00 -14.57
C ASN D 80 -10.63 22.95 -14.28
N SER D 81 -10.93 21.98 -13.43
CA SER D 81 -9.95 20.95 -13.05
C SER D 81 -9.65 19.97 -14.21
N LEU D 82 -10.38 20.01 -15.32
CA LEU D 82 -10.06 19.19 -16.48
C LEU D 82 -9.35 19.95 -17.59
N MET D 83 -8.95 21.18 -17.33
CA MET D 83 -8.23 21.98 -18.32
C MET D 83 -6.77 21.58 -18.39
N TRP D 84 -6.23 21.65 -19.59
CA TRP D 84 -4.79 21.66 -19.77
C TRP D 84 -4.43 22.52 -20.97
N ASP D 85 -3.16 22.86 -21.03
CA ASP D 85 -2.54 23.50 -22.16
C ASP D 85 -2.01 22.43 -23.14
N PRO D 86 -2.54 22.37 -24.36
CA PRO D 86 -2.00 21.36 -25.27
C PRO D 86 -0.49 21.41 -25.54
N ASN D 87 0.15 22.61 -25.43
CA ASN D 87 1.60 22.70 -25.70
C ASN D 87 2.42 21.91 -24.70
N GLU D 88 1.89 21.74 -23.49
CA GLU D 88 2.54 20.96 -22.48
C GLU D 88 2.38 19.44 -22.66
N TYR D 89 1.54 18.98 -23.59
CA TYR D 89 1.20 17.56 -23.73
C TYR D 89 1.15 17.12 -25.18
N GLY D 90 2.18 17.52 -25.92
CA GLY D 90 2.37 17.05 -27.30
C GLY D 90 1.26 17.43 -28.22
N ASN D 91 0.63 18.57 -27.93
CA ASN D 91 -0.47 19.09 -28.76
C ASN D 91 -1.78 18.28 -28.70
N ILE D 92 -1.96 17.47 -27.66
CA ILE D 92 -3.22 16.76 -27.45
C ILE D 92 -4.29 17.79 -27.08
N THR D 93 -5.39 17.79 -27.82
CA THR D 93 -6.51 18.69 -27.59
C THR D 93 -7.73 18.01 -26.98
N ASP D 94 -7.79 16.70 -27.08
CA ASP D 94 -8.86 15.95 -26.47
C ASP D 94 -8.49 14.48 -26.37
N PHE D 95 -9.19 13.75 -25.51
CA PHE D 95 -9.01 12.32 -25.36
C PHE D 95 -10.28 11.65 -24.89
N ARG D 96 -10.31 10.34 -25.10
CA ARG D 96 -11.40 9.53 -24.62
C ARG D 96 -11.03 8.85 -23.33
N THR D 97 -11.99 8.69 -22.45
CA THR D 97 -11.75 8.04 -21.22
C THR D 97 -13.04 7.47 -20.63
N SER D 98 -12.86 6.40 -19.87
CA SER D 98 -13.92 5.75 -19.19
C SER D 98 -14.66 6.74 -18.29
N ALA D 99 -15.99 6.68 -18.33
CA ALA D 99 -16.81 7.52 -17.46
C ALA D 99 -16.60 7.32 -15.98
N ALA D 100 -16.10 6.18 -15.61
CA ALA D 100 -15.73 5.91 -14.21
C ALA D 100 -14.56 6.78 -13.74
N ASP D 101 -13.75 7.31 -14.64
CA ASP D 101 -12.63 8.19 -14.27
C ASP D 101 -13.02 9.61 -13.86
N ILE D 102 -14.26 10.01 -14.17
CA ILE D 102 -14.68 11.39 -14.00
C ILE D 102 -16.04 11.45 -13.32
N TRP D 103 -16.33 12.60 -12.79
CA TRP D 103 -17.68 12.86 -12.29
C TRP D 103 -18.60 12.97 -13.50
N THR D 104 -19.82 12.48 -13.34
CA THR D 104 -20.88 12.68 -14.33
C THR D 104 -22.18 13.06 -13.61
N PRO D 105 -23.03 13.83 -14.27
CA PRO D 105 -24.24 14.25 -13.61
C PRO D 105 -25.29 13.12 -13.53
N ASP D 106 -26.09 13.17 -12.47
CA ASP D 106 -27.08 12.18 -12.15
C ASP D 106 -28.48 12.46 -12.80
N ILE D 107 -28.45 12.68 -14.09
CA ILE D 107 -29.65 12.99 -14.84
C ILE D 107 -30.57 11.76 -14.87
N THR D 108 -31.82 11.93 -14.50
CA THR D 108 -32.73 10.81 -14.30
C THR D 108 -34.07 11.16 -15.00
N ALA D 109 -34.65 10.16 -15.64
CA ALA D 109 -35.99 10.26 -16.16
C ALA D 109 -36.95 10.11 -14.99
N ALA D 110 -37.73 11.12 -14.75
CA ALA D 110 -38.62 11.20 -13.58
C ALA D 110 -39.79 10.28 -13.58
N SER D 111 -40.19 9.78 -14.74
CA SER D 111 -41.37 8.90 -14.84
C SER D 111 -41.06 7.55 -15.47
N SER D 112 -39.83 7.10 -15.33
CA SER D 112 -39.45 5.72 -15.71
C SER D 112 -40.21 4.70 -14.87
N THR D 113 -40.48 3.55 -15.47
CA THR D 113 -41.10 2.43 -14.76
C THR D 113 -40.23 1.20 -14.68
N ARG D 114 -39.01 1.28 -15.23
CA ARG D 114 -38.01 0.20 -15.20
C ARG D 114 -36.66 0.87 -15.17
N PRO D 115 -35.65 0.16 -14.65
CA PRO D 115 -34.31 0.74 -14.80
C PRO D 115 -33.98 0.95 -16.27
N VAL D 116 -33.34 2.05 -16.55
CA VAL D 116 -32.85 2.36 -17.85
C VAL D 116 -31.81 1.31 -18.26
N GLN D 117 -31.93 0.81 -19.46
CA GLN D 117 -30.96 -0.10 -20.04
C GLN D 117 -29.93 0.64 -20.89
N VAL D 118 -28.66 0.48 -20.55
CA VAL D 118 -27.59 1.16 -21.24
C VAL D 118 -27.22 0.36 -22.47
N LEU D 119 -27.18 1.02 -23.62
CA LEU D 119 -26.87 0.36 -24.91
C LEU D 119 -25.54 0.77 -25.47
N SER D 120 -24.83 1.68 -24.81
CA SER D 120 -23.56 2.15 -25.36
C SER D 120 -22.43 2.04 -24.29
N PRO D 121 -21.19 2.00 -24.71
CA PRO D 121 -20.05 1.98 -23.81
C PRO D 121 -20.02 3.28 -23.01
N GLN D 122 -19.61 3.16 -21.75
CA GLN D 122 -19.61 4.26 -20.82
C GLN D 122 -18.27 5.01 -20.96
N ILE D 123 -18.16 5.80 -22.01
CA ILE D 123 -16.90 6.48 -22.31
C ILE D 123 -17.20 7.91 -22.65
N ALA D 124 -16.38 8.83 -22.18
CA ALA D 124 -16.57 10.24 -22.48
C ALA D 124 -15.41 10.86 -23.19
N VAL D 125 -15.65 12.02 -23.78
CA VAL D 125 -14.62 12.78 -24.50
C VAL D 125 -14.34 14.00 -23.66
N VAL D 126 -13.09 14.19 -23.34
CA VAL D 126 -12.67 15.34 -22.55
C VAL D 126 -11.79 16.20 -23.44
N THR D 127 -12.02 17.52 -23.40
CA THR D 127 -11.34 18.46 -24.28
C THR D 127 -10.55 19.43 -23.41
N HIS D 128 -9.47 19.99 -23.98
CA HIS D 128 -8.47 20.79 -23.24
C HIS D 128 -8.98 22.03 -22.54
N ASP D 129 -10.13 22.52 -22.95
CA ASP D 129 -10.81 23.62 -22.23
C ASP D 129 -11.61 23.16 -21.03
N GLY D 130 -11.53 21.85 -20.70
CA GLY D 130 -12.21 21.32 -19.53
C GLY D 130 -13.62 20.85 -19.82
N SER D 131 -14.00 20.86 -21.09
CA SER D 131 -15.36 20.45 -21.41
C SER D 131 -15.39 18.93 -21.63
N VAL D 132 -16.52 18.36 -21.25
CA VAL D 132 -16.73 16.94 -21.29
C VAL D 132 -17.99 16.72 -22.08
N MET D 133 -17.97 15.70 -22.92
CA MET D 133 -19.10 15.30 -23.71
C MET D 133 -19.34 13.79 -23.43
N PHE D 134 -20.54 13.43 -23.00
CA PHE D 134 -20.88 12.06 -22.70
C PHE D 134 -22.23 11.78 -23.35
N SER D 135 -22.29 10.71 -24.14
CA SER D 135 -23.44 10.41 -25.00
C SER D 135 -24.02 9.03 -24.82
N PRO D 136 -24.59 8.77 -23.64
CA PRO D 136 -25.16 7.45 -23.45
C PRO D 136 -26.40 7.18 -24.26
N ALA D 137 -26.46 6.00 -24.82
CA ALA D 137 -27.65 5.44 -25.45
C ALA D 137 -28.39 4.52 -24.48
N GLN D 138 -29.70 4.54 -24.54
CA GLN D 138 -30.54 4.05 -23.49
C GLN D 138 -31.82 3.49 -24.10
N ARG D 139 -32.35 2.44 -23.46
CA ARG D 139 -33.72 2.09 -23.61
C ARG D 139 -34.44 2.43 -22.34
N LEU D 140 -35.53 3.16 -22.47
CA LEU D 140 -36.33 3.65 -21.35
C LEU D 140 -37.79 3.21 -21.49
N SER D 141 -38.34 2.68 -20.41
CA SER D 141 -39.77 2.50 -20.26
C SER D 141 -40.28 3.61 -19.37
N PHE D 142 -41.31 4.32 -19.83
CA PHE D 142 -41.86 5.44 -19.03
C PHE D 142 -43.40 5.52 -19.13
N MET D 143 -43.98 6.23 -18.18
CA MET D 143 -45.43 6.40 -18.02
C MET D 143 -46.03 7.19 -19.14
N CYS D 144 -46.90 6.56 -19.92
CA CYS D 144 -47.52 7.18 -21.09
C CYS D 144 -48.77 6.41 -21.46
N ASP D 145 -49.90 7.10 -21.54
CA ASP D 145 -51.17 6.54 -22.02
C ASP D 145 -51.16 6.67 -23.51
N PRO D 146 -51.07 5.56 -24.22
CA PRO D 146 -51.03 5.59 -25.68
C PRO D 146 -52.42 5.61 -26.37
N THR D 147 -53.51 5.70 -25.62
CA THR D 147 -54.84 5.86 -26.20
C THR D 147 -54.86 7.00 -27.25
N GLY D 148 -55.29 6.64 -28.46
CA GLY D 148 -55.32 7.59 -29.58
C GLY D 148 -54.18 7.43 -30.58
N VAL D 149 -53.29 6.46 -30.32
CA VAL D 149 -52.09 6.34 -31.12
C VAL D 149 -52.42 5.82 -32.52
N ASP D 150 -53.49 5.01 -32.63
CA ASP D 150 -53.99 4.45 -33.93
C ASP D 150 -54.77 5.45 -34.81
N SER D 151 -55.05 6.64 -34.27
CA SER D 151 -55.68 7.71 -34.98
C SER D 151 -54.65 8.49 -35.81
N GLU D 152 -55.13 9.51 -36.50
CA GLU D 152 -54.30 10.36 -37.33
C GLU D 152 -53.70 11.55 -36.52
N GLU D 153 -54.41 12.02 -35.49
CA GLU D 153 -53.94 13.09 -34.59
C GLU D 153 -52.79 12.56 -33.71
N GLY D 154 -52.80 11.24 -33.49
CA GLY D 154 -51.82 10.55 -32.69
C GLY D 154 -52.00 10.78 -31.21
N VAL D 155 -50.90 10.62 -30.46
CA VAL D 155 -50.91 10.84 -29.01
C VAL D 155 -49.65 11.57 -28.60
N THR D 156 -49.78 12.35 -27.53
CA THR D 156 -48.69 13.08 -26.96
C THR D 156 -48.28 12.46 -25.62
N CYS D 157 -46.97 12.23 -25.45
CA CYS D 157 -46.43 11.89 -24.12
C CYS D 157 -45.23 12.75 -23.79
N ALA D 158 -44.94 12.79 -22.50
CA ALA D 158 -43.89 13.60 -21.97
C ALA D 158 -43.08 12.88 -20.89
N VAL D 159 -41.79 13.19 -20.83
CA VAL D 159 -41.00 12.72 -19.71
C VAL D 159 -39.97 13.78 -19.38
N LYS D 160 -39.89 14.10 -18.10
CA LYS D 160 -38.92 15.04 -17.57
C LYS D 160 -37.61 14.33 -17.21
N PHE D 161 -36.53 15.00 -17.53
CA PHE D 161 -35.22 14.62 -17.16
C PHE D 161 -34.65 15.67 -16.21
N GLU D 162 -34.16 15.23 -15.07
CA GLU D 162 -33.61 16.14 -14.06
C GLU D 162 -32.54 15.48 -13.22
N SER D 163 -31.73 16.30 -12.56
CA SER D 163 -30.88 15.83 -11.49
C SER D 163 -31.76 15.27 -10.38
N TRP D 164 -31.44 14.07 -9.92
CA TRP D 164 -32.21 13.49 -8.81
C TRP D 164 -31.94 14.20 -7.49
N VAL D 165 -30.70 14.62 -7.25
CA VAL D 165 -30.33 15.12 -5.94
C VAL D 165 -29.81 16.53 -5.87
N TYR D 166 -29.49 17.12 -7.01
CA TYR D 166 -29.03 18.51 -7.03
C TYR D 166 -30.18 19.45 -7.48
N SER D 167 -30.31 20.54 -6.74
CA SER D 167 -31.25 21.63 -7.04
C SER D 167 -30.70 22.48 -8.11
N GLY D 168 -31.51 23.44 -8.56
CA GLY D 168 -31.09 24.44 -9.55
C GLY D 168 -30.03 25.42 -9.01
N PHE D 169 -29.82 25.47 -7.70
CA PHE D 169 -28.73 26.22 -7.16
C PHE D 169 -27.37 25.53 -7.41
N GLU D 170 -27.35 24.22 -7.66
CA GLU D 170 -26.12 23.47 -7.88
C GLU D 170 -25.93 23.05 -9.32
N ILE D 171 -27.02 22.55 -9.93
CA ILE D 171 -26.99 22.15 -11.33
C ILE D 171 -28.10 22.91 -12.04
N ASP D 172 -27.69 23.64 -13.05
CA ASP D 172 -28.59 24.20 -14.02
C ASP D 172 -28.53 23.36 -15.29
N LEU D 173 -29.64 23.03 -15.86
CA LEU D 173 -29.75 22.36 -17.14
C LEU D 173 -30.09 23.28 -18.23
N LYS D 174 -29.62 23.06 -19.44
CA LYS D 174 -30.13 23.71 -20.61
C LYS D 174 -30.07 22.87 -21.85
N THR D 175 -30.68 23.32 -22.93
CA THR D 175 -30.66 22.66 -24.24
C THR D 175 -29.94 23.55 -25.21
N ASP D 176 -29.40 23.04 -26.30
CA ASP D 176 -28.83 23.91 -27.38
C ASP D 176 -29.92 24.29 -28.34
N THR D 177 -30.91 23.41 -28.47
CA THR D 177 -32.02 23.59 -29.36
C THR D 177 -33.27 23.03 -28.68
N ASP D 178 -34.43 23.50 -29.08
CA ASP D 178 -35.71 22.97 -28.60
C ASP D 178 -36.23 21.82 -29.42
N GLN D 179 -35.63 21.58 -30.59
CA GLN D 179 -36.02 20.48 -31.43
C GLN D 179 -35.16 19.27 -31.11
N VAL D 180 -35.84 18.16 -30.78
CA VAL D 180 -35.23 16.88 -30.68
C VAL D 180 -34.74 16.45 -32.06
N ASP D 181 -33.53 15.94 -32.12
CA ASP D 181 -32.98 15.45 -33.36
C ASP D 181 -33.58 14.10 -33.72
N LEU D 182 -34.13 14.02 -34.93
CA LEU D 182 -34.75 12.83 -35.46
C LEU D 182 -34.02 12.23 -36.61
N SER D 183 -32.79 12.66 -36.87
CA SER D 183 -32.09 12.12 -38.03
C SER D 183 -31.59 10.67 -37.90
N SER D 184 -31.61 10.09 -36.71
CA SER D 184 -31.36 8.63 -36.54
C SER D 184 -32.66 7.87 -36.29
N TYR D 185 -33.82 8.50 -36.44
CA TYR D 185 -35.06 7.77 -36.15
C TYR D 185 -35.23 6.66 -37.17
N TYR D 186 -35.58 5.48 -36.69
CA TYR D 186 -35.73 4.27 -37.48
C TYR D 186 -36.91 4.45 -38.45
N ALA D 187 -36.58 4.45 -39.73
CA ALA D 187 -37.58 4.68 -40.78
C ALA D 187 -38.70 3.65 -40.78
N SER D 188 -38.44 2.40 -40.38
CA SER D 188 -39.54 1.42 -40.32
C SER D 188 -40.06 1.14 -38.93
N SER D 189 -39.90 2.08 -38.01
CA SER D 189 -40.53 1.92 -36.69
C SER D 189 -42.01 1.64 -36.90
N LYS D 190 -42.65 0.96 -35.97
CA LYS D 190 -44.12 0.93 -35.95
C LYS D 190 -44.74 2.30 -35.70
N TYR D 191 -43.99 3.26 -35.18
CA TYR D 191 -44.55 4.56 -34.81
C TYR D 191 -43.79 5.64 -35.52
N GLU D 192 -44.53 6.69 -35.87
CA GLU D 192 -44.07 7.77 -36.71
C GLU D 192 -44.06 8.96 -35.75
N ILE D 193 -43.04 9.80 -35.83
CA ILE D 193 -42.96 10.95 -34.95
C ILE D 193 -43.61 12.15 -35.61
N LEU D 194 -44.59 12.74 -34.96
CA LEU D 194 -45.23 13.95 -35.49
C LEU D 194 -44.52 15.18 -35.00
N SER D 195 -44.21 15.24 -33.71
CA SER D 195 -43.23 16.21 -33.23
C SER D 195 -42.53 15.74 -31.98
N ALA D 196 -41.42 16.42 -31.70
CA ALA D 196 -40.55 16.09 -30.58
C ALA D 196 -39.79 17.29 -30.15
N THR D 197 -40.07 17.75 -28.94
CA THR D 197 -39.36 18.91 -28.41
C THR D 197 -38.70 18.60 -27.08
N GLN D 198 -37.78 19.46 -26.71
CA GLN D 198 -37.05 19.36 -25.47
C GLN D 198 -36.90 20.74 -24.90
N THR D 199 -37.44 20.95 -23.71
CA THR D 199 -37.63 22.29 -23.20
C THR D 199 -37.16 22.40 -21.75
N ARG D 200 -36.26 23.35 -21.48
CA ARG D 200 -35.89 23.65 -20.11
C ARG D 200 -37.08 24.21 -19.34
N GLN D 201 -37.30 23.73 -18.12
CA GLN D 201 -38.28 24.26 -17.20
C GLN D 201 -37.64 24.46 -15.84
N VAL D 202 -38.15 25.44 -15.10
CA VAL D 202 -37.71 25.73 -13.76
C VAL D 202 -38.93 25.51 -12.89
N GLN D 203 -38.81 24.61 -11.92
CA GLN D 203 -39.95 24.00 -11.27
C GLN D 203 -39.82 24.41 -9.78
N HIS D 204 -40.96 24.75 -9.16
CA HIS D 204 -41.10 24.76 -7.75
C HIS D 204 -42.00 23.68 -7.23
N TYR D 205 -41.60 23.08 -6.12
CA TYR D 205 -42.33 22.05 -5.42
C TYR D 205 -42.66 22.60 -4.05
N SER D 206 -43.78 22.13 -3.48
CA SER D 206 -44.27 22.60 -2.17
C SER D 206 -43.40 22.26 -0.98
N CYS D 207 -42.63 21.16 -1.07
CA CYS D 207 -41.65 20.78 -0.04
C CYS D 207 -40.53 21.82 0.27
N CYS D 208 -40.19 22.66 -0.72
CA CYS D 208 -38.81 23.17 -0.85
C CYS D 208 -38.80 24.60 -1.39
N PRO D 209 -37.99 25.48 -0.78
CA PRO D 209 -37.78 26.80 -1.44
C PRO D 209 -36.92 26.80 -2.69
N GLU D 210 -36.08 25.79 -2.86
CA GLU D 210 -35.05 25.81 -3.97
C GLU D 210 -35.77 25.42 -5.27
N PRO D 211 -35.48 26.08 -6.36
CA PRO D 211 -35.91 25.63 -7.64
C PRO D 211 -35.20 24.35 -8.13
N TYR D 212 -35.89 23.56 -8.96
CA TYR D 212 -35.36 22.38 -9.62
C TYR D 212 -35.49 22.59 -11.10
N ILE D 213 -34.45 22.22 -11.85
CA ILE D 213 -34.45 22.39 -13.30
C ILE D 213 -34.67 21.03 -13.95
N ASP D 214 -35.47 21.01 -15.01
CA ASP D 214 -35.65 19.82 -15.78
C ASP D 214 -35.67 20.15 -17.23
N VAL D 215 -35.48 19.13 -18.07
CA VAL D 215 -35.70 19.23 -19.48
C VAL D 215 -36.85 18.29 -19.79
N ASN D 216 -37.93 18.84 -20.38
CA ASN D 216 -39.16 18.11 -20.63
C ASN D 216 -39.13 17.65 -22.07
N LEU D 217 -39.15 16.34 -22.27
CA LEU D 217 -39.13 15.75 -23.59
C LEU D 217 -40.58 15.45 -23.93
N VAL D 218 -41.09 16.07 -24.99
CA VAL D 218 -42.51 15.93 -25.37
C VAL D 218 -42.55 15.36 -26.72
N VAL D 219 -43.21 14.22 -26.87
CA VAL D 219 -43.21 13.51 -28.14
C VAL D 219 -44.66 13.20 -28.55
N LYS D 220 -44.99 13.59 -29.77
CA LYS D 220 -46.29 13.31 -30.36
C LYS D 220 -46.02 12.30 -31.45
N PHE D 221 -46.76 11.19 -31.40
CA PHE D 221 -46.51 10.11 -32.34
C PHE D 221 -47.78 9.32 -32.65
N ARG D 222 -47.72 8.49 -33.69
CA ARG D 222 -48.86 7.62 -34.04
C ARG D 222 -48.39 6.40 -34.78
N GLU D 223 -49.27 5.41 -34.93
CA GLU D 223 -48.93 4.21 -35.73
C GLU D 223 -48.62 4.62 -37.16
N ARG D 224 -47.55 4.06 -37.73
CA ARG D 224 -47.17 4.31 -39.12
C ARG D 224 -48.29 3.81 -40.08
N ARG D 225 -48.56 4.59 -41.10
CA ARG D 225 -49.48 4.22 -42.20
C ARG D 225 -49.10 2.78 -42.71
N GLN E 20 -14.53 23.62 -4.94
CA GLN E 20 -14.10 22.22 -5.07
C GLN E 20 -13.19 21.92 -3.89
N ALA E 21 -12.18 22.74 -3.68
CA ALA E 21 -11.10 22.42 -2.74
C ALA E 21 -11.61 22.20 -1.31
N ASN E 22 -12.50 23.09 -0.88
CA ASN E 22 -13.05 22.97 0.45
C ASN E 22 -13.90 21.70 0.59
N LEU E 23 -14.68 21.40 -0.45
CA LEU E 23 -15.49 20.23 -0.43
C LEU E 23 -14.63 18.95 -0.46
N MET E 24 -13.57 18.92 -1.27
CA MET E 24 -12.67 17.74 -1.34
C MET E 24 -12.06 17.46 0.03
N ARG E 25 -11.72 18.53 0.69
CA ARG E 25 -11.13 18.51 2.01
C ARG E 25 -12.15 17.99 3.05
N LEU E 26 -13.39 18.47 2.99
CA LEU E 26 -14.43 17.97 3.87
C LEU E 26 -14.65 16.48 3.66
N LYS E 27 -14.75 16.05 2.42
CA LYS E 27 -15.06 14.64 2.14
C LYS E 27 -13.92 13.76 2.65
N SER E 28 -12.73 14.24 2.45
CA SER E 28 -11.55 13.57 2.92
C SER E 28 -11.52 13.50 4.46
N ASP E 29 -11.84 14.59 5.14
CA ASP E 29 -11.93 14.54 6.60
C ASP E 29 -13.03 13.63 7.13
N LEU E 30 -14.19 13.63 6.52
CA LEU E 30 -15.29 12.77 6.97
C LEU E 30 -15.10 11.28 6.64
N PHE E 31 -14.52 10.96 5.50
CA PHE E 31 -14.51 9.57 5.00
C PHE E 31 -13.15 8.84 5.02
N ASN E 32 -12.04 9.55 4.79
CA ASN E 32 -10.70 8.93 4.76
C ASN E 32 -9.98 8.97 6.08
N ARG E 33 -10.48 9.67 7.09
CA ARG E 33 -9.77 9.80 8.38
C ARG E 33 -10.32 8.93 9.50
N SER E 34 -11.41 8.18 9.29
CA SER E 34 -11.89 7.23 10.34
C SER E 34 -12.68 6.14 9.67
N PRO E 35 -12.96 5.03 10.40
CA PRO E 35 -13.66 3.92 9.70
C PRO E 35 -15.11 4.31 9.52
N MET E 36 -15.82 3.56 8.69
CA MET E 36 -17.24 3.85 8.45
C MET E 36 -18.00 3.60 9.81
N TYR E 37 -19.05 4.39 10.00
CA TYR E 37 -20.02 4.12 11.02
C TYR E 37 -20.42 2.60 10.92
N PRO E 38 -20.26 1.84 12.03
CA PRO E 38 -20.52 0.40 12.01
C PRO E 38 -22.00 0.03 12.21
N GLY E 39 -22.89 1.03 12.20
CA GLY E 39 -24.30 0.82 12.41
C GLY E 39 -24.66 0.98 13.90
N PRO E 40 -25.95 1.09 14.20
CA PRO E 40 -26.41 1.31 15.54
C PRO E 40 -26.34 0.05 16.43
N THR E 41 -26.35 0.27 17.76
CA THR E 41 -26.51 -0.81 18.75
C THR E 41 -27.59 -0.43 19.80
N LYS E 42 -27.91 -1.37 20.68
CA LYS E 42 -28.79 -1.15 21.85
C LYS E 42 -28.42 0.11 22.61
N ASP E 43 -27.10 0.29 22.88
CA ASP E 43 -26.63 1.47 23.59
C ASP E 43 -26.61 2.75 22.79
N ASP E 44 -26.46 2.67 21.47
CA ASP E 44 -26.41 3.89 20.62
C ASP E 44 -27.37 3.72 19.46
N PRO E 45 -28.68 3.69 19.76
CA PRO E 45 -29.67 3.49 18.75
C PRO E 45 -29.81 4.69 17.87
N LEU E 46 -30.56 4.49 16.79
CA LEU E 46 -30.69 5.46 15.72
C LEU E 46 -32.12 5.48 15.26
N THR E 47 -32.60 6.65 14.91
CA THR E 47 -33.89 6.83 14.40
C THR E 47 -33.84 7.14 12.91
N VAL E 48 -34.61 6.40 12.14
CA VAL E 48 -34.73 6.58 10.71
C VAL E 48 -36.17 6.98 10.42
N THR E 49 -36.34 8.08 9.72
CA THR E 49 -37.62 8.55 9.33
C THR E 49 -37.87 8.21 7.87
N LEU E 50 -39.00 7.60 7.56
CA LEU E 50 -39.42 7.28 6.20
C LEU E 50 -40.66 8.03 5.81
N GLY E 51 -40.74 8.43 4.55
CA GLY E 51 -41.97 8.79 3.91
C GLY E 51 -42.00 8.29 2.47
N PHE E 52 -43.18 7.92 2.00
CA PHE E 52 -43.40 7.42 0.65
C PHE E 52 -44.08 8.43 -0.25
N PHE E 53 -43.77 8.36 -1.55
CA PHE E 53 -44.23 9.25 -2.58
C PHE E 53 -44.62 8.33 -3.73
N LEU E 54 -45.89 8.03 -3.82
CA LEU E 54 -46.39 7.11 -4.81
C LEU E 54 -46.48 7.79 -6.15
N GLN E 55 -45.99 7.12 -7.18
CA GLN E 55 -45.99 7.63 -8.53
C GLN E 55 -46.92 6.85 -9.45
N ASP E 56 -47.04 5.55 -9.32
CA ASP E 56 -47.85 4.78 -10.25
C ASP E 56 -48.05 3.36 -9.77
N ILE E 57 -49.29 2.88 -9.84
CA ILE E 57 -49.58 1.45 -9.79
C ILE E 57 -49.59 1.06 -11.25
N VAL E 58 -48.59 0.27 -11.65
CA VAL E 58 -48.31 0.05 -13.02
C VAL E 58 -49.15 -1.12 -13.47
N LYS E 59 -49.14 -2.20 -12.68
CA LYS E 59 -50.00 -3.30 -12.96
C LYS E 59 -50.37 -4.15 -11.78
N VAL E 60 -51.36 -4.98 -12.08
CA VAL E 60 -51.99 -5.88 -11.18
C VAL E 60 -51.93 -7.23 -11.87
N ASP E 61 -51.64 -8.30 -11.14
CA ASP E 61 -51.67 -9.65 -11.74
C ASP E 61 -52.55 -10.52 -10.86
N SER E 62 -53.77 -10.75 -11.34
CA SER E 62 -54.77 -11.48 -10.55
C SER E 62 -54.58 -12.96 -10.62
N SER E 63 -53.72 -13.46 -11.52
CA SER E 63 -53.40 -14.86 -11.51
C SER E 63 -52.30 -15.22 -10.49
N THR E 64 -51.48 -14.24 -10.05
CA THR E 64 -50.42 -14.47 -9.05
C THR E 64 -50.58 -13.68 -7.77
N ASN E 65 -51.52 -12.76 -7.71
CA ASN E 65 -51.67 -11.84 -6.56
C ASN E 65 -50.40 -11.05 -6.26
N GLU E 66 -49.92 -10.41 -7.32
CA GLU E 66 -48.79 -9.50 -7.28
C GLU E 66 -49.26 -8.19 -7.85
N VAL E 67 -48.89 -7.11 -7.19
CA VAL E 67 -49.11 -5.78 -7.73
C VAL E 67 -47.76 -5.05 -7.81
N ASP E 68 -47.62 -4.23 -8.85
CA ASP E 68 -46.39 -3.48 -9.14
C ASP E 68 -46.59 -1.98 -8.93
N LEU E 69 -45.74 -1.40 -8.09
CA LEU E 69 -45.77 -0.01 -7.71
C LEU E 69 -44.46 0.68 -8.04
N VAL E 70 -44.55 1.92 -8.48
CA VAL E 70 -43.42 2.77 -8.66
C VAL E 70 -43.58 3.89 -7.69
N TYR E 71 -42.54 4.16 -6.92
CA TYR E 71 -42.58 5.17 -5.91
C TYR E 71 -41.16 5.60 -5.56
N TYR E 72 -41.03 6.69 -4.83
CA TYR E 72 -39.80 6.95 -4.10
C TYR E 72 -40.07 7.11 -2.63
N GLU E 73 -38.99 7.10 -1.89
CA GLU E 73 -38.99 6.88 -0.48
C GLU E 73 -37.96 7.86 0.07
N ARG E 74 -38.33 8.79 0.94
CA ARG E 74 -37.36 9.62 1.62
C ARG E 74 -36.96 8.96 2.90
N GLN E 75 -35.66 8.76 3.12
CA GLN E 75 -35.11 8.22 4.36
C GLN E 75 -34.23 9.25 4.98
N ARG E 76 -34.32 9.42 6.29
CA ARG E 76 -33.60 10.45 6.99
C ARG E 76 -33.09 9.93 8.32
N TRP E 77 -31.81 10.19 8.60
CA TRP E 77 -31.22 9.86 9.90
C TRP E 77 -30.07 10.81 10.14
N LYS E 78 -29.43 10.68 11.30
CA LYS E 78 -28.46 11.67 11.73
C LYS E 78 -27.35 10.99 12.51
N LEU E 79 -26.11 11.30 12.14
CA LEU E 79 -24.91 10.73 12.77
C LEU E 79 -24.00 11.84 13.27
N ASN E 80 -23.56 11.74 14.51
CA ASN E 80 -22.52 12.59 15.03
C ASN E 80 -21.25 12.62 14.18
N SER E 81 -20.86 11.46 13.65
CA SER E 81 -19.62 11.38 12.88
C SER E 81 -19.71 12.09 11.50
N LEU E 82 -20.90 12.53 11.09
CA LEU E 82 -21.03 13.29 9.84
C LEU E 82 -21.20 14.79 10.06
N MET E 83 -21.02 15.24 11.30
CA MET E 83 -21.11 16.67 11.61
C MET E 83 -19.85 17.40 11.22
N TRP E 84 -20.02 18.64 10.78
CA TRP E 84 -18.91 19.58 10.71
C TRP E 84 -19.41 20.98 10.97
N ASP E 85 -18.46 21.85 11.25
CA ASP E 85 -18.70 23.28 11.36
C ASP E 85 -18.50 23.93 9.98
N PRO E 86 -19.53 24.52 9.42
CA PRO E 86 -19.30 25.15 8.10
C PRO E 86 -18.22 26.21 8.03
N ASN E 87 -17.90 26.91 9.13
CA ASN E 87 -16.85 27.95 9.10
CA ASN E 87 -16.85 27.95 9.10
C ASN E 87 -15.50 27.38 8.79
N GLU E 88 -15.28 26.12 9.16
CA GLU E 88 -14.03 25.43 8.88
C GLU E 88 -13.92 24.93 7.43
N TYR E 89 -15.00 25.01 6.62
CA TYR E 89 -15.01 24.43 5.28
C TYR E 89 -15.69 25.35 4.26
N GLY E 90 -15.31 26.61 4.32
CA GLY E 90 -15.73 27.60 3.36
C GLY E 90 -17.20 27.84 3.31
N ASN E 91 -17.86 27.64 4.45
CA ASN E 91 -19.32 27.80 4.57
C ASN E 91 -20.17 26.77 3.84
N ILE E 92 -19.60 25.62 3.52
CA ILE E 92 -20.38 24.50 2.96
C ILE E 92 -21.30 23.97 4.08
N THR E 93 -22.58 23.90 3.78
CA THR E 93 -23.60 23.42 4.71
C THR E 93 -24.15 22.06 4.34
N ASP E 94 -23.95 21.63 3.11
CA ASP E 94 -24.37 20.31 2.70
C ASP E 94 -23.66 19.93 1.41
N PHE E 95 -23.65 18.62 1.12
CA PHE E 95 -23.07 18.10 -0.10
C PHE E 95 -23.73 16.80 -0.50
N ARG E 96 -23.55 16.46 -1.75
CA ARG E 96 -23.99 15.19 -2.28
C ARG E 96 -22.87 14.22 -2.34
N THR E 97 -23.19 12.95 -2.11
CA THR E 97 -22.22 11.92 -2.18
C THR E 97 -22.85 10.55 -2.44
N SER E 98 -22.09 9.71 -3.05
CA SER E 98 -22.49 8.37 -3.38
C SER E 98 -22.89 7.64 -2.09
N ALA E 99 -24.00 6.91 -2.15
CA ALA E 99 -24.44 6.12 -1.00
C ALA E 99 -23.47 5.05 -0.53
N ALA E 100 -22.60 4.63 -1.42
CA ALA E 100 -21.53 3.71 -1.06
C ALA E 100 -20.52 4.31 -0.07
N ASP E 101 -20.43 5.62 0.02
CA ASP E 101 -19.49 6.27 0.96
C ASP E 101 -19.93 6.26 2.42
N ILE E 102 -21.21 5.94 2.67
CA ILE E 102 -21.79 6.06 3.98
C ILE E 102 -22.60 4.82 4.33
N TRP E 103 -22.86 4.68 5.61
CA TRP E 103 -23.76 3.66 6.08
C TRP E 103 -25.17 4.08 5.64
N THR E 104 -25.98 3.10 5.27
CA THR E 104 -27.40 3.32 5.01
C THR E 104 -28.21 2.20 5.69
N PRO E 105 -29.44 2.52 6.07
CA PRO E 105 -30.23 1.51 6.73
C PRO E 105 -30.77 0.46 5.71
N ASP E 106 -30.97 -0.74 6.22
CA ASP E 106 -31.43 -1.87 5.44
C ASP E 106 -32.97 -2.00 5.43
N ILE E 107 -33.62 -0.92 5.06
CA ILE E 107 -35.09 -0.92 5.01
C ILE E 107 -35.58 -1.84 3.90
N THR E 108 -36.49 -2.75 4.21
CA THR E 108 -36.88 -3.79 3.27
C THR E 108 -38.41 -3.88 3.24
N ALA E 109 -38.95 -4.09 2.06
CA ALA E 109 -40.36 -4.45 1.92
C ALA E 109 -40.50 -5.90 2.29
N ALA E 110 -41.27 -6.18 3.33
CA ALA E 110 -41.39 -7.52 3.88
C ALA E 110 -42.17 -8.51 3.02
N SER E 111 -42.97 -8.01 2.09
CA SER E 111 -43.82 -8.87 1.26
C SER E 111 -43.57 -8.68 -0.25
N SER E 112 -42.37 -8.24 -0.60
CA SER E 112 -41.94 -8.25 -2.00
C SER E 112 -41.89 -9.67 -2.56
N THR E 113 -42.12 -9.79 -3.86
CA THR E 113 -42.02 -11.06 -4.56
C THR E 113 -40.93 -11.10 -5.62
N ARG E 114 -40.21 -9.98 -5.77
CA ARG E 114 -39.09 -9.86 -6.74
C ARG E 114 -38.11 -8.89 -6.12
N PRO E 115 -36.84 -8.97 -6.52
CA PRO E 115 -35.94 -7.88 -6.12
C PRO E 115 -36.47 -6.54 -6.60
N VAL E 116 -36.37 -5.56 -5.72
CA VAL E 116 -36.70 -4.21 -6.01
C VAL E 116 -35.81 -3.69 -7.14
N GLN E 117 -36.40 -3.05 -8.10
CA GLN E 117 -35.68 -2.40 -9.18
C GLN E 117 -35.43 -0.90 -8.88
N VAL E 118 -34.19 -0.50 -8.88
CA VAL E 118 -33.81 0.83 -8.53
C VAL E 118 -33.93 1.73 -9.76
N LEU E 119 -34.65 2.84 -9.63
CA LEU E 119 -34.90 3.77 -10.73
C LEU E 119 -34.15 5.08 -10.60
N SER E 120 -33.43 5.28 -9.50
CA SER E 120 -32.72 6.53 -9.29
C SER E 120 -31.26 6.28 -8.91
N PRO E 121 -30.41 7.27 -9.12
CA PRO E 121 -29.02 7.22 -8.73
C PRO E 121 -28.89 7.06 -7.23
N GLN E 122 -27.91 6.28 -6.82
CA GLN E 122 -27.69 5.93 -5.44
C GLN E 122 -26.82 7.02 -4.79
N ILE E 123 -27.44 8.17 -4.51
CA ILE E 123 -26.70 9.33 -4.02
C ILE E 123 -27.44 9.91 -2.85
N ALA E 124 -26.73 10.34 -1.84
CA ALA E 124 -27.35 10.96 -0.67
C ALA E 124 -26.90 12.39 -0.46
N VAL E 125 -27.68 13.12 0.33
CA VAL E 125 -27.37 14.47 0.72
C VAL E 125 -27.01 14.45 2.17
N VAL E 126 -25.86 14.98 2.48
CA VAL E 126 -25.38 15.02 3.84
C VAL E 126 -25.31 16.50 4.23
N THR E 127 -25.79 16.82 5.43
CA THR E 127 -25.90 18.18 5.93
C THR E 127 -25.01 18.32 7.17
N HIS E 128 -24.54 19.54 7.42
CA HIS E 128 -23.53 19.84 8.45
C HIS E 128 -23.88 19.46 9.87
N ASP E 129 -25.16 19.30 10.15
CA ASP E 129 -25.61 18.77 11.45
C ASP E 129 -25.57 17.26 11.54
N GLY E 130 -25.03 16.59 10.51
CA GLY E 130 -24.86 15.15 10.51
C GLY E 130 -26.06 14.42 9.96
N SER E 131 -27.03 15.15 9.44
CA SER E 131 -28.22 14.49 8.92
C SER E 131 -28.00 14.10 7.46
N VAL E 132 -28.61 12.98 7.12
CA VAL E 132 -28.48 12.38 5.82
C VAL E 132 -29.86 12.18 5.29
N MET E 133 -30.00 12.44 4.01
CA MET E 133 -31.25 12.26 3.31
C MET E 133 -30.94 11.36 2.09
N PHE E 134 -31.61 10.21 1.99
CA PHE E 134 -31.47 9.32 0.86
C PHE E 134 -32.86 9.01 0.32
N SER E 135 -33.04 9.22 -0.99
CA SER E 135 -34.35 9.16 -1.62
C SER E 135 -34.41 8.22 -2.82
N PRO E 136 -34.29 6.94 -2.56
CA PRO E 136 -34.37 6.02 -3.68
C PRO E 136 -35.74 5.87 -4.25
N ALA E 137 -35.79 5.85 -5.58
CA ALA E 137 -36.94 5.47 -6.36
C ALA E 137 -36.87 4.01 -6.78
N GLN E 138 -38.00 3.33 -6.81
CA GLN E 138 -38.04 1.90 -6.81
C GLN E 138 -39.29 1.46 -7.60
N ARG E 139 -39.16 0.34 -8.28
CA ARG E 139 -40.28 -0.46 -8.67
C ARG E 139 -40.31 -1.70 -7.84
N LEU E 140 -41.46 -1.95 -7.22
CA LEU E 140 -41.66 -3.05 -6.29
C LEU E 140 -42.83 -3.92 -6.76
N SER E 141 -42.62 -5.23 -6.79
CA SER E 141 -43.67 -6.20 -6.88
C SER E 141 -43.94 -6.75 -5.50
N PHE E 142 -45.20 -6.75 -5.08
CA PHE E 142 -45.52 -7.23 -3.72
C PHE E 142 -46.87 -8.00 -3.69
N MET E 143 -47.04 -8.78 -2.63
CA MET E 143 -48.19 -9.65 -2.43
C MET E 143 -49.45 -8.86 -2.20
N CYS E 144 -50.41 -9.01 -3.11
CA CYS E 144 -51.66 -8.26 -3.06
C CYS E 144 -52.70 -8.96 -3.93
N ASP E 145 -53.83 -9.29 -3.33
CA ASP E 145 -54.99 -9.83 -4.04
C ASP E 145 -55.78 -8.65 -4.57
N PRO E 146 -55.78 -8.48 -5.89
CA PRO E 146 -56.47 -7.35 -6.49
C PRO E 146 -57.98 -7.59 -6.78
N THR E 147 -58.53 -8.73 -6.37
CA THR E 147 -59.98 -8.95 -6.45
C THR E 147 -60.76 -7.76 -5.86
N GLY E 148 -61.66 -7.20 -6.69
CA GLY E 148 -62.46 -6.05 -6.32
C GLY E 148 -61.98 -4.73 -6.88
N VAL E 149 -60.89 -4.77 -7.65
CA VAL E 149 -60.25 -3.55 -8.10
C VAL E 149 -61.12 -2.86 -9.16
N ASP E 150 -61.86 -3.67 -9.93
CA ASP E 150 -62.79 -3.16 -11.00
C ASP E 150 -64.13 -2.58 -10.48
N SER E 151 -64.38 -2.73 -9.19
CA SER E 151 -65.51 -2.16 -8.53
C SER E 151 -65.27 -0.68 -8.18
N GLU E 152 -66.25 -0.07 -7.55
CA GLU E 152 -66.20 1.31 -7.14
C GLU E 152 -65.59 1.46 -5.72
N GLU E 153 -65.78 0.45 -4.85
CA GLU E 153 -65.19 0.44 -3.50
C GLU E 153 -63.67 0.23 -3.60
N GLY E 154 -63.25 -0.42 -4.69
CA GLY E 154 -61.86 -0.71 -4.96
C GLY E 154 -61.30 -1.83 -4.11
N VAL E 155 -59.98 -1.84 -3.94
CA VAL E 155 -59.32 -2.86 -3.14
C VAL E 155 -58.23 -2.22 -2.29
N THR E 156 -57.99 -2.80 -1.14
CA THR E 156 -56.98 -2.36 -0.22
C THR E 156 -55.82 -3.38 -0.22
N CYS E 157 -54.59 -2.88 -0.34
CA CYS E 157 -53.39 -3.67 -0.08
C CYS E 157 -52.43 -2.95 0.81
N ALA E 158 -51.59 -3.75 1.43
CA ALA E 158 -50.65 -3.28 2.41
C ALA E 158 -49.27 -3.92 2.22
N VAL E 159 -48.24 -3.13 2.53
CA VAL E 159 -46.90 -3.68 2.59
C VAL E 159 -46.15 -3.01 3.71
N LYS E 160 -45.53 -3.84 4.54
CA LYS E 160 -44.70 -3.39 5.63
C LYS E 160 -43.25 -3.16 5.16
N PHE E 161 -42.69 -2.08 5.66
CA PHE E 161 -41.33 -1.76 5.50
C PHE E 161 -40.66 -1.80 6.85
N GLU E 162 -39.54 -2.53 6.94
CA GLU E 162 -38.82 -2.65 8.20
C GLU E 162 -37.33 -2.85 7.93
N SER E 163 -36.52 -2.65 8.97
CA SER E 163 -35.16 -3.11 9.00
C SER E 163 -35.21 -4.64 8.97
N TRP E 164 -34.43 -5.24 8.08
CA TRP E 164 -34.38 -6.71 8.03
C TRP E 164 -33.67 -7.29 9.24
N VAL E 165 -32.62 -6.65 9.74
CA VAL E 165 -31.80 -7.27 10.76
C VAL E 165 -31.68 -6.49 12.05
N TYR E 166 -32.11 -5.24 12.07
CA TYR E 166 -32.08 -4.46 13.30
C TYR E 166 -33.48 -4.39 13.95
N SER E 167 -33.51 -4.62 15.24
CA SER E 167 -34.74 -4.58 16.07
C SER E 167 -34.98 -3.13 16.40
N GLY E 168 -36.10 -2.89 17.06
CA GLY E 168 -36.44 -1.55 17.55
C GLY E 168 -35.54 -1.03 18.67
N PHE E 169 -34.74 -1.92 19.30
CA PHE E 169 -33.71 -1.44 20.18
C PHE E 169 -32.55 -0.74 19.46
N GLU E 170 -32.35 -1.04 18.18
CA GLU E 170 -31.22 -0.48 17.42
C GLU E 170 -31.66 0.55 16.42
N ILE E 171 -32.74 0.25 15.69
CA ILE E 171 -33.30 1.21 14.74
C ILE E 171 -34.76 1.39 15.12
N ASP E 172 -35.09 2.64 15.40
CA ASP E 172 -36.45 3.05 15.54
C ASP E 172 -36.88 3.76 14.25
N LEU E 173 -38.03 3.32 13.70
CA LEU E 173 -38.56 3.93 12.51
C LEU E 173 -39.64 4.84 12.83
N LYS E 174 -39.75 5.92 12.07
CA LYS E 174 -40.87 6.84 12.28
C LYS E 174 -41.26 7.43 10.92
N THR E 175 -42.43 8.06 10.91
CA THR E 175 -42.90 8.85 9.75
C THR E 175 -43.01 10.29 10.23
N ASP E 176 -42.97 11.27 9.33
CA ASP E 176 -43.23 12.68 9.69
C ASP E 176 -44.72 12.93 9.60
N THR E 177 -45.41 12.19 8.73
CA THR E 177 -46.82 12.32 8.52
C THR E 177 -47.37 10.93 8.24
N ASP E 178 -48.66 10.73 8.46
CA ASP E 178 -49.33 9.49 8.16
C ASP E 178 -49.91 9.45 6.75
N GLN E 179 -49.93 10.58 6.07
CA GLN E 179 -50.42 10.63 4.72
C GLN E 179 -49.27 10.43 3.74
N VAL E 180 -49.44 9.45 2.87
CA VAL E 180 -48.58 9.26 1.76
C VAL E 180 -48.76 10.42 0.81
N ASP E 181 -47.64 10.94 0.30
CA ASP E 181 -47.68 12.00 -0.69
C ASP E 181 -48.06 11.43 -2.06
N LEU E 182 -49.12 12.01 -2.64
CA LEU E 182 -49.63 11.66 -3.92
C LEU E 182 -49.48 12.72 -4.94
N SER E 183 -48.70 13.73 -4.68
CA SER E 183 -48.60 14.83 -5.66
C SER E 183 -47.84 14.55 -6.92
N SER E 184 -47.10 13.46 -7.01
CA SER E 184 -46.47 12.99 -8.27
C SER E 184 -47.18 11.76 -8.78
N TYR E 185 -48.36 11.42 -8.28
CA TYR E 185 -49.06 10.25 -8.82
C TYR E 185 -49.45 10.54 -10.26
N TYR E 186 -49.21 9.58 -11.13
CA TYR E 186 -49.44 9.69 -12.55
C TYR E 186 -50.95 9.82 -12.82
N ALA E 187 -51.33 10.97 -13.37
CA ALA E 187 -52.72 11.29 -13.64
C ALA E 187 -53.39 10.30 -14.57
N SER E 188 -52.70 9.70 -15.53
CA SER E 188 -53.31 8.69 -16.40
C SER E 188 -52.97 7.27 -16.07
N SER E 189 -52.62 6.98 -14.82
CA SER E 189 -52.44 5.59 -14.42
C SER E 189 -53.69 4.81 -14.77
N LYS E 190 -53.57 3.51 -15.00
CA LYS E 190 -54.78 2.66 -15.03
C LYS E 190 -55.50 2.58 -13.70
N TYR E 191 -54.83 2.94 -12.60
CA TYR E 191 -55.42 2.80 -11.26
C TYR E 191 -55.42 4.13 -10.58
N GLU E 192 -56.44 4.35 -9.78
CA GLU E 192 -56.77 5.61 -9.16
C GLU E 192 -56.56 5.32 -7.67
N ILE E 193 -55.95 6.25 -6.95
CA ILE E 193 -55.72 6.05 -5.53
C ILE E 193 -56.90 6.62 -4.74
N LEU E 194 -57.53 5.80 -3.92
CA LEU E 194 -58.60 6.27 -3.06
C LEU E 194 -58.05 6.75 -1.73
N SER E 195 -57.16 5.97 -1.13
CA SER E 195 -56.36 6.49 -0.04
C SER E 195 -55.02 5.78 0.09
N ALA E 196 -54.13 6.44 0.83
CA ALA E 196 -52.77 5.95 1.02
C ALA E 196 -52.22 6.46 2.31
N THR E 197 -51.96 5.55 3.23
CA THR E 197 -51.36 5.94 4.51
C THR E 197 -50.07 5.19 4.78
N GLN E 198 -49.32 5.72 5.72
CA GLN E 198 -48.08 5.14 6.16
C GLN E 198 -47.99 5.28 7.66
N THR E 199 -47.94 4.17 8.34
CA THR E 199 -48.15 4.15 9.78
C THR E 199 -47.10 3.35 10.52
N ARG E 200 -46.40 3.96 11.48
CA ARG E 200 -45.55 3.23 12.35
C ARG E 200 -46.31 2.24 13.21
N GLN E 201 -45.81 1.02 13.31
CA GLN E 201 -46.33 0.00 14.21
C GLN E 201 -45.19 -0.60 15.02
N VAL E 202 -45.49 -0.87 16.28
CA VAL E 202 -44.56 -1.46 17.19
C VAL E 202 -45.15 -2.78 17.60
N GLN E 203 -44.43 -3.89 17.36
CA GLN E 203 -44.81 -5.18 17.77
C GLN E 203 -43.96 -5.71 18.91
N HIS E 204 -44.59 -6.29 19.89
CA HIS E 204 -43.83 -7.06 20.94
C HIS E 204 -44.41 -8.49 20.93
N TYR E 205 -43.52 -9.46 20.93
CA TYR E 205 -43.85 -10.86 20.87
C TYR E 205 -43.33 -11.53 22.13
N SER E 206 -43.99 -12.58 22.56
CA SER E 206 -43.66 -13.35 23.78
C SER E 206 -42.30 -14.06 23.74
N CYS E 207 -41.84 -14.46 22.55
CA CYS E 207 -40.52 -15.07 22.36
C CYS E 207 -39.29 -14.21 22.79
N CYS E 208 -39.46 -12.88 22.77
CA CYS E 208 -38.35 -11.96 22.51
C CYS E 208 -38.51 -10.66 23.30
N PRO E 209 -37.48 -10.19 24.01
CA PRO E 209 -37.65 -8.87 24.66
C PRO E 209 -37.69 -7.65 23.72
N GLU E 210 -37.10 -7.79 22.52
CA GLU E 210 -36.95 -6.69 21.59
C GLU E 210 -38.22 -6.32 20.92
N PRO E 211 -38.55 -5.03 20.82
CA PRO E 211 -39.63 -4.63 19.95
C PRO E 211 -39.21 -4.70 18.44
N TYR E 212 -40.18 -4.95 17.56
CA TYR E 212 -39.99 -4.96 16.13
C TYR E 212 -40.89 -3.86 15.51
N ILE E 213 -40.25 -2.92 14.77
CA ILE E 213 -40.88 -1.79 14.26
C ILE E 213 -41.03 -1.89 12.78
N ASP E 214 -42.16 -1.43 12.25
CA ASP E 214 -42.36 -1.39 10.81
C ASP E 214 -43.15 -0.15 10.50
N VAL E 215 -43.13 0.27 9.23
CA VAL E 215 -44.02 1.27 8.70
C VAL E 215 -44.91 0.56 7.69
N ASN E 216 -46.21 0.61 7.90
CA ASN E 216 -47.21 -0.11 7.10
C ASN E 216 -47.75 0.84 6.06
N LEU E 217 -47.54 0.52 4.80
CA LEU E 217 -48.02 1.32 3.69
C LEU E 217 -49.32 0.68 3.24
N VAL E 218 -50.42 1.41 3.35
CA VAL E 218 -51.76 0.83 3.08
C VAL E 218 -52.34 1.65 1.98
N VAL E 219 -52.68 1.01 0.88
CA VAL E 219 -53.14 1.72 -0.28
C VAL E 219 -54.46 1.10 -0.76
N LYS E 220 -55.47 1.98 -0.92
CA LYS E 220 -56.77 1.60 -1.44
C LYS E 220 -56.84 2.22 -2.82
N PHE E 221 -57.13 1.38 -3.82
CA PHE E 221 -57.14 1.83 -5.19
C PHE E 221 -58.17 1.08 -6.04
N ARG E 222 -58.44 1.60 -7.24
CA ARG E 222 -59.36 0.92 -8.18
C ARG E 222 -59.03 1.29 -9.59
N GLU E 223 -59.60 0.57 -10.56
CA GLU E 223 -59.45 0.93 -11.99
C GLU E 223 -60.00 2.33 -12.22
N ARG E 224 -59.28 3.15 -12.96
CA ARG E 224 -59.72 4.51 -13.31
C ARG E 224 -60.97 4.41 -14.22
N ARG E 225 -61.92 5.29 -13.97
CA ARG E 225 -63.16 5.41 -14.76
C ARG E 225 -62.81 5.45 -16.28
N GLN F 20 6.16 26.93 -8.84
CA GLN F 20 6.21 25.74 -7.98
C GLN F 20 5.57 24.62 -8.78
N ALA F 21 4.34 24.85 -9.28
CA ALA F 21 3.54 23.78 -9.85
C ALA F 21 4.22 23.09 -11.02
N ASN F 22 4.80 23.85 -11.92
CA ASN F 22 5.50 23.27 -13.05
C ASN F 22 6.71 22.46 -12.60
N LEU F 23 7.44 22.98 -11.64
CA LEU F 23 8.57 22.26 -11.12
C LEU F 23 8.16 20.97 -10.41
N MET F 24 7.10 21.00 -9.61
CA MET F 24 6.63 19.79 -8.90
C MET F 24 6.26 18.71 -9.91
N ARG F 25 5.65 19.16 -10.98
CA ARG F 25 5.23 18.32 -12.07
C ARG F 25 6.43 17.71 -12.82
N LEU F 26 7.44 18.51 -13.10
CA LEU F 26 8.65 18.01 -13.72
C LEU F 26 9.31 16.96 -12.83
N LYS F 27 9.44 17.25 -11.54
CA LYS F 27 10.16 16.32 -10.64
C LYS F 27 9.39 15.00 -10.55
N SER F 28 8.09 15.12 -10.52
CA SER F 28 7.23 13.96 -10.51
C SER F 28 7.35 13.15 -11.79
N ASP F 29 7.37 13.81 -12.95
CA ASP F 29 7.58 13.07 -14.21
C ASP F 29 8.96 12.41 -14.31
N LEU F 30 10.01 13.10 -13.88
CA LEU F 30 11.36 12.52 -13.96
C LEU F 30 11.63 11.42 -12.93
N PHE F 31 11.08 11.53 -11.73
CA PHE F 31 11.47 10.63 -10.61
C PHE F 31 10.42 9.60 -10.16
N ASN F 32 9.13 9.95 -10.19
CA ASN F 32 8.05 9.03 -9.74
C ASN F 32 7.43 8.22 -10.83
N ARG F 33 7.77 8.44 -12.10
CA ARG F 33 7.15 7.73 -13.23
C ARG F 33 8.03 6.65 -13.84
N SER F 34 9.28 6.46 -13.39
CA SER F 34 10.11 5.34 -13.90
C SER F 34 11.13 4.98 -12.86
N PRO F 35 11.80 3.80 -13.01
CA PRO F 35 12.73 3.40 -11.92
C PRO F 35 13.97 4.24 -12.03
N MET F 36 14.81 4.21 -11.00
CA MET F 36 16.04 5.01 -11.05
C MET F 36 16.96 4.40 -12.18
N TYR F 37 17.71 5.29 -12.81
CA TYR F 37 18.81 4.89 -13.67
C TYR F 37 19.66 3.85 -12.87
N PRO F 38 19.86 2.63 -13.43
CA PRO F 38 20.58 1.57 -12.76
C PRO F 38 22.12 1.67 -12.91
N GLY F 39 22.62 2.79 -13.44
CA GLY F 39 24.04 2.99 -13.65
C GLY F 39 24.47 2.55 -15.05
N PRO F 40 25.67 2.93 -15.46
CA PRO F 40 26.18 2.62 -16.78
C PRO F 40 26.59 1.17 -16.98
N THR F 41 26.64 0.73 -18.22
CA THR F 41 27.17 -0.58 -18.63
C THR F 41 28.14 -0.41 -19.84
N LYS F 42 28.81 -1.50 -20.21
CA LYS F 42 29.64 -1.58 -21.45
C LYS F 42 28.89 -1.02 -22.65
N ASP F 43 27.62 -1.42 -22.82
CA ASP F 43 26.82 -0.93 -23.94
C ASP F 43 26.33 0.49 -23.83
N ASP F 44 26.15 1.02 -22.61
CA ASP F 44 25.67 2.40 -22.42
C ASP F 44 26.56 3.11 -21.42
N PRO F 45 27.82 3.34 -21.82
CA PRO F 45 28.77 3.96 -20.92
C PRO F 45 28.48 5.43 -20.72
N LEU F 46 29.21 5.99 -19.78
CA LEU F 46 29.00 7.35 -19.32
C LEU F 46 30.33 8.01 -19.11
N THR F 47 30.39 9.29 -19.35
CA THR F 47 31.55 10.07 -19.05
C THR F 47 31.26 11.01 -17.89
N VAL F 48 32.12 10.97 -16.89
CA VAL F 48 32.05 11.87 -15.75
C VAL F 48 33.25 12.79 -15.76
N THR F 49 33.01 14.07 -15.67
CA THR F 49 34.05 15.06 -15.63
C THR F 49 34.25 15.51 -14.18
N LEU F 50 35.48 15.49 -13.70
CA LEU F 50 35.86 16.00 -12.39
C LEU F 50 36.75 17.22 -12.48
N GLY F 51 36.59 18.13 -11.54
CA GLY F 51 37.56 19.15 -11.27
C GLY F 51 37.59 19.50 -9.81
N PHE F 52 38.78 19.80 -9.28
CA PHE F 52 38.99 20.10 -7.87
C PHE F 52 39.22 21.58 -7.61
N PHE F 53 38.82 22.04 -6.44
CA PHE F 53 38.90 23.41 -6.00
C PHE F 53 39.43 23.32 -4.58
N LEU F 54 40.72 23.51 -4.43
CA LEU F 54 41.36 23.42 -3.15
C LEU F 54 41.10 24.62 -2.33
N GLN F 55 40.75 24.39 -1.06
CA GLN F 55 40.44 25.45 -0.13
C GLN F 55 41.45 25.55 1.00
N ASP F 56 42.01 24.45 1.47
CA ASP F 56 42.92 24.52 2.61
C ASP F 56 43.61 23.19 2.85
N ILE F 57 44.92 23.24 3.08
CA ILE F 57 45.63 22.13 3.70
C ILE F 57 45.61 22.48 5.17
N VAL F 58 44.87 21.69 5.92
CA VAL F 58 44.53 22.04 7.27
C VAL F 58 45.63 21.57 8.17
N LYS F 59 46.05 20.32 7.98
CA LYS F 59 47.16 19.83 8.72
C LYS F 59 47.90 18.68 8.12
N VAL F 60 49.07 18.46 8.73
CA VAL F 60 50.05 17.51 8.31
C VAL F 60 50.35 16.68 9.54
N ASP F 61 50.52 15.38 9.41
CA ASP F 61 50.92 14.56 10.59
C ASP F 61 52.11 13.73 10.15
N SER F 62 53.28 14.16 10.60
CA SER F 62 54.56 13.54 10.21
C SER F 62 54.85 12.30 10.98
N SER F 63 54.11 12.03 12.04
CA SER F 63 54.27 10.74 12.71
C SER F 63 53.45 9.62 12.06
N THR F 64 52.42 9.95 11.26
CA THR F 64 51.58 8.94 10.58
C THR F 64 51.60 9.03 9.06
N ASN F 65 52.20 10.08 8.51
CA ASN F 65 52.17 10.34 7.07
C ASN F 65 50.74 10.42 6.52
N GLU F 66 49.96 11.29 7.17
CA GLU F 66 48.63 11.64 6.77
C GLU F 66 48.58 13.16 6.62
N VAL F 67 47.96 13.62 5.55
CA VAL F 67 47.67 15.02 5.40
C VAL F 67 46.17 15.23 5.20
N ASP F 68 45.66 16.34 5.71
CA ASP F 68 44.25 16.70 5.66
C ASP F 68 44.01 17.91 4.74
N LEU F 69 43.12 17.70 3.75
CA LEU F 69 42.73 18.70 2.79
C LEU F 69 41.25 19.01 2.85
N VAL F 70 40.90 20.26 2.66
CA VAL F 70 39.54 20.65 2.49
C VAL F 70 39.44 21.19 1.08
N TYR F 71 38.45 20.73 0.34
CA TYR F 71 38.23 21.12 -1.02
C TYR F 71 36.80 20.87 -1.43
N TYR F 72 36.41 21.40 -2.57
CA TYR F 72 35.24 20.89 -3.26
C TYR F 72 35.57 20.42 -4.65
N GLU F 73 34.63 19.73 -5.22
CA GLU F 73 34.86 18.82 -6.32
C GLU F 73 33.66 19.01 -7.21
N ARG F 74 33.82 19.45 -8.47
CA ARG F 74 32.72 19.48 -9.41
C ARG F 74 32.69 18.13 -10.11
N GLN F 75 31.53 17.47 -10.12
CA GLN F 75 31.27 16.30 -10.92
C GLN F 75 30.20 16.60 -11.91
N ARG F 76 30.37 16.14 -13.14
CA ARG F 76 29.42 16.43 -14.22
C ARG F 76 29.20 15.21 -15.11
N TRP F 77 27.96 14.88 -15.39
CA TRP F 77 27.62 13.81 -16.33
C TRP F 77 26.27 14.09 -16.94
N LYS F 78 25.81 13.23 -17.84
CA LYS F 78 24.62 13.51 -18.61
C LYS F 78 23.84 12.23 -18.87
N LEU F 79 22.54 12.26 -18.62
CA LEU F 79 21.62 11.13 -18.83
C LEU F 79 20.47 11.50 -19.72
N ASN F 80 20.20 10.66 -20.69
CA ASN F 80 18.99 10.81 -21.52
C ASN F 80 17.71 10.82 -20.69
N SER F 81 17.64 10.01 -19.65
CA SER F 81 16.44 9.92 -18.82
C SER F 81 16.19 11.18 -17.97
N LEU F 82 17.13 12.13 -17.92
CA LEU F 82 16.90 13.39 -17.21
C LEU F 82 16.59 14.56 -18.14
N MET F 83 16.39 14.27 -19.42
CA MET F 83 16.06 15.32 -20.38
C MET F 83 14.60 15.71 -20.28
N TRP F 84 14.33 16.98 -20.51
CA TRP F 84 12.99 17.44 -20.81
C TRP F 84 13.05 18.62 -21.76
N ASP F 85 11.89 18.91 -22.34
CA ASP F 85 11.68 20.09 -23.13
C ASP F 85 11.18 21.23 -22.26
N PRO F 86 11.94 22.32 -22.13
CA PRO F 86 11.42 23.39 -21.28
C PRO F 86 10.05 23.97 -21.66
N ASN F 87 9.63 23.89 -22.93
CA ASN F 87 8.31 24.43 -23.33
C ASN F 87 7.17 23.70 -22.66
N GLU F 88 7.39 22.42 -22.36
CA GLU F 88 6.39 21.61 -21.69
C GLU F 88 6.30 21.87 -20.17
N TYR F 89 7.23 22.66 -19.60
CA TYR F 89 7.30 22.84 -18.14
C TYR F 89 7.60 24.28 -17.79
N GLY F 90 6.86 25.18 -18.43
CA GLY F 90 6.85 26.59 -18.06
C GLY F 90 8.19 27.27 -18.25
N ASN F 91 8.97 26.77 -19.20
CA ASN F 91 10.32 27.28 -19.49
C ASN F 91 11.37 27.04 -18.44
N ILE F 92 11.16 26.05 -17.57
CA ILE F 92 12.18 25.63 -16.60
C ILE F 92 13.34 25.00 -17.38
N THR F 93 14.54 25.51 -17.17
CA THR F 93 15.74 24.99 -17.83
C THR F 93 16.65 24.18 -16.89
N ASP F 94 16.49 24.36 -15.60
CA ASP F 94 17.23 23.61 -14.63
C ASP F 94 16.57 23.71 -13.26
N PHE F 95 16.92 22.77 -12.38
CA PHE F 95 16.42 22.77 -11.03
C PHE F 95 17.41 22.10 -10.08
N ARG F 96 17.21 22.40 -8.80
CA ARG F 96 18.00 21.78 -7.77
C ARG F 96 17.24 20.65 -7.13
N THR F 97 17.95 19.62 -6.75
CA THR F 97 17.35 18.49 -6.11
C THR F 97 18.37 17.71 -5.28
N SER F 98 17.84 17.06 -4.27
CA SER F 98 18.62 16.23 -3.40
C SER F 98 19.33 15.14 -4.21
N ALA F 99 20.60 14.92 -3.92
CA ALA F 99 21.37 13.85 -4.54
C ALA F 99 20.82 12.45 -4.35
N ALA F 100 20.06 12.27 -3.30
CA ALA F 100 19.36 10.99 -3.08
C ALA F 100 18.29 10.70 -4.14
N ASP F 101 17.80 11.72 -4.84
CA ASP F 101 16.81 11.51 -5.91
C ASP F 101 17.34 10.90 -7.20
N ILE F 102 18.67 10.92 -7.37
CA ILE F 102 19.30 10.57 -8.64
C ILE F 102 20.47 9.64 -8.43
N TRP F 103 20.85 8.98 -9.50
CA TRP F 103 22.07 8.19 -9.46
C TRP F 103 23.25 9.20 -9.40
N THR F 104 24.28 8.83 -8.67
CA THR F 104 25.54 9.56 -8.66
C THR F 104 26.72 8.59 -8.78
N PRO F 105 27.82 9.03 -9.37
CA PRO F 105 28.93 8.12 -9.52
C PRO F 105 29.68 7.93 -8.18
N ASP F 106 30.27 6.75 -8.04
CA ASP F 106 30.99 6.30 -6.93
C ASP F 106 32.51 6.69 -6.94
N ILE F 107 32.77 7.97 -7.15
CA ILE F 107 34.15 8.45 -7.22
C ILE F 107 34.77 8.36 -5.84
N THR F 108 35.94 7.75 -5.74
CA THR F 108 36.53 7.45 -4.43
C THR F 108 38.00 7.89 -4.46
N ALA F 109 38.46 8.47 -3.37
CA ALA F 109 39.87 8.72 -3.15
C ALA F 109 40.52 7.40 -2.78
N ALA F 110 41.43 6.92 -3.61
CA ALA F 110 42.03 5.61 -3.44
C ALA F 110 42.99 5.48 -2.26
N SER F 111 43.51 6.60 -1.76
CA SER F 111 44.52 6.55 -0.71
C SER F 111 44.09 7.34 0.55
N SER F 112 42.78 7.49 0.74
CA SER F 112 42.26 8.00 2.00
C SER F 112 42.62 7.06 3.17
N THR F 113 42.76 7.65 4.35
CA THR F 113 42.99 6.90 5.57
C THR F 113 41.88 7.04 6.59
N ARG F 114 40.83 7.79 6.25
CA ARG F 114 39.62 7.95 7.08
C ARG F 114 38.47 8.17 6.13
N PRO F 115 37.25 7.87 6.56
CA PRO F 115 36.12 8.26 5.71
C PRO F 115 36.14 9.76 5.45
N VAL F 116 35.83 10.13 4.23
CA VAL F 116 35.71 11.48 3.82
C VAL F 116 34.56 12.14 4.59
N GLN F 117 34.81 13.31 5.12
CA GLN F 117 33.80 14.11 5.79
C GLN F 117 33.16 15.12 4.84
N VAL F 118 31.84 15.04 4.72
CA VAL F 118 31.09 15.89 3.84
C VAL F 118 30.81 17.22 4.54
N LEU F 119 31.14 18.33 3.90
CA LEU F 119 30.99 19.67 4.46
C LEU F 119 29.87 20.47 3.82
N SER F 120 29.24 19.94 2.77
CA SER F 120 28.21 20.68 2.08
C SER F 120 26.93 19.85 1.93
N PRO F 121 25.79 20.51 1.70
CA PRO F 121 24.55 19.81 1.44
C PRO F 121 24.65 18.96 0.18
N GLN F 122 24.02 17.82 0.23
CA GLN F 122 24.06 16.82 -0.84
C GLN F 122 22.99 17.15 -1.87
N ILE F 123 23.24 18.16 -2.68
CA ILE F 123 22.22 18.67 -3.62
C ILE F 123 22.85 18.84 -4.97
N ALA F 124 22.14 18.46 -6.00
CA ALA F 124 22.65 18.59 -7.37
C ALA F 124 21.78 19.52 -8.21
N VAL F 125 22.38 19.99 -9.31
CA VAL F 125 21.67 20.79 -10.30
C VAL F 125 21.48 19.92 -11.51
N VAL F 126 20.24 19.83 -11.95
CA VAL F 126 19.91 19.07 -13.13
C VAL F 126 19.43 20.05 -14.18
N THR F 127 19.90 19.88 -15.42
CA THR F 127 19.62 20.79 -16.53
C THR F 127 18.86 20.03 -17.59
N HIS F 128 18.06 20.75 -18.37
CA HIS F 128 17.08 20.17 -19.34
C HIS F 128 17.67 19.28 -20.42
N ASP F 129 18.96 19.43 -20.69
CA ASP F 129 19.67 18.52 -21.60
C ASP F 129 20.10 17.23 -20.94
N GLY F 130 19.71 17.01 -19.67
CA GLY F 130 20.00 15.78 -18.97
C GLY F 130 21.32 15.83 -18.22
N SER F 131 21.96 16.99 -18.19
CA SER F 131 23.23 17.08 -17.51
C SER F 131 23.03 17.40 -16.04
N VAL F 132 23.92 16.84 -15.24
CA VAL F 132 23.87 16.96 -13.81
C VAL F 132 25.18 17.49 -13.35
N MET F 133 25.13 18.38 -12.38
CA MET F 133 26.31 18.99 -11.78
C MET F 133 26.18 18.77 -10.25
N PHE F 134 27.15 18.11 -9.65
CA PHE F 134 27.14 17.83 -8.23
C PHE F 134 28.52 18.27 -7.68
N SER F 135 28.48 19.13 -6.65
CA SER F 135 29.66 19.79 -6.14
C SER F 135 29.90 19.65 -4.66
N PRO F 136 30.18 18.42 -4.23
CA PRO F 136 30.39 18.24 -2.79
C PRO F 136 31.70 18.83 -2.31
N ALA F 137 31.64 19.44 -1.15
CA ALA F 137 32.80 19.83 -0.36
C ALA F 137 33.13 18.76 0.69
N GLN F 138 34.41 18.56 0.95
CA GLN F 138 34.90 17.40 1.59
C GLN F 138 36.16 17.76 2.40
N ARG F 139 36.32 17.10 3.52
CA ARG F 139 37.58 16.99 4.17
C ARG F 139 38.09 15.60 4.03
N LEU F 140 39.32 15.48 3.56
CA LEU F 140 39.96 14.20 3.26
C LEU F 140 41.28 14.08 4.03
N SER F 141 41.48 12.95 4.69
CA SER F 141 42.76 12.52 5.17
C SER F 141 43.33 11.51 4.23
N PHE F 142 44.56 11.72 3.78
CA PHE F 142 45.16 10.78 2.80
C PHE F 142 46.67 10.57 3.05
N MET F 143 47.20 9.50 2.47
CA MET F 143 48.57 9.05 2.65
C MET F 143 49.54 10.02 1.99
N CYS F 144 50.40 10.63 2.78
CA CYS F 144 51.31 11.65 2.31
C CYS F 144 52.44 11.84 3.34
N ASP F 145 53.68 11.66 2.89
CA ASP F 145 54.88 11.92 3.68
C ASP F 145 55.18 13.39 3.55
N PRO F 146 55.00 14.15 4.61
CA PRO F 146 55.24 15.59 4.57
C PRO F 146 56.71 16.02 4.82
N THR F 147 57.64 15.06 4.96
CA THR F 147 59.06 15.39 5.05
C THR F 147 59.50 16.36 3.95
N GLY F 148 60.06 17.49 4.37
CA GLY F 148 60.51 18.55 3.47
C GLY F 148 59.58 19.74 3.39
N VAL F 149 58.48 19.70 4.13
CA VAL F 149 57.44 20.71 3.99
C VAL F 149 57.92 22.06 4.55
N ASP F 150 58.80 22.00 5.57
CA ASP F 150 59.42 23.21 6.20
C ASP F 150 60.55 23.87 5.39
N SER F 151 60.96 23.23 4.31
CA SER F 151 61.92 23.77 3.38
C SER F 151 61.25 24.73 2.39
N GLU F 152 62.05 25.25 1.49
CA GLU F 152 61.58 26.19 0.46
C GLU F 152 61.12 25.44 -0.82
N GLU F 153 61.71 24.26 -1.10
CA GLU F 153 61.30 23.40 -2.24
C GLU F 153 59.92 22.79 -1.95
N GLY F 154 59.62 22.64 -0.67
CA GLY F 154 58.38 22.07 -0.20
C GLY F 154 58.30 20.57 -0.37
N VAL F 155 57.07 20.06 -0.43
CA VAL F 155 56.83 18.63 -0.63
C VAL F 155 55.70 18.41 -1.60
N THR F 156 55.78 17.30 -2.31
CA THR F 156 54.77 16.90 -3.26
C THR F 156 53.99 15.70 -2.73
N CYS F 157 52.67 15.77 -2.78
CA CYS F 157 51.79 14.61 -2.51
C CYS F 157 50.74 14.45 -3.58
N ALA F 158 50.19 13.26 -3.59
CA ALA F 158 49.32 12.82 -4.66
C ALA F 158 48.20 11.94 -4.13
N VAL F 159 47.02 12.08 -4.72
CA VAL F 159 45.93 11.16 -4.45
C VAL F 159 45.14 10.93 -5.70
N LYS F 160 44.89 9.67 -6.01
CA LYS F 160 44.07 9.25 -7.12
C LYS F 160 42.57 9.19 -6.74
N PHE F 161 41.76 9.68 -7.65
CA PHE F 161 40.34 9.57 -7.59
C PHE F 161 39.86 8.67 -8.73
N GLU F 162 39.05 7.68 -8.40
CA GLU F 162 38.53 6.76 -9.42
C GLU F 162 37.15 6.22 -9.01
N SER F 163 36.43 5.68 -9.98
CA SER F 163 35.29 4.85 -9.72
C SER F 163 35.79 3.61 -9.00
N TRP F 164 35.15 3.27 -7.88
CA TRP F 164 35.56 2.07 -7.14
C TRP F 164 35.20 0.80 -7.88
N VAL F 165 34.05 0.76 -8.55
CA VAL F 165 33.57 -0.51 -9.13
C VAL F 165 33.35 -0.50 -10.60
N TYR F 166 33.36 0.65 -11.25
CA TYR F 166 33.18 0.71 -12.68
C TYR F 166 34.53 0.89 -13.41
N SER F 167 34.76 0.09 -14.44
CA SER F 167 35.98 0.12 -15.25
C SER F 167 35.75 1.25 -16.27
N GLY F 168 36.76 1.50 -17.07
CA GLY F 168 36.70 2.50 -18.14
C GLY F 168 35.77 2.14 -19.30
N PHE F 169 35.35 0.88 -19.38
CA PHE F 169 34.27 0.54 -20.30
C PHE F 169 32.91 1.06 -19.88
N GLU F 170 32.73 1.32 -18.59
CA GLU F 170 31.43 1.79 -18.06
C GLU F 170 31.46 3.27 -17.71
N ILE F 171 32.52 3.68 -17.03
CA ILE F 171 32.70 5.10 -16.68
C ILE F 171 34.05 5.54 -17.18
N ASP F 172 34.05 6.53 -18.04
CA ASP F 172 35.22 7.27 -18.41
C ASP F 172 35.32 8.55 -17.60
N LEU F 173 36.47 8.82 -16.98
CA LEU F 173 36.66 10.08 -16.30
C LEU F 173 37.44 11.02 -17.12
N LYS F 174 37.12 12.31 -17.01
CA LYS F 174 37.98 13.31 -17.57
C LYS F 174 38.01 14.56 -16.71
N THR F 175 38.92 15.48 -17.05
CA THR F 175 39.03 16.79 -16.44
C THR F 175 38.69 17.84 -17.47
N ASP F 176 38.20 19.00 -17.03
CA ASP F 176 38.02 20.15 -17.90
C ASP F 176 39.37 20.83 -18.22
N THR F 177 40.25 20.85 -17.22
CA THR F 177 41.52 21.52 -17.20
C THR F 177 42.48 20.65 -16.39
N ASP F 178 43.78 20.87 -16.60
CA ASP F 178 44.83 20.18 -15.86
C ASP F 178 45.24 20.95 -14.60
N GLN F 179 44.82 22.22 -14.50
CA GLN F 179 45.12 23.03 -13.36
C GLN F 179 43.96 22.95 -12.37
N VAL F 180 44.31 22.59 -11.14
CA VAL F 180 43.43 22.68 -10.01
C VAL F 180 43.16 24.18 -9.74
N ASP F 181 41.90 24.51 -9.53
CA ASP F 181 41.51 25.86 -9.19
C ASP F 181 41.89 26.21 -7.75
N LEU F 182 42.65 27.28 -7.60
CA LEU F 182 43.10 27.77 -6.32
C LEU F 182 42.53 29.07 -5.92
N SER F 183 41.50 29.53 -6.60
CA SER F 183 40.98 30.86 -6.28
C SER F 183 40.19 30.96 -4.97
N SER F 184 39.80 29.82 -4.35
CA SER F 184 39.22 29.84 -3.01
C SER F 184 40.23 29.33 -1.98
N TYR F 185 41.51 29.21 -2.31
CA TYR F 185 42.46 28.73 -1.32
C TYR F 185 42.58 29.78 -0.21
N TYR F 186 42.56 29.32 1.03
CA TYR F 186 42.62 30.15 2.20
C TYR F 186 43.97 30.87 2.27
N ALA F 187 43.90 32.20 2.17
CA ALA F 187 45.10 33.02 2.15
C ALA F 187 45.97 32.86 3.39
N SER F 188 45.40 32.60 4.57
CA SER F 188 46.22 32.41 5.78
C SER F 188 46.37 30.98 6.20
N SER F 189 46.25 30.03 5.26
CA SER F 189 46.56 28.65 5.60
C SER F 189 47.94 28.58 6.22
N LYS F 190 48.21 27.60 7.07
CA LYS F 190 49.60 27.28 7.43
C LYS F 190 50.45 26.84 6.25
N TYR F 191 49.85 26.41 5.14
CA TYR F 191 50.59 25.87 4.01
C TYR F 191 50.23 26.63 2.78
N GLU F 192 51.21 26.76 1.90
CA GLU F 192 51.17 27.61 0.73
C GLU F 192 51.21 26.63 -0.42
N ILE F 193 50.42 26.86 -1.46
CA ILE F 193 50.41 25.93 -2.58
C ILE F 193 51.42 26.38 -3.63
N LEU F 194 52.34 25.51 -3.99
CA LEU F 194 53.30 25.82 -5.04
C LEU F 194 52.74 25.40 -6.39
N SER F 195 52.23 24.19 -6.47
CA SER F 195 51.40 23.82 -7.61
C SER F 195 50.38 22.76 -7.28
N ALA F 196 49.41 22.65 -8.18
CA ALA F 196 48.30 21.72 -8.03
C ALA F 196 47.76 21.34 -9.36
N THR F 197 47.89 20.07 -9.72
CA THR F 197 47.37 19.60 -10.99
C THR F 197 46.42 18.42 -10.82
N GLN F 198 45.68 18.15 -11.86
CA GLN F 198 44.73 17.07 -11.91
C GLN F 198 44.81 16.43 -13.28
N THR F 199 45.15 15.17 -13.33
CA THR F 199 45.53 14.53 -14.57
C THR F 199 44.87 13.17 -14.77
N ARG F 200 44.20 13.00 -15.90
CA ARG F 200 43.62 11.69 -16.22
C ARG F 200 44.72 10.69 -16.51
N GLN F 201 44.62 9.49 -15.96
CA GLN F 201 45.52 8.37 -16.23
C GLN F 201 44.68 7.13 -16.60
N VAL F 202 45.24 6.34 -17.50
CA VAL F 202 44.63 5.15 -17.97
C VAL F 202 45.58 4.03 -17.59
N GLN F 203 45.07 3.04 -16.84
CA GLN F 203 45.76 1.84 -16.55
C GLN F 203 45.26 0.64 -17.33
N HIS F 204 46.19 -0.13 -17.80
CA HIS F 204 45.87 -1.45 -18.40
C HIS F 204 46.69 -2.47 -17.62
N TYR F 205 46.07 -3.61 -17.34
CA TYR F 205 46.68 -4.72 -16.63
C TYR F 205 46.65 -5.91 -17.54
N SER F 206 47.67 -6.78 -17.45
CA SER F 206 47.80 -7.97 -18.32
C SER F 206 46.72 -9.02 -18.16
N CYS F 207 46.15 -9.14 -16.95
CA CYS F 207 45.02 -10.06 -16.69
C CYS F 207 43.72 -9.80 -17.51
N CYS F 208 43.51 -8.56 -17.96
CA CYS F 208 42.17 -7.99 -18.12
C CYS F 208 42.09 -7.03 -19.30
N PRO F 209 41.12 -7.18 -20.20
CA PRO F 209 41.07 -6.22 -21.32
C PRO F 209 40.62 -4.78 -20.96
N GLU F 210 39.91 -4.62 -19.84
CA GLU F 210 39.28 -3.35 -19.50
C GLU F 210 40.29 -2.33 -19.04
N PRO F 211 40.22 -1.09 -19.53
CA PRO F 211 40.99 -0.04 -18.92
C PRO F 211 40.40 0.41 -17.56
N TYR F 212 41.26 0.91 -16.66
CA TYR F 212 40.88 1.52 -15.41
C TYR F 212 41.35 2.97 -15.40
N ILE F 213 40.45 3.92 -15.11
CA ILE F 213 40.76 5.30 -15.24
C ILE F 213 40.83 5.93 -13.86
N ASP F 214 41.73 6.89 -13.68
CA ASP F 214 41.74 7.69 -12.47
C ASP F 214 42.11 9.10 -12.83
N VAL F 215 41.85 10.04 -11.92
CA VAL F 215 42.34 11.38 -12.00
C VAL F 215 43.28 11.57 -10.81
N ASN F 216 44.53 11.91 -11.10
CA ASN F 216 45.59 12.01 -10.11
C ASN F 216 45.71 13.48 -9.70
N LEU F 217 45.48 13.75 -8.43
CA LEU F 217 45.55 15.09 -7.89
C LEU F 217 46.93 15.20 -7.26
N VAL F 218 47.75 16.12 -7.75
CA VAL F 218 49.14 16.24 -7.30
C VAL F 218 49.30 17.62 -6.77
N VAL F 219 49.72 17.72 -5.53
CA VAL F 219 49.83 19.01 -4.86
C VAL F 219 51.22 19.18 -4.25
N LYS F 220 51.88 20.29 -4.59
CA LYS F 220 53.19 20.65 -4.07
C LYS F 220 52.92 21.84 -3.16
N PHE F 221 53.37 21.73 -1.91
CA PHE F 221 53.11 22.76 -0.93
C PHE F 221 54.24 22.88 0.10
N ARG F 222 54.22 23.95 0.87
CA ARG F 222 55.20 24.13 1.98
C ARG F 222 54.63 25.01 3.06
N GLU F 223 55.29 25.05 4.21
CA GLU F 223 54.88 25.96 5.30
C GLU F 223 54.95 27.39 4.83
N ARG F 224 53.91 28.18 5.12
CA ARG F 224 53.87 29.60 4.77
C ARG F 224 55.01 30.34 5.55
N ARG F 225 55.67 31.27 4.86
CA ARG F 225 56.71 32.12 5.41
C ARG F 225 56.22 32.75 6.73
N GLN G 20 19.70 0.61 -20.60
CA GLN G 20 19.03 0.92 -19.33
C GLN G 20 17.88 -0.05 -19.19
N ALA G 21 17.01 -0.13 -20.20
CA ALA G 21 15.73 -0.84 -20.07
C ALA G 21 15.95 -2.33 -19.75
N ASN G 22 16.90 -2.97 -20.45
CA ASN G 22 17.18 -4.35 -20.20
C ASN G 22 17.73 -4.57 -18.80
N LEU G 23 18.61 -3.68 -18.37
CA LEU G 23 19.18 -3.77 -17.06
C LEU G 23 18.12 -3.55 -15.98
N MET G 24 17.23 -2.58 -16.16
CA MET G 24 16.16 -2.31 -15.17
C MET G 24 15.28 -3.53 -15.00
N ARG G 25 15.03 -4.18 -16.12
CA ARG G 25 14.24 -5.39 -16.20
C ARG G 25 14.92 -6.56 -15.48
N LEU G 26 16.23 -6.73 -15.73
CA LEU G 26 16.99 -7.75 -15.02
C LEU G 26 16.95 -7.51 -13.52
N LYS G 27 17.19 -6.28 -13.08
CA LYS G 27 17.27 -6.01 -11.65
C LYS G 27 15.91 -6.28 -11.00
N SER G 28 14.89 -5.88 -11.71
CA SER G 28 13.54 -6.12 -11.26
C SER G 28 13.21 -7.62 -11.18
N ASP G 29 13.60 -8.40 -12.18
CA ASP G 29 13.43 -9.86 -12.10
C ASP G 29 14.24 -10.54 -10.98
N LEU G 30 15.48 -10.11 -10.77
CA LEU G 30 16.30 -10.71 -9.71
C LEU G 30 15.90 -10.28 -8.30
N PHE G 31 15.47 -9.05 -8.11
CA PHE G 31 15.29 -8.49 -6.75
C PHE G 31 13.84 -8.24 -6.30
N ASN G 32 12.94 -7.85 -7.20
CA ASN G 32 11.55 -7.54 -6.87
C ASN G 32 10.61 -8.69 -7.04
N ARG G 33 11.02 -9.82 -7.61
CA ARG G 33 10.10 -10.95 -7.89
C ARG G 33 10.16 -12.11 -6.92
N SER G 34 11.07 -12.09 -5.95
CA SER G 34 11.06 -13.09 -4.83
C SER G 34 11.77 -12.48 -3.65
N PRO G 35 11.65 -13.10 -2.45
CA PRO G 35 12.27 -12.43 -1.28
C PRO G 35 13.76 -12.62 -1.34
N MET G 36 14.49 -11.86 -0.52
CA MET G 36 15.94 -11.89 -0.59
C MET G 36 16.46 -13.30 -0.20
N TYR G 37 17.56 -13.71 -0.80
CA TYR G 37 18.32 -14.84 -0.32
C TYR G 37 18.47 -14.68 1.23
N PRO G 38 18.00 -15.71 1.98
CA PRO G 38 18.02 -15.63 3.48
C PRO G 38 19.33 -16.05 4.08
N GLY G 39 20.37 -16.24 3.26
CA GLY G 39 21.67 -16.70 3.74
C GLY G 39 21.78 -18.22 3.65
N PRO G 40 23.00 -18.73 3.80
CA PRO G 40 23.26 -20.14 3.71
C PRO G 40 22.77 -20.94 4.91
N THR G 41 22.57 -22.24 4.68
CA THR G 41 22.23 -23.22 5.74
C THR G 41 23.14 -24.47 5.59
N LYS G 42 23.06 -25.37 6.57
CA LYS G 42 23.71 -26.70 6.51
C LYS G 42 23.41 -27.41 5.17
N ASP G 43 22.18 -27.37 4.71
CA ASP G 43 21.76 -27.99 3.47
C ASP G 43 22.18 -27.24 2.21
N ASP G 44 22.35 -25.90 2.28
CA ASP G 44 22.76 -25.12 1.11
C ASP G 44 23.90 -24.21 1.49
N PRO G 45 25.06 -24.81 1.78
CA PRO G 45 26.19 -24.01 2.23
C PRO G 45 26.80 -23.22 1.10
N LEU G 46 27.72 -22.36 1.47
CA LEU G 46 28.28 -21.38 0.58
C LEU G 46 29.74 -21.21 0.87
N THR G 47 30.52 -20.98 -0.15
CA THR G 47 31.90 -20.76 -0.02
C THR G 47 32.21 -19.33 -0.41
N VAL G 48 32.92 -18.64 0.48
CA VAL G 48 33.35 -17.27 0.25
C VAL G 48 34.85 -17.24 0.16
N THR G 49 35.37 -16.65 -0.90
CA THR G 49 36.77 -16.51 -1.10
C THR G 49 37.18 -15.09 -0.72
N LEU G 50 38.22 -14.97 0.12
CA LEU G 50 38.80 -13.68 0.48
C LEU G 50 40.20 -13.53 0.00
N GLY G 51 40.56 -12.31 -0.39
CA GLY G 51 41.94 -11.91 -0.53
C GLY G 51 42.10 -10.47 -0.01
N PHE G 52 43.24 -10.19 0.63
CA PHE G 52 43.56 -8.87 1.14
C PHE G 52 44.60 -8.13 0.30
N PHE G 53 44.50 -6.80 0.31
CA PHE G 53 45.32 -5.91 -0.47
C PHE G 53 45.70 -4.81 0.51
N LEU G 54 46.88 -4.94 1.12
CA LEU G 54 47.35 -3.98 2.05
C LEU G 54 47.79 -2.71 1.40
N GLN G 55 47.37 -1.60 1.98
CA GLN G 55 47.70 -0.28 1.47
C GLN G 55 48.60 0.49 2.40
N ASP G 56 48.43 0.37 3.72
CA ASP G 56 49.22 1.17 4.64
C ASP G 56 49.05 0.71 6.05
N ILE G 57 50.16 0.61 6.78
CA ILE G 57 50.14 0.59 8.23
C ILE G 57 50.30 2.04 8.62
N VAL G 58 49.25 2.61 9.17
CA VAL G 58 49.17 4.04 9.35
C VAL G 58 49.80 4.39 10.65
N LYS G 59 49.44 3.65 11.70
CA LYS G 59 50.08 3.82 12.97
C LYS G 59 50.06 2.65 13.90
N VAL G 60 50.90 2.81 14.90
CA VAL G 60 51.18 1.82 15.91
C VAL G 60 50.99 2.58 17.22
N ASP G 61 50.38 1.95 18.24
CA ASP G 61 50.25 2.59 19.54
C ASP G 61 50.77 1.62 20.58
N SER G 62 51.99 1.90 21.06
CA SER G 62 52.68 0.98 21.99
C SER G 62 52.21 1.15 23.39
N SER G 63 51.45 2.20 23.70
CA SER G 63 50.86 2.30 25.01
C SER G 63 49.54 1.52 25.15
N THR G 64 48.88 1.19 24.03
CA THR G 64 47.62 0.41 24.05
C THR G 64 47.68 -0.92 23.32
N ASN G 65 48.76 -1.19 22.60
CA ASN G 65 48.87 -2.39 21.76
C ASN G 65 47.75 -2.48 20.72
N GLU G 66 47.61 -1.38 19.97
CA GLU G 66 46.71 -1.26 18.86
C GLU G 66 47.51 -0.85 17.65
N VAL G 67 47.24 -1.46 16.51
CA VAL G 67 47.81 -1.04 15.26
C VAL G 67 46.69 -0.76 14.26
N ASP G 68 46.89 0.24 13.41
CA ASP G 68 45.93 0.70 12.41
C ASP G 68 46.40 0.39 10.99
N LEU G 69 45.54 -0.33 10.25
CA LEU G 69 45.77 -0.76 8.90
C LEU G 69 44.72 -0.20 7.95
N VAL G 70 45.16 0.18 6.75
CA VAL G 70 44.25 0.49 5.69
C VAL G 70 44.46 -0.54 4.63
N TYR G 71 43.38 -1.13 4.15
CA TYR G 71 43.44 -2.17 3.16
C TYR G 71 42.11 -2.30 2.45
N TYR G 72 42.09 -3.03 1.35
CA TYR G 72 40.83 -3.54 0.85
C TYR G 72 40.87 -5.04 0.74
N GLU G 73 39.70 -5.59 0.52
CA GLU G 73 39.42 -6.98 0.74
C GLU G 73 38.53 -7.40 -0.40
N ARG G 74 38.93 -8.35 -1.21
CA ARG G 74 38.07 -8.88 -2.28
C ARG G 74 37.32 -10.06 -1.68
N GLN G 75 35.98 -10.04 -1.76
CA GLN G 75 35.13 -11.14 -1.37
C GLN G 75 34.42 -11.64 -2.58
N ARG G 76 34.31 -12.96 -2.70
CA ARG G 76 33.70 -13.58 -3.85
C ARG G 76 32.86 -14.77 -3.41
N TRP G 77 31.65 -14.87 -3.94
CA TRP G 77 30.79 -16.03 -3.71
C TRP G 77 29.83 -16.15 -4.88
N LYS G 78 28.98 -17.18 -4.84
CA LYS G 78 28.13 -17.48 -5.98
C LYS G 78 26.79 -17.99 -5.51
N LEU G 79 25.71 -17.46 -6.07
CA LEU G 79 24.33 -17.87 -5.76
C LEU G 79 23.60 -18.30 -7.00
N ASN G 80 22.93 -19.43 -6.93
CA ASN G 80 22.00 -19.82 -8.01
C ASN G 80 20.92 -18.79 -8.29
N SER G 81 20.41 -18.16 -7.25
CA SER G 81 19.32 -17.18 -7.38
C SER G 81 19.79 -15.87 -8.03
N LEU G 82 21.08 -15.66 -8.27
CA LEU G 82 21.55 -14.50 -9.03
C LEU G 82 21.93 -14.81 -10.47
N MET G 83 21.63 -16.01 -10.93
CA MET G 83 21.95 -16.40 -12.31
C MET G 83 20.91 -15.82 -13.27
N TRP G 84 21.38 -15.48 -14.45
CA TRP G 84 20.50 -15.29 -15.59
C TRP G 84 21.19 -15.69 -16.88
N ASP G 85 20.40 -15.85 -17.91
CA ASP G 85 20.86 -16.04 -19.26
C ASP G 85 21.03 -14.70 -19.97
N PRO G 86 22.24 -14.34 -20.35
CA PRO G 86 22.36 -13.04 -21.05
C PRO G 86 21.52 -12.85 -22.30
N ASN G 87 21.16 -13.92 -23.02
CA ASN G 87 20.35 -13.78 -24.26
C ASN G 87 18.97 -13.25 -23.97
N GLU G 88 18.46 -13.51 -22.77
CA GLU G 88 17.17 -12.98 -22.33
C GLU G 88 17.21 -11.52 -21.90
N TYR G 89 18.39 -10.90 -21.79
CA TYR G 89 18.53 -9.55 -21.23
C TYR G 89 19.51 -8.70 -22.01
N GLY G 90 19.37 -8.75 -23.33
CA GLY G 90 20.13 -7.87 -24.23
C GLY G 90 21.61 -8.07 -24.15
N ASN G 91 22.02 -9.31 -23.84
CA ASN G 91 23.43 -9.67 -23.74
C ASN G 91 24.19 -9.08 -22.55
N ILE G 92 23.47 -8.62 -21.50
CA ILE G 92 24.11 -8.16 -20.29
C ILE G 92 24.74 -9.34 -19.58
N THR G 93 26.04 -9.23 -19.28
CA THR G 93 26.77 -10.32 -18.61
C THR G 93 27.10 -9.99 -17.15
N ASP G 94 27.03 -8.72 -16.78
CA ASP G 94 27.26 -8.33 -15.41
C ASP G 94 26.72 -6.92 -15.17
N PHE G 95 26.51 -6.59 -13.90
CA PHE G 95 26.09 -5.25 -13.52
C PHE G 95 26.58 -4.90 -12.12
N ARG G 96 26.57 -3.62 -11.84
CA ARG G 96 26.87 -3.12 -10.52
C ARG G 96 25.62 -2.81 -9.77
N THR G 97 25.65 -3.03 -8.47
CA THR G 97 24.53 -2.73 -7.65
C THR G 97 24.93 -2.53 -6.19
N SER G 98 24.13 -1.72 -5.54
CA SER G 98 24.34 -1.41 -4.16
C SER G 98 24.35 -2.69 -3.33
N ALA G 99 25.26 -2.78 -2.39
CA ALA G 99 25.34 -3.95 -1.51
C ALA G 99 24.12 -4.18 -0.65
N ALA G 100 23.35 -3.14 -0.43
CA ALA G 100 22.07 -3.29 0.28
C ALA G 100 21.03 -4.12 -0.51
N ASP G 101 21.18 -4.23 -1.83
CA ASP G 101 20.22 -4.99 -2.64
C ASP G 101 20.43 -6.51 -2.59
N ILE G 102 21.57 -6.95 -2.03
CA ILE G 102 21.93 -8.35 -2.03
C ILE G 102 22.37 -8.80 -0.65
N TRP G 103 22.33 -10.10 -0.46
CA TRP G 103 22.93 -10.65 0.74
C TRP G 103 24.45 -10.49 0.61
N THR G 104 25.10 -10.20 1.73
CA THR G 104 26.57 -10.20 1.80
C THR G 104 27.00 -10.92 3.08
N PRO G 105 28.17 -11.53 3.05
CA PRO G 105 28.59 -12.26 4.22
C PRO G 105 29.06 -11.36 5.35
N ASP G 106 28.87 -11.82 6.58
CA ASP G 106 29.19 -11.09 7.79
C ASP G 106 30.64 -11.33 8.27
N ILE G 107 31.59 -11.12 7.36
CA ILE G 107 33.00 -11.30 7.66
C ILE G 107 33.45 -10.23 8.64
N THR G 108 34.08 -10.62 9.72
CA THR G 108 34.39 -9.71 10.82
C THR G 108 35.84 -9.95 11.25
N ALA G 109 36.57 -8.87 11.53
CA ALA G 109 37.86 -8.95 12.15
C ALA G 109 37.65 -9.27 13.64
N ALA G 110 38.16 -10.41 14.06
CA ALA G 110 37.92 -10.92 15.41
C ALA G 110 38.61 -10.20 16.52
N SER G 111 39.65 -9.43 16.22
CA SER G 111 40.43 -8.75 17.27
C SER G 111 40.51 -7.24 17.06
N SER G 112 39.51 -6.69 16.38
CA SER G 112 39.36 -5.22 16.26
C SER G 112 39.15 -4.60 17.64
N THR G 113 39.59 -3.37 17.79
CA THR G 113 39.35 -2.58 19.00
C THR G 113 38.52 -1.34 18.79
N ARG G 114 38.07 -1.12 17.54
CA ARG G 114 37.20 0.00 17.15
C ARG G 114 36.33 -0.48 16.02
N PRO G 115 35.19 0.14 15.82
CA PRO G 115 34.46 -0.18 14.58
C PRO G 115 35.32 0.07 13.36
N VAL G 116 35.25 -0.85 12.42
CA VAL G 116 35.91 -0.72 11.15
C VAL G 116 35.33 0.50 10.41
N GLN G 117 36.19 1.34 9.89
CA GLN G 117 35.80 2.48 9.08
C GLN G 117 35.82 2.14 7.58
N VAL G 118 34.70 2.32 6.93
CA VAL G 118 34.53 2.02 5.54
C VAL G 118 35.04 3.19 4.70
N LEU G 119 35.94 2.92 3.75
CA LEU G 119 36.56 3.93 2.91
C LEU G 119 36.11 3.88 1.48
N SER G 120 35.28 2.92 1.12
CA SER G 120 34.85 2.80 -0.28
C SER G 120 33.33 2.67 -0.36
N PRO G 121 32.75 2.98 -1.51
CA PRO G 121 31.31 2.83 -1.71
C PRO G 121 30.92 1.37 -1.60
N GLN G 122 29.75 1.14 -1.04
CA GLN G 122 29.23 -0.19 -0.75
C GLN G 122 28.52 -0.72 -1.99
N ILE G 123 29.28 -1.13 -2.99
CA ILE G 123 28.68 -1.55 -4.27
C ILE G 123 29.32 -2.84 -4.70
N ALA G 124 28.55 -3.76 -5.23
CA ALA G 124 29.08 -5.02 -5.70
C ALA G 124 28.83 -5.25 -7.17
N VAL G 125 29.60 -6.20 -7.74
CA VAL G 125 29.48 -6.57 -9.14
C VAL G 125 28.88 -7.95 -9.15
N VAL G 126 27.81 -8.10 -9.89
CA VAL G 126 27.12 -9.36 -10.01
C VAL G 126 27.24 -9.82 -11.46
N THR G 127 27.55 -11.10 -11.66
CA THR G 127 27.83 -11.65 -12.98
C THR G 127 26.77 -12.73 -13.25
N HIS G 128 26.48 -12.97 -14.53
CA HIS G 128 25.38 -13.84 -15.00
C HIS G 128 25.41 -15.28 -14.54
N ASP G 129 26.59 -15.76 -14.14
CA ASP G 129 26.70 -17.09 -13.51
C ASP G 129 26.36 -17.08 -12.03
N GLY G 130 25.91 -15.95 -11.50
CA GLY G 130 25.48 -15.85 -10.12
C GLY G 130 26.63 -15.48 -9.18
N SER G 131 27.79 -15.15 -9.73
CA SER G 131 28.90 -14.82 -8.87
C SER G 131 28.89 -13.33 -8.55
N VAL G 132 29.34 -13.04 -7.34
CA VAL G 132 29.34 -11.71 -6.81
C VAL G 132 30.74 -11.39 -6.37
N MET G 133 31.16 -10.17 -6.62
CA MET G 133 32.44 -9.65 -6.21
C MET G 133 32.22 -8.35 -5.42
N PHE G 134 32.70 -8.29 -4.19
CA PHE G 134 32.51 -7.13 -3.33
C PHE G 134 33.86 -6.81 -2.70
N SER G 135 34.31 -5.56 -2.84
CA SER G 135 35.65 -5.14 -2.48
C SER G 135 35.75 -3.97 -1.54
N PRO G 136 35.27 -4.15 -0.32
CA PRO G 136 35.33 -2.99 0.58
C PRO G 136 36.74 -2.66 1.04
N ALA G 137 37.01 -1.36 1.06
CA ALA G 137 38.18 -0.78 1.68
C ALA G 137 37.86 -0.29 3.08
N GLN G 138 38.81 -0.42 3.99
CA GLN G 138 38.57 -0.37 5.39
C GLN G 138 39.81 0.19 6.09
N ARG G 139 39.57 0.95 7.16
CA ARG G 139 40.56 1.18 8.16
C ARG G 139 40.20 0.40 9.40
N LEU G 140 41.15 -0.38 9.90
CA LEU G 140 40.96 -1.26 11.05
C LEU G 140 41.99 -0.96 12.13
N SER G 141 41.53 -0.82 13.36
CA SER G 141 42.36 -0.86 14.54
C SER G 141 42.24 -2.25 15.15
N PHE G 142 43.37 -2.90 15.42
CA PHE G 142 43.34 -4.26 15.98
C PHE G 142 44.47 -4.50 17.01
N MET G 143 44.27 -5.53 17.82
CA MET G 143 45.18 -5.89 18.91
C MET G 143 46.52 -6.39 18.42
N CYS G 144 47.57 -5.66 18.73
CA CYS G 144 48.91 -5.97 18.24
C CYS G 144 49.94 -5.28 19.14
N ASP G 145 50.85 -6.05 19.70
CA ASP G 145 51.99 -5.54 20.47
C ASP G 145 53.08 -5.20 19.48
N PRO G 146 53.36 -3.93 19.30
CA PRO G 146 54.36 -3.51 18.34
C PRO G 146 55.81 -3.46 18.89
N THR G 147 56.04 -3.90 20.12
CA THR G 147 57.40 -4.05 20.66
C THR G 147 58.32 -4.80 19.68
N GLY G 148 59.42 -4.14 19.32
CA GLY G 148 60.37 -4.69 18.35
C GLY G 148 60.26 -4.10 16.95
N VAL G 149 59.34 -3.17 16.76
CA VAL G 149 59.06 -2.64 15.43
C VAL G 149 60.21 -1.76 14.94
N ASP G 150 60.89 -1.10 15.87
CA ASP G 150 62.09 -0.25 15.58
C ASP G 150 63.39 -1.00 15.31
N SER G 151 63.37 -2.31 15.52
CA SER G 151 64.48 -3.19 15.20
C SER G 151 64.47 -3.56 13.71
N GLU G 152 65.45 -4.38 13.33
CA GLU G 152 65.59 -4.84 11.97
C GLU G 152 64.80 -6.14 11.70
N GLU G 153 64.62 -6.97 12.74
CA GLU G 153 63.81 -8.21 12.64
C GLU G 153 62.32 -7.85 12.53
N GLY G 154 61.98 -6.67 13.06
CA GLY G 154 60.63 -6.15 13.03
C GLY G 154 59.71 -6.84 14.02
N VAL G 155 58.41 -6.77 13.75
CA VAL G 155 57.42 -7.41 14.60
C VAL G 155 56.35 -8.08 13.76
N THR G 156 55.79 -9.14 14.30
CA THR G 156 54.74 -9.90 13.66
C THR G 156 53.41 -9.66 14.40
N CYS G 157 52.36 -9.34 13.63
CA CYS G 157 50.99 -9.31 14.16
C CYS G 157 50.03 -10.05 13.26
N ALA G 158 48.92 -10.41 13.89
CA ALA G 158 47.94 -11.25 13.23
C ALA G 158 46.52 -10.80 13.54
N VAL G 159 45.64 -10.94 12.55
CA VAL G 159 44.21 -10.74 12.79
C VAL G 159 43.43 -11.73 11.98
N LYS G 160 42.52 -12.41 12.65
CA LYS G 160 41.61 -13.35 12.03
C LYS G 160 40.35 -12.67 11.52
N PHE G 161 39.94 -13.08 10.34
CA PHE G 161 38.70 -12.69 9.74
C PHE G 161 37.80 -13.91 9.65
N GLU G 162 36.59 -13.81 10.17
CA GLU G 162 35.64 -14.89 10.17
C GLU G 162 34.20 -14.43 10.07
N SER G 163 33.32 -15.35 9.69
CA SER G 163 31.91 -15.14 9.85
C SER G 163 31.62 -15.05 11.34
N TRP G 164 30.88 -14.02 11.76
CA TRP G 164 30.55 -13.89 13.18
C TRP G 164 29.54 -14.94 13.62
N VAL G 165 28.57 -15.29 12.77
CA VAL G 165 27.48 -16.14 13.22
C VAL G 165 27.33 -17.44 12.46
N TYR G 166 27.99 -17.59 11.32
CA TYR G 166 27.87 -18.81 10.57
C TYR G 166 29.10 -19.71 10.77
N SER G 167 28.82 -21.00 11.01
CA SER G 167 29.79 -22.00 11.21
C SER G 167 30.30 -22.47 9.89
N GLY G 168 31.32 -23.34 9.92
CA GLY G 168 31.85 -23.93 8.69
C GLY G 168 30.88 -24.88 7.96
N PHE G 169 29.82 -25.29 8.64
CA PHE G 169 28.78 -26.04 7.98
C PHE G 169 27.93 -25.15 7.04
N GLU G 170 27.91 -23.82 7.27
CA GLU G 170 27.12 -22.90 6.46
C GLU G 170 27.98 -22.05 5.55
N ILE G 171 29.09 -21.53 6.07
CA ILE G 171 30.01 -20.73 5.30
C ILE G 171 31.40 -21.33 5.46
N ASP G 172 31.97 -21.72 4.33
CA ASP G 172 33.33 -22.05 4.22
C ASP G 172 34.13 -20.91 3.64
N LEU G 173 35.25 -20.54 4.24
CA LEU G 173 36.12 -19.53 3.68
C LEU G 173 37.29 -20.13 3.00
N LYS G 174 37.76 -19.50 1.94
CA LYS G 174 39.04 -19.84 1.40
C LYS G 174 39.76 -18.66 0.80
N THR G 175 41.03 -18.83 0.43
CA THR G 175 41.84 -17.82 -0.23
C THR G 175 42.19 -18.30 -1.62
N ASP G 176 42.52 -17.41 -2.56
CA ASP G 176 43.03 -17.84 -3.88
C ASP G 176 44.51 -18.06 -3.82
N THR G 177 45.16 -17.32 -2.93
CA THR G 177 46.59 -17.35 -2.74
C THR G 177 46.87 -17.14 -1.26
N ASP G 178 48.03 -17.61 -0.81
CA ASP G 178 48.46 -17.36 0.57
C ASP G 178 49.24 -16.07 0.74
N GLN G 179 49.65 -15.46 -0.37
CA GLN G 179 50.37 -14.21 -0.32
C GLN G 179 49.36 -13.04 -0.42
N VAL G 180 49.43 -12.17 0.56
CA VAL G 180 48.75 -10.91 0.55
C VAL G 180 49.32 -10.05 -0.57
N ASP G 181 48.47 -9.42 -1.35
CA ASP G 181 48.89 -8.50 -2.38
C ASP G 181 49.38 -7.18 -1.79
N LEU G 182 50.61 -6.82 -2.14
CA LEU G 182 51.24 -5.59 -1.67
C LEU G 182 51.47 -4.59 -2.75
N SER G 183 50.89 -4.79 -3.93
CA SER G 183 51.16 -3.86 -5.01
C SER G 183 50.52 -2.47 -4.89
N SER G 184 49.60 -2.25 -3.96
CA SER G 184 49.12 -0.89 -3.63
C SER G 184 49.71 -0.39 -2.31
N TYR G 185 50.69 -1.06 -1.75
CA TYR G 185 51.23 -0.61 -0.48
C TYR G 185 51.92 0.72 -0.69
N TYR G 186 51.64 1.67 0.22
CA TYR G 186 52.14 3.03 0.14
C TYR G 186 53.67 3.02 0.34
N ALA G 187 54.37 3.44 -0.71
CA ALA G 187 55.83 3.40 -0.71
C ALA G 187 56.44 4.26 0.41
N SER G 188 55.81 5.37 0.82
CA SER G 188 56.35 6.16 1.91
C SER G 188 55.67 5.97 3.25
N SER G 189 55.04 4.82 3.46
CA SER G 189 54.51 4.51 4.78
C SER G 189 55.64 4.66 5.80
N LYS G 190 55.32 4.97 7.04
CA LYS G 190 56.30 4.83 8.12
C LYS G 190 56.75 3.41 8.36
N TYR G 191 56.00 2.41 7.87
CA TYR G 191 56.31 1.02 8.16
C TYR G 191 56.46 0.28 6.85
N GLU G 192 57.35 -0.70 6.88
CA GLU G 192 57.81 -1.42 5.72
C GLU G 192 57.31 -2.84 5.96
N ILE G 193 56.82 -3.50 4.94
CA ILE G 193 56.29 -4.85 5.12
C ILE G 193 57.39 -5.85 4.83
N LEU G 194 57.66 -6.73 5.77
CA LEU G 194 58.65 -7.79 5.56
C LEU G 194 57.96 -9.03 4.98
N SER G 195 56.85 -9.43 5.56
CA SER G 195 55.97 -10.37 4.91
C SER G 195 54.51 -10.22 5.30
N ALA G 196 53.65 -10.82 4.49
CA ALA G 196 52.21 -10.74 4.66
C ALA G 196 51.54 -11.92 4.05
N THR G 197 50.93 -12.74 4.89
CA THR G 197 50.24 -13.91 4.41
C THR G 197 48.78 -13.94 4.87
N GLN G 198 48.01 -14.78 4.21
CA GLN G 198 46.61 -14.99 4.50
C GLN G 198 46.31 -16.46 4.41
N THR G 199 45.86 -17.05 5.49
CA THR G 199 45.79 -18.48 5.61
C THR G 199 44.49 -18.99 6.22
N ARG G 200 43.84 -19.91 5.55
CA ARG G 200 42.64 -20.55 6.10
C ARG G 200 42.97 -21.38 7.33
N GLN G 201 42.19 -21.27 8.38
CA GLN G 201 42.25 -22.09 9.57
C GLN G 201 40.88 -22.56 9.99
N VAL G 202 40.83 -23.72 10.64
CA VAL G 202 39.61 -24.32 11.12
C VAL G 202 39.69 -24.41 12.60
N GLN G 203 38.74 -23.83 13.27
CA GLN G 203 38.80 -23.54 14.74
C GLN G 203 37.73 -24.30 15.44
N HIS G 204 38.08 -24.98 16.52
CA HIS G 204 37.11 -25.77 17.30
C HIS G 204 37.10 -25.26 18.72
N TYR G 205 35.91 -25.12 19.28
CA TYR G 205 35.71 -24.54 20.61
C TYR G 205 35.01 -25.62 21.43
N SER G 206 35.30 -25.67 22.74
N SER G 206 35.20 -25.63 22.75
CA SER G 206 34.80 -26.72 23.63
CA SER G 206 34.14 -26.11 23.69
C SER G 206 33.29 -26.70 23.87
C SER G 206 32.95 -25.09 23.75
N CYS G 207 32.67 -25.53 23.78
N CYS G 207 33.29 -23.79 23.64
CA CYS G 207 31.20 -25.38 23.89
CA CYS G 207 32.32 -22.61 23.74
C CYS G 207 30.37 -26.14 22.81
C CYS G 207 31.34 -22.50 22.63
N CYS G 208 30.95 -26.39 21.65
N CYS G 208 31.51 -23.38 21.66
CA CYS G 208 30.19 -26.45 20.38
CA CYS G 208 30.98 -23.11 20.36
C CYS G 208 30.79 -27.43 19.39
C CYS G 208 31.09 -24.50 19.60
N PRO G 209 29.97 -28.32 18.82
N PRO G 209 30.01 -25.24 19.62
CA PRO G 209 30.61 -29.33 17.91
CA PRO G 209 30.04 -26.71 19.41
C PRO G 209 31.04 -28.79 16.54
C PRO G 209 30.62 -27.38 18.22
N GLU G 210 30.44 -27.70 16.09
N GLU G 210 30.83 -26.64 17.18
CA GLU G 210 30.60 -27.20 14.68
CA GLU G 210 31.19 -27.27 15.90
C GLU G 210 31.95 -26.47 14.62
C GLU G 210 32.28 -26.37 15.26
N PRO G 211 32.73 -26.74 13.57
N PRO G 211 32.65 -26.59 13.96
CA PRO G 211 33.91 -25.94 13.34
CA PRO G 211 33.84 -25.89 13.44
C PRO G 211 33.58 -24.52 12.82
C PRO G 211 33.56 -24.52 12.83
N TYR G 212 34.47 -23.57 13.07
CA TYR G 212 34.37 -22.19 12.56
C TYR G 212 35.62 -21.91 11.75
N ILE G 213 35.45 -21.27 10.60
CA ILE G 213 36.55 -21.05 9.67
C ILE G 213 36.97 -19.58 9.75
N ASP G 214 38.27 -19.35 9.65
CA ASP G 214 38.78 -18.01 9.59
C ASP G 214 39.89 -17.95 8.60
N VAL G 215 40.21 -16.74 8.16
CA VAL G 215 41.39 -16.47 7.39
C VAL G 215 42.26 -15.57 8.27
N ASN G 216 43.49 -16.03 8.54
CA ASN G 216 44.41 -15.37 9.43
C ASN G 216 45.34 -14.52 8.61
N LEU G 217 45.31 -13.22 8.85
CA LEU G 217 46.17 -12.27 8.17
C LEU G 217 47.35 -12.03 9.07
N VAL G 218 48.54 -12.36 8.59
CA VAL G 218 49.76 -12.31 9.43
C VAL G 218 50.68 -11.38 8.75
N VAL G 219 51.09 -10.34 9.45
CA VAL G 219 51.90 -9.30 8.84
C VAL G 219 53.14 -9.05 9.72
N LYS G 220 54.32 -9.14 9.08
CA LYS G 220 55.59 -8.83 9.72
C LYS G 220 56.05 -7.52 9.13
N PHE G 221 56.36 -6.57 9.99
CA PHE G 221 56.70 -5.22 9.53
C PHE G 221 57.67 -4.53 10.48
N ARG G 222 58.26 -3.43 10.04
CA ARG G 222 59.15 -2.61 10.89
C ARG G 222 59.16 -1.17 10.43
N GLU G 223 59.74 -0.29 11.25
CA GLU G 223 59.91 1.12 10.84
C GLU G 223 60.76 1.21 9.60
N ARG G 224 60.36 2.00 8.59
CA ARG G 224 61.22 2.33 7.42
C ARG G 224 62.30 3.33 7.86
N GLN H 20 16.86 -22.79 0.28
CA GLN H 20 16.48 -21.40 0.30
C GLN H 20 14.98 -21.34 0.52
N ALA H 21 14.21 -22.06 -0.30
CA ALA H 21 12.75 -21.89 -0.37
C ALA H 21 12.10 -22.16 0.97
N ASN H 22 12.50 -23.23 1.66
CA ASN H 22 11.92 -23.54 2.94
C ASN H 22 12.24 -22.46 3.97
N LEU H 23 13.47 -21.98 3.95
CA LEU H 23 13.86 -20.94 4.86
C LEU H 23 13.13 -19.63 4.57
N MET H 24 12.98 -19.26 3.30
CA MET H 24 12.25 -18.02 2.94
C MET H 24 10.84 -18.07 3.45
N ARG H 25 10.26 -19.24 3.34
CA ARG H 25 8.91 -19.52 3.76
C ARG H 25 8.79 -19.43 5.30
N LEU H 26 9.75 -20.02 6.03
CA LEU H 26 9.76 -19.91 7.46
C LEU H 26 9.87 -18.44 7.89
N LYS H 27 10.78 -17.69 7.29
CA LYS H 27 11.01 -16.30 7.71
C LYS H 27 9.75 -15.46 7.45
N SER H 28 9.14 -15.75 6.33
CA SER H 28 7.90 -15.10 5.97
C SER H 28 6.76 -15.45 6.95
N ASP H 29 6.64 -16.72 7.32
CA ASP H 29 5.65 -17.08 8.34
C ASP H 29 5.91 -16.48 9.72
N LEU H 30 7.15 -16.44 10.15
CA LEU H 30 7.47 -15.86 11.47
C LEU H 30 7.39 -14.33 11.51
N PHE H 31 7.77 -13.64 10.44
CA PHE H 31 7.96 -12.17 10.49
C PHE H 31 6.91 -11.34 9.72
N ASN H 32 6.41 -11.83 8.58
CA ASN H 32 5.44 -11.08 7.78
C ASN H 32 4.00 -11.41 8.08
N ARG H 33 3.71 -12.42 8.91
CA ARG H 33 2.33 -12.85 9.16
C ARG H 33 1.76 -12.41 10.50
N SER H 34 2.53 -11.75 11.35
CA SER H 34 1.95 -11.12 12.60
C SER H 34 2.83 -9.98 13.00
N PRO H 35 2.36 -9.12 13.93
CA PRO H 35 3.20 -7.93 14.26
C PRO H 35 4.34 -8.37 15.12
N MET H 36 5.34 -7.51 15.30
CA MET H 36 6.51 -7.89 16.09
C MET H 36 6.03 -8.10 17.58
N TYR H 37 6.69 -9.03 18.25
CA TYR H 37 6.58 -9.15 19.68
C TYR H 37 6.74 -7.73 20.30
N PRO H 38 5.75 -7.28 21.09
CA PRO H 38 5.78 -5.92 21.68
C PRO H 38 6.60 -5.83 22.98
N GLY H 39 7.33 -6.89 23.33
CA GLY H 39 8.12 -6.91 24.56
C GLY H 39 7.31 -7.52 25.72
N PRO H 40 7.98 -7.88 26.79
CA PRO H 40 7.36 -8.55 27.94
C PRO H 40 6.52 -7.62 28.80
N THR H 41 5.60 -8.22 29.57
CA THR H 41 4.84 -7.48 30.62
C THR H 41 4.89 -8.29 31.97
N LYS H 42 4.34 -7.69 33.02
CA LYS H 42 4.13 -8.35 34.32
C LYS H 42 3.50 -9.74 34.17
N ASP H 43 2.44 -9.81 33.33
CA ASP H 43 1.74 -11.07 33.10
C ASP H 43 2.47 -12.05 32.21
N ASP H 44 3.33 -11.58 31.30
CA ASP H 44 4.08 -12.48 30.39
C ASP H 44 5.55 -12.11 30.41
N PRO H 45 6.19 -12.34 31.57
CA PRO H 45 7.58 -11.94 31.72
C PRO H 45 8.51 -12.83 30.94
N LEU H 46 9.76 -12.43 30.88
CA LEU H 46 10.76 -13.06 30.09
C LEU H 46 12.06 -13.11 30.84
N THR H 47 12.80 -14.17 30.62
CA THR H 47 14.08 -14.32 31.22
C THR H 47 15.16 -14.24 30.17
N VAL H 48 16.14 -13.37 30.42
CA VAL H 48 17.27 -13.18 29.55
C VAL H 48 18.53 -13.62 30.28
N THR H 49 19.29 -14.47 29.66
CA THR H 49 20.52 -14.97 30.21
C THR H 49 21.69 -14.23 29.56
N LEU H 50 22.58 -13.67 30.36
CA LEU H 50 23.80 -13.04 29.89
C LEU H 50 25.04 -13.77 30.32
N GLY H 51 26.05 -13.77 29.48
CA GLY H 51 27.39 -14.13 29.87
C GLY H 51 28.41 -13.28 29.10
N PHE H 52 29.51 -12.92 29.75
CA PHE H 52 30.54 -12.08 29.18
C PHE H 52 31.81 -12.85 28.81
N PHE H 53 32.50 -12.37 27.78
CA PHE H 53 33.67 -12.98 27.21
C PHE H 53 34.63 -11.81 27.02
N LEU H 54 35.52 -11.62 27.96
CA LEU H 54 36.46 -10.51 27.93
C LEU H 54 37.55 -10.80 26.95
N GLN H 55 37.87 -9.82 26.11
CA GLN H 55 38.89 -9.94 25.10
C GLN H 55 40.09 -9.04 25.37
N ASP H 56 39.90 -7.85 25.91
CA ASP H 56 41.03 -6.94 26.10
C ASP H 56 40.64 -5.74 26.94
N ILE H 57 41.48 -5.40 27.91
CA ILE H 57 41.46 -4.09 28.53
C ILE H 57 42.45 -3.28 27.71
N VAL H 58 41.94 -2.33 26.96
CA VAL H 58 42.70 -1.68 25.94
C VAL H 58 43.43 -0.52 26.57
N LYS H 59 42.71 0.26 27.36
CA LYS H 59 43.35 1.30 28.10
C LYS H 59 42.67 1.76 29.35
N VAL H 60 43.44 2.51 30.10
CA VAL H 60 43.11 3.03 31.39
C VAL H 60 43.38 4.52 31.30
N ASP H 61 42.51 5.36 31.86
CA ASP H 61 42.79 6.80 31.88
C ASP H 61 42.64 7.27 33.32
N SER H 62 43.78 7.49 33.96
CA SER H 62 43.81 7.84 35.39
C SER H 62 43.55 9.31 35.60
N SER H 63 43.53 10.12 34.56
CA SER H 63 43.10 11.49 34.73
C SER H 63 41.57 11.66 34.67
N THR H 64 40.83 10.70 34.10
CA THR H 64 39.36 10.75 34.03
C THR H 64 38.64 9.60 34.74
N ASN H 65 39.38 8.61 35.20
CA ASN H 65 38.78 7.39 35.80
C ASN H 65 37.80 6.70 34.84
N GLU H 66 38.32 6.43 33.65
CA GLU H 66 37.66 5.70 32.62
C GLU H 66 38.56 4.56 32.22
N VAL H 67 37.98 3.38 32.05
CA VAL H 67 38.68 2.26 31.50
C VAL H 67 37.92 1.76 30.26
N ASP H 68 38.67 1.29 29.26
CA ASP H 68 38.14 0.78 28.00
C ASP H 68 38.33 -0.72 27.85
N LEU H 69 37.23 -1.42 27.63
CA LEU H 69 37.15 -2.86 27.51
C LEU H 69 36.60 -3.28 26.16
N VAL H 70 37.13 -4.34 25.61
CA VAL H 70 36.59 -4.97 24.46
C VAL H 70 36.16 -6.34 24.89
N TYR H 71 34.93 -6.70 24.54
CA TYR H 71 34.37 -7.96 24.95
C TYR H 71 33.20 -8.32 24.05
N TYR H 72 32.75 -9.57 24.13
CA TYR H 72 31.43 -9.88 23.65
C TYR H 72 30.59 -10.49 24.74
N GLU H 73 29.31 -10.57 24.44
CA GLU H 73 28.27 -10.76 25.38
C GLU H 73 27.31 -11.73 24.75
N ARG H 74 27.05 -12.88 25.35
CA ARG H 74 26.02 -13.80 24.84
C ARG H 74 24.72 -13.43 25.54
N GLN H 75 23.67 -13.19 24.78
CA GLN H 75 22.32 -12.97 25.30
C GLN H 75 21.43 -14.05 24.80
N ARG H 76 20.56 -14.58 25.66
CA ARG H 76 19.70 -15.69 25.31
C ARG H 76 18.31 -15.48 25.92
N TRP H 77 17.28 -15.69 25.13
CA TRP H 77 15.90 -15.66 25.61
C TRP H 77 15.03 -16.50 24.69
N LYS H 78 13.76 -16.62 24.98
CA LYS H 78 12.89 -17.56 24.30
C LYS H 78 11.49 -16.99 24.17
N LEU H 79 10.96 -17.06 22.96
CA LEU H 79 9.59 -16.58 22.63
C LEU H 79 8.77 -17.66 22.02
N ASN H 80 7.57 -17.86 22.54
CA ASN H 80 6.60 -18.77 21.89
C ASN H 80 6.32 -18.41 20.44
N SER H 81 6.28 -17.12 20.10
CA SER H 81 5.98 -16.70 18.74
C SER H 81 7.10 -16.99 17.74
N LEU H 82 8.28 -17.43 18.19
CA LEU H 82 9.37 -17.82 17.30
C LEU H 82 9.52 -19.33 17.16
N MET H 83 8.56 -20.09 17.71
CA MET H 83 8.59 -21.55 17.58
C MET H 83 8.12 -21.98 16.20
N TRP H 84 8.72 -23.05 15.71
CA TRP H 84 8.13 -23.81 14.63
C TRP H 84 8.48 -25.29 14.78
N ASP H 85 7.77 -26.11 14.04
CA ASP H 85 8.03 -27.51 13.89
C ASP H 85 8.97 -27.73 12.69
N PRO H 86 10.18 -28.24 12.94
CA PRO H 86 11.05 -28.46 11.78
C PRO H 86 10.50 -29.34 10.65
N ASN H 87 9.58 -30.27 10.95
CA ASN H 87 9.04 -31.16 9.89
C ASN H 87 8.23 -30.41 8.87
N GLU H 88 7.64 -29.28 9.30
CA GLU H 88 6.91 -28.41 8.38
C GLU H 88 7.79 -27.52 7.50
N TYR H 89 9.11 -27.48 7.73
CA TYR H 89 10.01 -26.55 7.04
C TYR H 89 11.32 -27.22 6.64
N GLY H 90 11.20 -28.42 6.07
CA GLY H 90 12.33 -29.11 5.48
C GLY H 90 13.41 -29.46 6.46
N ASN H 91 13.01 -29.68 7.72
CA ASN H 91 13.93 -30.00 8.81
C ASN H 91 14.88 -28.90 9.25
N ILE H 92 14.55 -27.65 8.95
CA ILE H 92 15.33 -26.51 9.44
C ILE H 92 15.11 -26.43 10.96
N THR H 93 16.22 -26.42 11.70
CA THR H 93 16.17 -26.33 13.16
C THR H 93 16.61 -24.97 13.71
N ASP H 94 17.30 -24.19 12.89
CA ASP H 94 17.69 -22.87 13.26
C ASP H 94 18.10 -22.06 12.04
N PHE H 95 18.12 -20.74 12.19
CA PHE H 95 18.56 -19.85 11.14
C PHE H 95 19.14 -18.57 11.71
N ARG H 96 19.89 -17.89 10.87
CA ARG H 96 20.43 -16.61 11.20
C ARG H 96 19.60 -15.50 10.60
N THR H 97 19.50 -14.40 11.31
CA THR H 97 18.76 -13.28 10.84
C THR H 97 19.21 -11.99 11.52
N SER H 98 19.03 -10.91 10.81
CA SER H 98 19.34 -9.59 11.27
C SER H 98 18.58 -9.31 12.56
N ALA H 99 19.26 -8.73 13.53
CA ALA H 99 18.63 -8.34 14.79
C ALA H 99 17.50 -7.32 14.66
N ALA H 100 17.50 -6.58 13.58
CA ALA H 100 16.39 -5.68 13.27
C ALA H 100 15.08 -6.41 12.99
N ASP H 101 15.13 -7.69 12.63
CA ASP H 101 13.92 -8.48 12.36
C ASP H 101 13.15 -8.91 13.60
N ILE H 102 13.79 -8.82 14.78
CA ILE H 102 13.25 -9.38 15.99
C ILE H 102 13.34 -8.39 17.13
N TRP H 103 12.55 -8.65 18.16
CA TRP H 103 12.70 -7.90 19.38
C TRP H 103 14.02 -8.34 20.03
N THR H 104 14.71 -7.38 20.64
CA THR H 104 15.88 -7.68 21.47
C THR H 104 15.80 -6.89 22.77
N PRO H 105 16.39 -7.44 23.83
CA PRO H 105 16.30 -6.73 25.09
C PRO H 105 17.28 -5.53 25.12
N ASP H 106 16.89 -4.51 25.88
CA ASP H 106 17.59 -3.27 26.05
C ASP H 106 18.66 -3.31 27.18
N ILE H 107 19.53 -4.30 27.11
CA ILE H 107 20.57 -4.45 28.12
C ILE H 107 21.56 -3.31 27.99
N THR H 108 21.87 -2.65 29.09
CA THR H 108 22.65 -1.41 29.05
C THR H 108 23.72 -1.50 30.14
N ALA H 109 24.90 -1.03 29.82
CA ALA H 109 25.94 -0.82 30.84
C ALA H 109 25.61 0.43 31.57
N ALA H 110 25.31 0.34 32.85
CA ALA H 110 24.78 1.45 33.65
C ALA H 110 25.84 2.51 33.97
N SER H 111 27.12 2.18 33.86
CA SER H 111 28.18 3.06 34.20
C SER H 111 29.14 3.39 33.04
N SER H 112 28.65 3.23 31.82
CA SER H 112 29.35 3.72 30.65
C SER H 112 29.51 5.24 30.68
N THR H 113 30.58 5.71 30.07
CA THR H 113 30.82 7.15 29.91
C THR H 113 30.85 7.60 28.47
N ARG H 114 30.62 6.67 27.53
CA ARG H 114 30.57 6.93 26.08
C ARG H 114 29.59 5.94 25.49
N PRO H 115 28.97 6.28 24.36
CA PRO H 115 28.23 5.24 23.67
C PRO H 115 29.09 4.02 23.38
N VAL H 116 28.53 2.87 23.59
CA VAL H 116 29.15 1.62 23.30
C VAL H 116 29.37 1.52 21.79
N GLN H 117 30.56 1.13 21.40
CA GLN H 117 30.89 0.91 20.00
C GLN H 117 30.74 -0.58 19.63
N VAL H 118 29.93 -0.83 18.62
CA VAL H 118 29.63 -2.17 18.16
C VAL H 118 30.73 -2.65 17.23
N LEU H 119 31.29 -3.82 17.50
CA LEU H 119 32.38 -4.40 16.71
C LEU H 119 31.97 -5.59 15.89
N SER H 120 30.73 -6.06 16.03
CA SER H 120 30.30 -7.24 15.31
C SER H 120 28.98 -6.96 14.56
N PRO H 121 28.68 -7.76 13.54
CA PRO H 121 27.42 -7.67 12.83
C PRO H 121 26.25 -7.94 13.75
N GLN H 122 25.18 -7.22 13.54
CA GLN H 122 23.99 -7.28 14.37
C GLN H 122 23.10 -8.42 13.87
N ILE H 123 23.48 -9.65 14.16
CA ILE H 123 22.79 -10.81 13.62
C ILE H 123 22.55 -11.80 14.75
N ALA H 124 21.37 -12.40 14.77
CA ALA H 124 21.04 -13.38 15.79
C ALA H 124 20.74 -14.74 15.21
N VAL H 125 20.76 -15.74 16.09
CA VAL H 125 20.43 -17.11 15.73
C VAL H 125 19.13 -17.42 16.41
N VAL H 126 18.18 -17.88 15.63
CA VAL H 126 16.88 -18.26 16.13
C VAL H 126 16.74 -19.78 15.95
N THR H 127 16.24 -20.45 16.98
CA THR H 127 16.16 -21.91 17.01
C THR H 127 14.67 -22.28 17.12
N HIS H 128 14.31 -23.45 16.62
CA HIS H 128 12.93 -23.92 16.46
C HIS H 128 12.10 -23.99 17.73
N ASP H 129 12.74 -24.05 18.87
CA ASP H 129 12.05 -23.96 20.17
C ASP H 129 11.77 -22.54 20.59
N GLY H 130 12.06 -21.56 19.73
CA GLY H 130 11.75 -20.17 20.00
C GLY H 130 12.88 -19.45 20.71
N SER H 131 14.01 -20.11 20.88
CA SER H 131 15.10 -19.47 21.59
C SER H 131 15.95 -18.68 20.62
N VAL H 132 16.48 -17.59 21.13
CA VAL H 132 17.27 -16.66 20.38
C VAL H 132 18.57 -16.51 21.09
N MET H 133 19.64 -16.43 20.31
CA MET H 133 20.98 -16.21 20.79
C MET H 133 21.54 -14.98 20.03
N PHE H 134 21.95 -13.95 20.75
CA PHE H 134 22.52 -12.76 20.14
C PHE H 134 23.82 -12.44 20.89
N SER H 135 24.91 -12.28 20.15
CA SER H 135 26.25 -12.16 20.70
C SER H 135 27.03 -10.95 20.24
N PRO H 136 26.57 -9.77 20.64
CA PRO H 136 27.30 -8.59 20.17
C PRO H 136 28.64 -8.42 20.86
N ALA H 137 29.62 -8.03 20.06
CA ALA H 137 30.91 -7.55 20.51
C ALA H 137 30.94 -6.03 20.57
N GLN H 138 31.65 -5.48 21.55
CA GLN H 138 31.48 -4.13 21.97
C GLN H 138 32.84 -3.61 22.51
N ARG H 139 33.10 -2.33 22.29
CA ARG H 139 34.04 -1.60 23.05
C ARG H 139 33.29 -0.64 23.95
N LEU H 140 33.59 -0.69 25.23
CA LEU H 140 32.93 0.07 26.27
C LEU H 140 33.95 0.92 27.05
N SER H 141 33.64 2.19 27.25
CA SER H 141 34.31 3.02 28.22
C SER H 141 33.42 3.11 29.45
N PHE H 142 33.97 2.84 30.62
CA PHE H 142 33.16 2.86 31.85
C PHE H 142 33.95 3.43 33.05
N MET H 143 33.19 3.83 34.08
CA MET H 143 33.72 4.50 35.26
C MET H 143 34.54 3.53 36.10
N CYS H 144 35.82 3.83 36.25
CA CYS H 144 36.74 2.96 36.98
C CYS H 144 37.96 3.76 37.38
N ASP H 145 38.25 3.78 38.68
CA ASP H 145 39.48 4.38 39.23
C ASP H 145 40.54 3.32 39.13
N PRO H 146 41.52 3.52 38.25
CA PRO H 146 42.58 2.55 38.07
C PRO H 146 43.78 2.69 39.04
N THR H 147 43.71 3.60 40.00
CA THR H 147 44.73 3.68 41.06
C THR H 147 45.03 2.31 41.67
N GLY H 148 46.30 1.92 41.63
CA GLY H 148 46.77 0.63 42.12
C GLY H 148 47.02 -0.40 41.04
N VAL H 149 46.81 -0.02 39.78
CA VAL H 149 46.87 -0.98 38.69
C VAL H 149 48.31 -1.43 38.44
N ASP H 150 49.27 -0.53 38.70
CA ASP H 150 50.74 -0.79 38.57
C ASP H 150 51.35 -1.62 39.70
N SER H 151 50.58 -1.88 40.75
CA SER H 151 50.97 -2.76 41.82
C SER H 151 50.74 -4.23 41.45
N GLU H 152 51.05 -5.10 42.39
CA GLU H 152 50.90 -6.54 42.23
C GLU H 152 49.50 -7.02 42.66
N GLU H 153 48.87 -6.33 43.62
CA GLU H 153 47.48 -6.63 44.07
C GLU H 153 46.49 -6.22 42.98
N GLY H 154 46.90 -5.26 42.15
CA GLY H 154 46.10 -4.75 41.06
C GLY H 154 44.97 -3.85 41.53
N VAL H 155 43.94 -3.74 40.68
CA VAL H 155 42.77 -2.94 41.01
C VAL H 155 41.49 -3.65 40.57
N THR H 156 40.43 -3.40 41.31
CA THR H 156 39.15 -3.97 41.07
C THR H 156 38.20 -2.89 40.53
N CYS H 157 37.50 -3.21 39.43
CA CYS H 157 36.40 -2.37 38.95
C CYS H 157 35.19 -3.23 38.66
N ALA H 158 34.05 -2.54 38.61
CA ALA H 158 32.79 -3.13 38.38
C ALA H 158 31.93 -2.33 37.37
N VAL H 159 31.11 -3.06 36.63
CA VAL H 159 30.10 -2.45 35.82
C VAL H 159 28.85 -3.28 35.83
N LYS H 160 27.72 -2.64 36.11
CA LYS H 160 26.42 -3.26 36.10
C LYS H 160 25.80 -3.22 34.69
N PHE H 161 25.21 -4.35 34.33
CA PHE H 161 24.43 -4.49 33.15
C PHE H 161 23.00 -4.75 33.53
N GLU H 162 22.07 -3.97 32.97
CA GLU H 162 20.67 -4.12 33.32
C GLU H 162 19.78 -3.71 32.12
N SER H 163 18.53 -4.12 32.19
CA SER H 163 17.49 -3.53 31.36
C SER H 163 17.34 -2.08 31.80
N TRP H 164 17.34 -1.17 30.85
CA TRP H 164 17.14 0.24 31.20
C TRP H 164 15.74 0.54 31.63
N VAL H 165 14.75 -0.09 31.01
CA VAL H 165 13.35 0.32 31.23
C VAL H 165 12.45 -0.76 31.73
N TYR H 166 12.87 -2.01 31.72
CA TYR H 166 12.05 -3.08 32.26
C TYR H 166 12.54 -3.50 33.66
N SER H 167 11.59 -3.64 34.57
CA SER H 167 11.85 -4.06 35.99
C SER H 167 11.96 -5.56 35.96
N GLY H 168 12.29 -6.12 37.10
CA GLY H 168 12.36 -7.59 37.27
C GLY H 168 11.02 -8.31 37.17
N PHE H 169 9.92 -7.57 37.25
CA PHE H 169 8.63 -8.16 36.92
C PHE H 169 8.46 -8.47 35.43
N GLU H 170 9.19 -7.78 34.57
CA GLU H 170 9.05 -7.95 33.11
C GLU H 170 10.23 -8.68 32.51
N ILE H 171 11.44 -8.30 32.92
CA ILE H 171 12.64 -9.00 32.47
C ILE H 171 13.41 -9.42 33.71
N ASP H 172 13.60 -10.72 33.83
CA ASP H 172 14.53 -11.30 34.76
C ASP H 172 15.83 -11.62 34.08
N LEU H 173 16.95 -11.21 34.67
CA LEU H 173 18.25 -11.56 34.13
C LEU H 173 18.86 -12.66 34.89
N LYS H 174 19.60 -13.53 34.21
CA LYS H 174 20.43 -14.47 34.90
C LYS H 174 21.70 -14.76 34.16
N THR H 175 22.62 -15.47 34.81
CA THR H 175 23.88 -15.93 34.21
C THR H 175 23.84 -17.44 34.17
N ASP H 176 24.61 -18.09 33.29
CA ASP H 176 24.73 -19.57 33.33
C ASP H 176 25.84 -19.95 34.29
N THR H 177 26.80 -19.07 34.43
CA THR H 177 27.96 -19.29 35.28
C THR H 177 28.31 -17.96 35.93
N ASP H 178 28.99 -18.00 37.07
CA ASP H 178 29.51 -16.81 37.71
C ASP H 178 30.90 -16.42 37.24
N GLN H 179 31.56 -17.30 36.52
CA GLN H 179 32.88 -17.03 35.99
C GLN H 179 32.75 -16.44 34.59
N VAL H 180 33.35 -15.26 34.42
CA VAL H 180 33.53 -14.67 33.14
C VAL H 180 34.50 -15.52 32.34
N ASP H 181 34.18 -15.77 31.08
CA ASP H 181 35.07 -16.50 30.20
C ASP H 181 36.22 -15.63 29.74
N LEU H 182 37.44 -16.12 29.98
CA LEU H 182 38.65 -15.42 29.60
C LEU H 182 39.43 -16.14 28.56
N SER H 183 38.85 -17.14 27.92
CA SER H 183 39.62 -17.89 26.92
C SER H 183 39.90 -17.15 25.60
N SER H 184 39.26 -16.00 25.35
CA SER H 184 39.63 -15.13 24.22
C SER H 184 40.44 -13.90 24.68
N TYR H 185 40.86 -13.87 25.94
CA TYR H 185 41.57 -12.68 26.40
C TYR H 185 42.92 -12.59 25.67
N TYR H 186 43.24 -11.40 25.20
CA TYR H 186 44.43 -11.11 24.45
C TYR H 186 45.67 -11.33 25.33
N ALA H 187 46.48 -12.30 24.94
CA ALA H 187 47.66 -12.67 25.72
C ALA H 187 48.67 -11.54 25.84
N SER H 188 48.79 -10.64 24.88
CA SER H 188 49.71 -9.51 25.02
C SER H 188 49.04 -8.19 25.37
N SER H 189 47.87 -8.23 25.99
CA SER H 189 47.28 -7.00 26.49
C SER H 189 48.27 -6.30 27.39
N LYS H 190 48.19 -4.99 27.52
CA LYS H 190 48.92 -4.30 28.59
C LYS H 190 48.46 -4.70 30.00
N TYR H 191 47.27 -5.29 30.14
CA TYR H 191 46.72 -5.59 31.44
C TYR H 191 46.38 -7.05 31.51
N GLU H 192 46.51 -7.59 32.71
CA GLU H 192 46.45 -9.01 32.99
C GLU H 192 45.21 -9.13 33.87
N ILE H 193 44.40 -10.15 33.64
CA ILE H 193 43.19 -10.32 34.44
C ILE H 193 43.50 -11.22 35.62
N LEU H 194 43.24 -10.74 36.84
CA LEU H 194 43.45 -11.54 38.01
C LEU H 194 42.20 -12.30 38.37
N SER H 195 41.04 -11.64 38.33
CA SER H 195 39.80 -12.38 38.31
C SER H 195 38.68 -11.59 37.63
N ALA H 196 37.61 -12.34 37.30
CA ALA H 196 36.49 -11.79 36.59
C ALA H 196 35.24 -12.58 36.88
N THR H 197 34.28 -11.94 37.52
CA THR H 197 33.02 -12.61 37.80
C THR H 197 31.83 -11.83 37.25
N GLN H 198 30.71 -12.52 37.17
CA GLN H 198 29.47 -11.95 36.72
C GLN H 198 28.37 -12.47 37.59
N THR H 199 27.68 -11.59 38.27
CA THR H 199 26.78 -11.99 39.34
C THR H 199 25.43 -11.29 39.27
N ARG H 200 24.34 -12.06 39.23
CA ARG H 200 23.02 -11.49 39.33
C ARG H 200 22.82 -10.84 40.70
N GLN H 201 22.24 -9.64 40.71
CA GLN H 201 21.85 -8.93 41.90
C GLN H 201 20.41 -8.43 41.76
N VAL H 202 19.70 -8.45 42.90
CA VAL H 202 18.34 -8.04 42.95
C VAL H 202 18.27 -6.85 43.87
N GLN H 203 17.77 -5.72 43.38
CA GLN H 203 17.59 -4.52 44.11
C GLN H 203 16.16 -4.19 44.40
N HIS H 204 15.89 -3.66 45.54
CA HIS H 204 14.53 -3.13 45.89
C HIS H 204 14.76 -1.70 46.38
N TYR H 205 13.89 -0.81 45.99
CA TYR H 205 13.91 0.60 46.34
C TYR H 205 12.62 0.91 47.04
N SER H 206 12.65 1.84 48.00
CA SER H 206 11.49 2.13 48.88
C SER H 206 10.31 2.78 48.15
N CYS H 207 10.58 3.54 47.09
CA CYS H 207 9.55 4.14 46.23
C CYS H 207 8.55 3.17 45.57
N CYS H 208 8.96 1.90 45.36
CA CYS H 208 8.49 1.07 44.27
C CYS H 208 8.39 -0.40 44.68
N PRO H 209 7.28 -1.07 44.38
CA PRO H 209 7.23 -2.51 44.75
C PRO H 209 8.11 -3.44 43.89
N GLU H 210 8.47 -3.00 42.66
CA GLU H 210 9.11 -3.86 41.69
C GLU H 210 10.58 -4.08 42.04
N PRO H 211 11.08 -5.30 41.96
CA PRO H 211 12.50 -5.51 41.98
C PRO H 211 13.19 -5.06 40.66
N TYR H 212 14.45 -4.69 40.74
CA TYR H 212 15.31 -4.36 39.61
C TYR H 212 16.50 -5.30 39.62
N ILE H 213 16.79 -5.91 38.47
CA ILE H 213 17.79 -6.92 38.37
C ILE H 213 18.96 -6.33 37.59
N ASP H 214 20.18 -6.71 37.97
CA ASP H 214 21.35 -6.40 37.19
C ASP H 214 22.29 -7.55 37.26
N VAL H 215 23.25 -7.61 36.35
CA VAL H 215 24.37 -8.50 36.39
C VAL H 215 25.61 -7.63 36.58
N ASN H 216 26.35 -7.87 37.66
CA ASN H 216 27.49 -7.08 38.05
C ASN H 216 28.74 -7.74 37.54
N LEU H 217 29.46 -7.08 36.67
CA LEU H 217 30.68 -7.62 36.10
C LEU H 217 31.82 -7.01 36.91
N VAL H 218 32.59 -7.86 37.59
CA VAL H 218 33.61 -7.39 38.53
C VAL H 218 34.92 -7.92 38.01
N VAL H 219 35.86 -7.03 37.74
CA VAL H 219 37.10 -7.42 37.14
C VAL H 219 38.26 -6.85 37.94
N LYS H 220 39.18 -7.74 38.33
CA LYS H 220 40.40 -7.36 39.02
C LYS H 220 41.52 -7.55 38.01
N PHE H 221 42.31 -6.52 37.82
CA PHE H 221 43.37 -6.56 36.82
C PHE H 221 44.58 -5.71 37.23
N ARG H 222 45.70 -5.90 36.54
CA ARG H 222 46.91 -5.08 36.77
C ARG H 222 47.76 -5.01 35.53
N GLU H 223 48.74 -4.12 35.52
CA GLU H 223 49.70 -4.04 34.39
C GLU H 223 50.44 -5.37 34.26
N ARG H 224 50.58 -5.87 33.04
CA ARG H 224 51.33 -7.09 32.77
C ARG H 224 52.83 -6.88 33.14
N ARG H 225 53.41 -7.91 33.75
CA ARG H 225 54.84 -7.96 34.10
C ARG H 225 55.67 -7.57 32.86
N GLN I 20 0.88 -11.18 25.11
CA GLN I 20 1.36 -10.52 23.87
C GLN I 20 0.14 -9.94 23.17
N ALA I 21 -0.88 -10.76 22.98
CA ALA I 21 -2.03 -10.40 22.13
C ALA I 21 -2.73 -9.13 22.61
N ASN I 22 -2.96 -9.05 23.90
CA ASN I 22 -3.63 -7.88 24.46
C ASN I 22 -2.76 -6.63 24.29
N LEU I 23 -1.47 -6.78 24.52
CA LEU I 23 -0.57 -5.67 24.35
C LEU I 23 -0.48 -5.23 22.90
N MET I 24 -0.41 -6.16 21.95
CA MET I 24 -0.34 -5.83 20.52
C MET I 24 -1.55 -5.02 20.11
N ARG I 25 -2.67 -5.43 20.65
CA ARG I 25 -3.96 -4.82 20.43
C ARG I 25 -4.01 -3.39 21.00
N LEU I 26 -3.52 -3.23 22.24
CA LEU I 26 -3.44 -1.91 22.83
C LEU I 26 -2.56 -0.98 22.01
N LYS I 27 -1.39 -1.47 21.59
CA LYS I 27 -0.45 -0.60 20.87
C LYS I 27 -1.06 -0.19 19.53
N SER I 28 -1.73 -1.13 18.93
CA SER I 28 -2.43 -0.89 17.68
C SER I 28 -3.56 0.12 17.86
N ASP I 29 -4.35 0.00 18.91
CA ASP I 29 -5.37 1.03 19.18
C ASP I 29 -4.81 2.41 19.48
N LEU I 30 -3.74 2.49 20.27
CA LEU I 30 -3.16 3.80 20.60
C LEU I 30 -2.39 4.44 19.44
N PHE I 31 -1.70 3.67 18.61
CA PHE I 31 -0.76 4.22 17.62
C PHE I 31 -1.17 4.12 16.14
N ASN I 32 -1.88 3.07 15.74
CA ASN I 32 -2.29 2.87 14.33
C ASN I 32 -3.66 3.37 14.01
N ARG I 33 -4.45 3.80 14.98
CA ARG I 33 -5.84 4.24 14.74
C ARG I 33 -6.05 5.75 14.70
N SER I 34 -5.03 6.56 14.95
CA SER I 34 -5.14 8.04 14.80
C SER I 34 -3.76 8.61 14.59
N PRO I 35 -3.65 9.89 14.18
CA PRO I 35 -2.28 10.40 13.85
C PRO I 35 -1.56 10.65 15.16
N MET I 36 -0.26 10.89 15.07
CA MET I 36 0.51 11.13 16.29
C MET I 36 0.03 12.44 16.96
N TYR I 37 0.08 12.46 18.29
CA TYR I 37 -0.03 13.71 19.02
C TYR I 37 0.88 14.77 18.35
N PRO I 38 0.33 15.91 17.91
CA PRO I 38 1.14 16.93 17.19
C PRO I 38 1.88 17.88 18.13
N GLY I 39 1.89 17.60 19.42
CA GLY I 39 2.52 18.46 20.40
C GLY I 39 1.52 19.46 21.01
N PRO I 40 1.91 20.09 22.09
CA PRO I 40 1.04 21.04 22.80
C PRO I 40 0.87 22.36 22.09
N THR I 41 -0.20 23.06 22.43
CA THR I 41 -0.46 24.46 21.97
C THR I 41 -0.85 25.34 23.19
N LYS I 42 -0.98 26.63 22.95
CA LYS I 42 -1.53 27.62 23.93
C LYS I 42 -2.84 27.10 24.54
N ASP I 43 -3.73 26.59 23.72
CA ASP I 43 -5.03 26.08 24.17
C ASP I 43 -4.95 24.73 24.86
N ASP I 44 -3.96 23.88 24.54
CA ASP I 44 -3.84 22.56 25.18
C ASP I 44 -2.42 22.36 25.66
N PRO I 45 -2.02 23.15 26.68
CA PRO I 45 -0.64 23.08 27.14
C PRO I 45 -0.38 21.83 27.93
N LEU I 46 0.88 21.63 28.23
CA LEU I 46 1.37 20.42 28.84
C LEU I 46 2.42 20.76 29.87
N THR I 47 2.46 19.99 30.92
CA THR I 47 3.48 20.15 31.92
C THR I 47 4.40 18.95 31.89
N VAL I 48 5.69 19.22 31.82
CA VAL I 48 6.72 18.21 31.85
C VAL I 48 7.52 18.36 33.14
N THR I 49 7.65 17.28 33.87
CA THR I 49 8.41 17.27 35.07
C THR I 49 9.77 16.63 34.79
N LEU I 50 10.84 17.31 35.20
CA LEU I 50 12.20 16.81 35.11
C LEU I 50 12.82 16.57 36.45
N GLY I 51 13.66 15.56 36.53
CA GLY I 51 14.64 15.43 37.57
C GLY I 51 15.93 14.85 37.02
N PHE I 52 17.06 15.29 37.57
CA PHE I 52 18.38 14.81 37.19
C PHE I 52 19.00 13.87 38.20
N PHE I 53 19.83 12.95 37.70
CA PHE I 53 20.47 11.91 38.45
C PHE I 53 21.90 11.93 37.96
N LEU I 54 22.77 12.62 38.70
CA LEU I 54 24.13 12.73 38.33
C LEU I 54 24.89 11.46 38.61
N GLN I 55 25.69 11.03 37.65
CA GLN I 55 26.46 9.81 37.78
C GLN I 55 27.95 10.06 37.84
N ASP I 56 28.46 11.05 37.11
CA ASP I 56 29.91 11.24 37.08
C ASP I 56 30.25 12.54 36.39
N ILE I 57 31.17 13.30 36.99
CA ILE I 57 31.89 14.35 36.28
C ILE I 57 33.13 13.66 35.80
N VAL I 58 33.23 13.48 34.49
CA VAL I 58 34.21 12.62 33.93
C VAL I 58 35.47 13.42 33.72
N LYS I 59 35.34 14.60 33.15
CA LYS I 59 36.46 15.47 33.03
C LYS I 59 36.18 16.94 32.90
N VAL I 60 37.25 17.68 33.05
CA VAL I 60 37.30 19.10 33.08
C VAL I 60 38.36 19.48 32.05
N ASP I 61 38.13 20.52 31.26
CA ASP I 61 39.16 20.98 30.31
C ASP I 61 39.33 22.48 30.52
N SER I 62 40.42 22.82 31.18
CA SER I 62 40.68 24.22 31.56
C SER I 62 41.27 25.01 30.44
N SER I 63 41.69 24.37 29.36
CA SER I 63 42.10 25.13 28.18
C SER I 63 40.92 25.54 27.28
N THR I 64 39.76 24.88 27.40
CA THR I 64 38.56 25.22 26.61
C THR I 64 37.35 25.65 27.42
N ASN I 65 37.42 25.51 28.74
CA ASN I 65 36.24 25.76 29.62
C ASN I 65 35.03 24.92 29.23
N GLU I 66 35.30 23.62 29.14
CA GLU I 66 34.29 22.61 28.91
C GLU I 66 34.40 21.61 30.04
N VAL I 67 33.25 21.20 30.57
CA VAL I 67 33.21 20.10 31.52
C VAL I 67 32.26 19.02 30.97
N ASP I 68 32.60 17.77 31.22
CA ASP I 68 31.86 16.59 30.78
C ASP I 68 31.17 15.86 31.95
N LEU I 69 29.85 15.71 31.82
CA LEU I 69 28.99 15.08 32.80
C LEU I 69 28.28 13.86 32.20
N VAL I 70 28.13 12.84 33.02
CA VAL I 70 27.31 11.71 32.69
C VAL I 70 26.19 11.71 33.67
N TYR I 71 24.97 11.60 33.18
CA TYR I 71 23.80 11.64 34.03
C TYR I 71 22.62 11.02 33.30
N TYR I 72 21.56 10.75 34.05
CA TYR I 72 20.27 10.56 33.39
C TYR I 72 19.25 11.52 33.94
N GLU I 73 18.15 11.57 33.24
CA GLU I 73 17.19 12.62 33.35
C GLU I 73 15.83 11.93 33.30
N ARG I 74 15.00 12.06 34.31
CA ARG I 74 13.64 11.53 34.27
C ARG I 74 12.75 12.61 33.75
N GLN I 75 11.99 12.32 32.69
CA GLN I 75 10.99 13.23 32.13
C GLN I 75 9.64 12.56 32.28
N ARG I 76 8.64 13.34 32.67
CA ARG I 76 7.31 12.82 32.90
C ARG I 76 6.28 13.83 32.36
N TRP I 77 5.30 13.32 31.63
CA TRP I 77 4.17 14.14 31.19
C TRP I 77 2.97 13.23 30.98
N LYS I 78 1.85 13.80 30.58
CA LYS I 78 0.62 13.04 30.54
C LYS I 78 -0.25 13.51 29.39
N LEU I 79 -0.75 12.55 28.60
CA LEU I 79 -1.62 12.82 27.45
C LEU I 79 -2.94 12.07 27.57
N ASN I 80 -4.03 12.75 27.39
CA ASN I 80 -5.34 12.11 27.27
C ASN I 80 -5.39 11.02 26.19
N SER I 81 -4.73 11.27 25.06
CA SER I 81 -4.75 10.31 23.96
C SER I 81 -3.96 9.02 24.24
N LEU I 82 -3.22 8.94 25.34
CA LEU I 82 -2.53 7.71 25.72
C LEU I 82 -3.23 6.95 26.85
N MET I 83 -4.44 7.37 27.20
CA MET I 83 -5.20 6.68 28.25
C MET I 83 -5.86 5.43 27.70
N TRP I 84 -5.96 4.43 28.55
CA TRP I 84 -6.86 3.33 28.33
C TRP I 84 -7.38 2.79 29.66
N ASP I 85 -8.43 2.01 29.55
CA ASP I 85 -8.97 1.25 30.64
C ASP I 85 -8.32 -0.13 30.69
N PRO I 86 -7.60 -0.44 31.77
CA PRO I 86 -7.01 -1.77 31.81
C PRO I 86 -7.95 -2.96 31.67
N ASN I 87 -9.22 -2.82 32.06
CA ASN I 87 -10.19 -3.95 31.97
C ASN I 87 -10.43 -4.36 30.54
N GLU I 88 -10.30 -3.41 29.61
CA GLU I 88 -10.43 -3.68 28.20
C GLU I 88 -9.22 -4.34 27.56
N TYR I 89 -8.10 -4.47 28.28
CA TYR I 89 -6.82 -4.93 27.70
C TYR I 89 -6.09 -5.88 28.61
N GLY I 90 -6.85 -6.83 29.16
CA GLY I 90 -6.27 -7.92 29.94
C GLY I 90 -5.56 -7.47 31.19
N ASN I 91 -6.03 -6.34 31.74
CA ASN I 91 -5.45 -5.76 32.96
C ASN I 91 -4.05 -5.18 32.82
N ILE I 92 -3.63 -4.87 31.59
CA ILE I 92 -2.35 -4.20 31.36
C ILE I 92 -2.48 -2.77 31.90
N THR I 93 -1.54 -2.41 32.78
CA THR I 93 -1.53 -1.06 33.37
C THR I 93 -0.41 -0.18 32.82
N ASP I 94 0.59 -0.78 32.20
CA ASP I 94 1.65 -0.04 31.59
C ASP I 94 2.40 -0.91 30.60
N PHE I 95 3.13 -0.27 29.69
CA PHE I 95 3.95 -0.97 28.73
C PHE I 95 5.14 -0.12 28.32
N ARG I 96 6.14 -0.80 27.77
CA ARG I 96 7.29 -0.14 27.21
C ARG I 96 7.17 -0.01 25.72
N THR I 97 7.67 1.08 25.19
CA THR I 97 7.65 1.29 23.78
C THR I 97 8.73 2.28 23.35
N SER I 98 9.17 2.07 22.12
CA SER I 98 10.18 2.90 21.52
C SER I 98 9.74 4.36 21.53
N ALA I 99 10.64 5.24 21.87
CA ALA I 99 10.38 6.68 21.86
C ALA I 99 9.98 7.26 20.52
N ALA I 100 10.38 6.58 19.46
CA ALA I 100 9.94 6.97 18.12
C ALA I 100 8.43 6.78 17.90
N ASP I 101 7.77 5.94 18.68
CA ASP I 101 6.31 5.70 18.54
C ASP I 101 5.45 6.81 19.13
N ILE I 102 6.05 7.72 19.93
CA ILE I 102 5.31 8.71 20.67
C ILE I 102 5.94 10.08 20.52
N TRP I 103 5.17 11.08 20.82
CA TRP I 103 5.71 12.41 20.95
C TRP I 103 6.57 12.44 22.22
N THR I 104 7.70 13.15 22.16
CA THR I 104 8.52 13.44 23.29
C THR I 104 8.92 14.91 23.29
N PRO I 105 9.14 15.49 24.46
CA PRO I 105 9.48 16.88 24.47
C PRO I 105 10.94 17.13 24.06
N ASP I 106 11.17 18.29 23.45
CA ASP I 106 12.43 18.69 22.89
C ASP I 106 13.34 19.44 23.93
N ILE I 107 13.51 18.81 25.10
CA ILE I 107 14.29 19.36 26.15
C ILE I 107 15.76 19.38 25.72
N THR I 108 16.43 20.52 25.83
CA THR I 108 17.76 20.69 25.32
C THR I 108 18.63 21.37 26.37
N ALA I 109 19.87 20.96 26.48
CA ALA I 109 20.86 21.66 27.29
C ALA I 109 21.32 22.88 26.53
N ALA I 110 21.05 24.05 27.06
CA ALA I 110 21.25 25.32 26.36
C ALA I 110 22.70 25.73 26.17
N SER I 111 23.61 25.16 26.94
CA SER I 111 25.02 25.56 26.89
C SER I 111 25.96 24.39 26.59
N SER I 112 25.44 23.36 25.92
CA SER I 112 26.28 22.31 25.37
C SER I 112 27.26 22.85 24.32
N THR I 113 28.41 22.19 24.23
CA THR I 113 29.42 22.50 23.23
C THR I 113 29.68 21.38 22.24
N ARG I 114 28.96 20.26 22.40
CA ARG I 114 29.05 19.08 21.50
C ARG I 114 27.67 18.48 21.44
N PRO I 115 27.39 17.71 20.41
CA PRO I 115 26.09 16.97 20.49
C PRO I 115 26.12 16.04 21.69
N VAL I 116 25.01 15.96 22.38
CA VAL I 116 24.84 15.09 23.51
C VAL I 116 24.97 13.65 23.02
N GLN I 117 25.73 12.85 23.73
CA GLN I 117 25.86 11.44 23.44
C GLN I 117 24.88 10.59 24.28
N VAL I 118 24.05 9.83 23.61
CA VAL I 118 23.02 9.06 24.24
C VAL I 118 23.61 7.73 24.72
N LEU I 119 23.42 7.41 26.01
CA LEU I 119 23.99 6.20 26.60
C LEU I 119 22.95 5.16 26.94
N SER I 120 21.67 5.46 26.72
CA SER I 120 20.61 4.52 27.04
C SER I 120 19.70 4.29 25.85
N PRO I 121 19.00 3.17 25.82
CA PRO I 121 18.03 2.87 24.77
C PRO I 121 16.90 3.88 24.82
N GLN I 122 16.42 4.26 23.64
CA GLN I 122 15.41 5.29 23.49
C GLN I 122 14.03 4.62 23.61
N ILE I 123 13.64 4.31 24.84
CA ILE I 123 12.43 3.58 25.13
C ILE I 123 11.73 4.27 26.27
N ALA I 124 10.41 4.37 26.19
CA ALA I 124 9.65 4.99 27.27
C ALA I 124 8.63 4.04 27.87
N VAL I 125 8.13 4.40 29.05
CA VAL I 125 7.11 3.63 29.75
C VAL I 125 5.86 4.45 29.70
N VAL I 126 4.79 3.85 29.23
CA VAL I 126 3.50 4.51 29.14
C VAL I 126 2.56 3.79 30.10
N THR I 127 1.78 4.57 30.84
CA THR I 127 0.91 4.05 31.89
C THR I 127 -0.54 4.40 31.50
N HIS I 128 -1.49 3.58 31.98
CA HIS I 128 -2.91 3.63 31.58
C HIS I 128 -3.63 4.94 31.82
N ASP I 129 -3.11 5.75 32.73
CA ASP I 129 -3.63 7.12 32.93
C ASP I 129 -3.08 8.13 31.92
N GLY I 130 -2.32 7.66 30.94
CA GLY I 130 -1.80 8.52 29.88
C GLY I 130 -0.46 9.14 30.24
N SER I 131 0.13 8.72 31.35
CA SER I 131 1.39 9.31 31.73
C SER I 131 2.54 8.52 31.12
N VAL I 132 3.58 9.28 30.79
CA VAL I 132 4.74 8.74 30.12
C VAL I 132 5.93 9.09 30.93
N MET I 133 6.85 8.15 31.03
CA MET I 133 8.10 8.31 31.75
C MET I 133 9.24 7.97 30.76
N PHE I 134 10.13 8.91 30.53
CA PHE I 134 11.26 8.70 29.63
C PHE I 134 12.52 9.16 30.35
N SER I 135 13.52 8.28 30.41
CA SER I 135 14.71 8.47 31.22
C SER I 135 16.03 8.36 30.48
N PRO I 136 16.27 9.29 29.57
CA PRO I 136 17.50 9.17 28.82
C PRO I 136 18.75 9.49 29.63
N ALA I 137 19.77 8.65 29.44
CA ALA I 137 21.08 8.85 29.95
C ALA I 137 21.99 9.46 28.86
N GLN I 138 22.90 10.33 29.26
CA GLN I 138 23.53 11.23 28.38
C GLN I 138 24.94 11.51 28.90
N ARG I 139 25.87 11.71 27.95
CA ARG I 139 27.08 12.39 28.25
C ARG I 139 27.01 13.76 27.58
N LEU I 140 27.26 14.80 28.37
CA LEU I 140 27.17 16.17 27.94
C LEU I 140 28.49 16.91 28.18
N SER I 141 28.94 17.63 27.15
CA SER I 141 29.97 18.62 27.29
C SER I 141 29.31 19.97 27.33
N PHE I 142 29.64 20.79 28.33
CA PHE I 142 28.99 22.11 28.45
C PHE I 142 29.97 23.18 28.95
N MET I 143 29.61 24.43 28.74
CA MET I 143 30.43 25.59 29.02
C MET I 143 30.58 25.79 30.53
N CYS I 144 31.81 25.69 31.01
CA CYS I 144 32.11 25.76 32.44
C CYS I 144 33.58 26.08 32.64
N ASP I 145 33.87 27.15 33.35
CA ASP I 145 35.24 27.55 33.74
C ASP I 145 35.52 26.78 35.02
N PRO I 146 36.42 25.80 34.96
CA PRO I 146 36.74 24.99 36.10
C PRO I 146 37.83 25.58 37.05
N THR I 147 38.31 26.79 36.78
CA THR I 147 39.20 27.48 37.70
C THR I 147 38.68 27.43 39.15
N GLY I 148 39.54 26.91 40.04
CA GLY I 148 39.20 26.74 41.46
C GLY I 148 38.83 25.33 41.85
N VAL I 149 38.85 24.40 40.89
CA VAL I 149 38.36 23.06 41.14
C VAL I 149 39.30 22.30 42.08
N ASP I 150 40.60 22.62 41.98
CA ASP I 150 41.66 22.00 42.83
C ASP I 150 41.72 22.53 44.29
N SER I 151 40.95 23.58 44.58
CA SER I 151 40.81 24.12 45.89
C SER I 151 39.78 23.33 46.72
N GLU I 152 39.58 23.78 47.94
CA GLU I 152 38.66 23.17 48.88
C GLU I 152 37.23 23.74 48.74
N GLU I 153 37.12 25.01 48.35
CA GLU I 153 35.81 25.67 48.09
C GLU I 153 35.19 25.09 46.81
N GLY I 154 36.04 24.61 45.92
CA GLY I 154 35.65 24.01 44.66
C GLY I 154 35.21 25.04 43.64
N VAL I 155 34.41 24.59 42.68
CA VAL I 155 33.90 25.47 41.62
C VAL I 155 32.42 25.16 41.37
N THR I 156 31.70 26.19 40.97
CA THR I 156 30.30 26.08 40.65
C THR I 156 30.11 26.23 39.13
N CYS I 157 29.35 25.31 38.53
CA CYS I 157 28.87 25.46 37.16
C CYS I 157 27.39 25.19 37.05
N ALA I 158 26.84 25.68 35.97
CA ALA I 158 25.42 25.65 35.73
C ALA I 158 25.08 25.34 34.28
N VAL I 159 23.99 24.61 34.08
CA VAL I 159 23.47 24.43 32.73
C VAL I 159 21.97 24.39 32.78
N LYS I 160 21.36 25.18 31.92
CA LYS I 160 19.93 25.25 31.75
C LYS I 160 19.43 24.21 30.76
N PHE I 161 18.32 23.59 31.14
CA PHE I 161 17.60 22.70 30.30
C PHE I 161 16.26 23.32 29.97
N GLU I 162 15.92 23.41 28.69
CA GLU I 162 14.69 24.01 28.25
C GLU I 162 14.16 23.40 26.97
N SER I 163 12.87 23.62 26.71
CA SER I 163 12.33 23.35 25.40
C SER I 163 13.00 24.31 24.43
N TRP I 164 13.48 23.80 23.30
CA TRP I 164 14.08 24.65 22.30
C TRP I 164 13.08 25.53 21.60
N VAL I 165 11.88 25.02 21.33
CA VAL I 165 10.94 25.74 20.47
C VAL I 165 9.60 26.04 21.09
N TYR I 166 9.28 25.45 22.22
CA TYR I 166 8.02 25.72 22.88
C TYR I 166 8.22 26.70 24.08
N SER I 167 7.33 27.68 24.13
CA SER I 167 7.28 28.66 25.20
C SER I 167 6.59 28.07 26.37
N GLY I 168 6.56 28.80 27.46
CA GLY I 168 5.83 28.42 28.67
C GLY I 168 4.33 28.40 28.53
N PHE I 169 3.80 29.02 27.47
CA PHE I 169 2.38 28.87 27.17
C PHE I 169 2.05 27.48 26.63
N GLU I 170 3.03 26.76 26.08
CA GLU I 170 2.80 25.44 25.52
C GLU I 170 3.37 24.34 26.39
N ILE I 171 4.59 24.52 26.86
CA ILE I 171 5.22 23.56 27.76
C ILE I 171 5.68 24.29 29.00
N ASP I 172 5.13 23.88 30.13
CA ASP I 172 5.60 24.29 31.42
C ASP I 172 6.49 23.20 32.02
N LEU I 173 7.66 23.56 32.52
CA LEU I 173 8.52 22.63 33.18
C LEU I 173 8.41 22.74 34.67
N LYS I 174 8.52 21.63 35.37
CA LYS I 174 8.73 21.68 36.79
C LYS I 174 9.62 20.57 37.29
N THR I 175 10.03 20.67 38.56
CA THR I 175 10.80 19.62 39.24
C THR I 175 9.93 19.03 40.34
N ASP I 176 10.21 17.83 40.80
CA ASP I 176 9.50 17.29 42.01
C ASP I 176 10.25 17.70 43.24
N THR I 177 11.55 17.88 43.10
CA THR I 177 12.42 18.26 44.19
C THR I 177 13.47 19.21 43.63
N ASP I 178 14.05 20.04 44.48
CA ASP I 178 15.15 20.91 44.14
C ASP I 178 16.50 20.28 44.30
N GLN I 179 16.56 19.13 44.95
CA GLN I 179 17.80 18.42 45.12
C GLN I 179 17.97 17.42 43.99
N VAL I 180 19.10 17.53 43.30
CA VAL I 180 19.54 16.55 42.35
C VAL I 180 19.85 15.27 43.10
N ASP I 181 19.40 14.15 42.56
CA ASP I 181 19.69 12.87 43.13
C ASP I 181 21.13 12.45 42.84
N LEU I 182 21.86 12.14 43.92
CA LEU I 182 23.23 11.74 43.88
C LEU I 182 23.46 10.31 44.26
N SER I 183 22.41 9.52 44.37
CA SER I 183 22.60 8.15 44.83
C SER I 183 23.24 7.19 43.81
N SER I 184 23.35 7.58 42.54
CA SER I 184 24.16 6.83 41.56
C SER I 184 25.46 7.53 41.25
N TYR I 185 25.84 8.55 42.00
CA TYR I 185 27.11 9.22 41.72
C TYR I 185 28.26 8.25 41.99
N TYR I 186 29.20 8.19 41.06
CA TYR I 186 30.32 7.29 41.13
C TYR I 186 31.23 7.69 42.32
N ALA I 187 31.33 6.79 43.28
CA ALA I 187 32.09 7.02 44.49
C ALA I 187 33.57 7.36 44.24
N SER I 188 34.18 6.78 43.22
CA SER I 188 35.59 7.08 42.91
C SER I 188 35.79 8.01 41.74
N SER I 189 34.81 8.85 41.45
CA SER I 189 35.02 9.89 40.43
C SER I 189 36.27 10.67 40.80
N LYS I 190 36.96 11.27 39.83
CA LYS I 190 37.95 12.30 40.12
C LYS I 190 37.37 13.52 40.82
N TYR I 191 36.07 13.76 40.74
CA TYR I 191 35.46 14.96 41.29
C TYR I 191 34.39 14.57 42.26
N GLU I 192 34.25 15.41 43.27
CA GLU I 192 33.43 15.16 44.44
C GLU I 192 32.36 16.23 44.34
N ILE I 193 31.12 15.86 44.63
CA ILE I 193 30.02 16.81 44.53
C ILE I 193 29.82 17.49 45.86
N LEU I 194 29.87 18.81 45.90
CA LEU I 194 29.60 19.55 47.12
C LEU I 194 28.14 19.89 47.22
N SER I 195 27.55 20.38 46.14
CA SER I 195 26.11 20.44 46.03
C SER I 195 25.62 20.36 44.59
N ALA I 196 24.33 20.06 44.47
CA ALA I 196 23.69 19.88 43.17
C ALA I 196 22.24 20.17 43.29
N THR I 197 21.79 21.24 42.63
CA THR I 197 20.39 21.59 42.67
C THR I 197 19.80 21.71 41.28
N GLN I 198 18.48 21.68 41.24
CA GLN I 198 17.74 21.81 40.00
C GLN I 198 16.55 22.67 40.25
N THR I 199 16.47 23.80 39.55
CA THR I 199 15.54 24.84 39.88
C THR I 199 14.78 25.38 38.68
N ARG I 200 13.46 25.41 38.78
CA ARG I 200 12.66 26.03 37.72
C ARG I 200 12.91 27.53 37.70
N GLN I 201 13.09 28.09 36.50
CA GLN I 201 13.18 29.51 36.27
C GLN I 201 12.27 29.89 35.11
N VAL I 202 11.81 31.13 35.15
CA VAL I 202 10.99 31.74 34.16
C VAL I 202 11.79 32.87 33.57
N GLN I 203 11.90 32.86 32.27
CA GLN I 203 12.68 33.84 31.51
C GLN I 203 11.70 34.68 30.67
N HIS I 204 11.89 36.00 30.64
CA HIS I 204 11.27 36.88 29.73
C HIS I 204 12.27 37.52 28.81
N TYR I 205 11.83 37.77 27.60
CA TYR I 205 12.57 38.61 26.63
C TYR I 205 11.68 39.82 26.37
N SER I 206 12.30 40.98 26.15
CA SER I 206 11.57 42.25 25.96
C SER I 206 10.78 42.30 24.63
N CYS I 207 11.26 41.59 23.61
CA CYS I 207 10.54 41.45 22.32
C CYS I 207 9.12 40.85 22.37
N CYS I 208 8.85 40.03 23.39
CA CYS I 208 7.92 38.88 23.28
C CYS I 208 7.13 38.68 24.57
N PRO I 209 5.79 38.60 24.48
CA PRO I 209 5.03 38.45 25.74
C PRO I 209 5.16 37.08 26.45
N GLU I 210 5.53 36.03 25.72
CA GLU I 210 5.48 34.65 26.22
C GLU I 210 6.66 34.44 27.20
N PRO I 211 6.40 33.82 28.35
CA PRO I 211 7.52 33.34 29.14
C PRO I 211 8.16 32.07 28.55
N TYR I 212 9.43 31.83 28.84
CA TYR I 212 10.19 30.63 28.49
C TYR I 212 10.70 30.01 29.78
N ILE I 213 10.52 28.70 29.95
CA ILE I 213 10.81 28.02 31.19
C ILE I 213 12.06 27.19 31.04
N ASP I 214 12.88 27.13 32.07
CA ASP I 214 14.01 26.26 32.09
C ASP I 214 14.16 25.67 33.46
N VAL I 215 14.92 24.58 33.55
CA VAL I 215 15.37 24.03 34.79
C VAL I 215 16.88 24.18 34.81
N ASN I 216 17.39 24.88 35.83
CA ASN I 216 18.78 25.23 35.95
C ASN I 216 19.45 24.21 36.84
N LEU I 217 20.42 23.49 36.29
CA LEU I 217 21.15 22.48 37.02
C LEU I 217 22.44 23.15 37.47
N VAL I 218 22.63 23.24 38.79
CA VAL I 218 23.77 24.00 39.36
C VAL I 218 24.55 23.01 40.17
N VAL I 219 25.82 22.85 39.84
CA VAL I 219 26.63 21.85 40.47
C VAL I 219 27.93 22.48 40.98
N LYS I 220 28.19 22.28 42.29
CA LYS I 220 29.42 22.71 42.92
C LYS I 220 30.22 21.46 43.18
N PHE I 221 31.46 21.45 42.71
CA PHE I 221 32.30 20.27 42.82
C PHE I 221 33.78 20.63 42.96
N ARG I 222 34.60 19.64 43.32
CA ARG I 222 36.05 19.83 43.40
C ARG I 222 36.78 18.53 43.19
N GLU I 223 38.10 18.59 43.00
CA GLU I 223 38.92 17.37 42.89
C GLU I 223 38.81 16.57 44.18
N ARG I 224 38.62 15.26 44.06
CA ARG I 224 38.56 14.37 45.23
C ARG I 224 39.95 14.35 45.91
N ARG I 225 39.95 14.37 47.24
CA ARG I 225 41.19 14.23 48.04
C ARG I 225 41.99 13.02 47.55
N GLN J 20 -5.75 19.43 19.95
CA GLN J 20 -5.02 18.41 19.22
C GLN J 20 -5.65 18.32 17.84
N ALA J 21 -6.99 18.12 17.81
CA ALA J 21 -7.68 17.73 16.59
C ALA J 21 -7.51 18.75 15.48
N ASN J 22 -7.67 20.03 15.81
CA ASN J 22 -7.52 21.08 14.85
C ASN J 22 -6.09 21.13 14.29
N LEU J 23 -5.12 20.98 15.18
CA LEU J 23 -3.75 20.98 14.76
C LEU J 23 -3.41 19.77 13.88
N MET J 24 -3.90 18.59 14.23
CA MET J 24 -3.65 17.37 13.43
C MET J 24 -4.19 17.55 12.02
N ARG J 25 -5.34 18.18 11.96
CA ARG J 25 -6.04 18.48 10.73
C ARG J 25 -5.25 19.50 9.88
N LEU J 26 -4.77 20.57 10.52
CA LEU J 26 -3.94 21.54 9.81
C LEU J 26 -2.69 20.88 9.24
N LYS J 27 -2.00 20.06 10.04
CA LYS J 27 -0.74 19.48 9.58
C LYS J 27 -1.01 18.54 8.40
N SER J 28 -2.10 17.81 8.51
CA SER J 28 -2.51 16.94 7.46
C SER J 28 -2.88 17.69 6.18
N ASP J 29 -3.61 18.80 6.30
CA ASP J 29 -3.90 19.62 5.12
C ASP J 29 -2.66 20.25 4.49
N LEU J 30 -1.74 20.75 5.29
CA LEU J 30 -0.51 21.36 4.73
C LEU J 30 0.50 20.36 4.16
N PHE J 31 0.63 19.18 4.76
CA PHE J 31 1.73 18.25 4.42
C PHE J 31 1.34 16.98 3.67
N ASN J 32 0.16 16.40 3.94
CA ASN J 32 -0.27 15.16 3.27
C ASN J 32 -1.12 15.38 2.06
N ARG J 33 -1.67 16.57 1.92
CA ARG J 33 -2.47 16.98 0.76
C ARG J 33 -1.75 17.21 -0.60
N SER J 34 -0.56 17.80 -0.56
CA SER J 34 0.16 18.22 -1.81
C SER J 34 1.62 17.89 -1.64
N PRO J 35 2.40 17.92 -2.75
CA PRO J 35 3.81 17.50 -2.60
C PRO J 35 4.58 18.59 -1.92
N MET J 36 5.79 18.29 -1.46
CA MET J 36 6.59 19.28 -0.74
C MET J 36 6.95 20.42 -1.77
N TYR J 37 7.04 21.63 -1.23
CA TYR J 37 7.65 22.73 -1.93
C TYR J 37 9.00 22.24 -2.54
N PRO J 38 9.17 22.36 -3.86
CA PRO J 38 10.40 21.84 -4.53
C PRO J 38 11.56 22.87 -4.49
N GLY J 39 11.44 23.94 -3.71
CA GLY J 39 12.47 24.95 -3.61
C GLY J 39 12.24 26.10 -4.59
N PRO J 40 12.94 27.20 -4.41
CA PRO J 40 12.78 28.37 -5.26
C PRO J 40 13.40 28.21 -6.65
N THR J 41 12.93 29.03 -7.58
CA THR J 41 13.49 29.17 -8.94
C THR J 41 13.69 30.64 -9.30
N LYS J 42 14.33 30.90 -10.45
CA LYS J 42 14.44 32.25 -11.05
C LYS J 42 13.08 32.96 -11.07
N ASP J 43 12.03 32.25 -11.51
CA ASP J 43 10.69 32.81 -11.57
C ASP J 43 10.00 32.97 -10.24
N ASP J 44 10.32 32.15 -9.23
CA ASP J 44 9.67 32.24 -7.90
C ASP J 44 10.73 32.26 -6.82
N PRO J 45 11.52 33.33 -6.78
CA PRO J 45 12.61 33.41 -5.83
C PRO J 45 12.12 33.63 -4.42
N LEU J 46 13.04 33.55 -3.49
CA LEU J 46 12.75 33.53 -2.08
C LEU J 46 13.80 34.28 -1.33
N THR J 47 13.41 34.95 -0.28
CA THR J 47 14.31 35.70 0.52
C THR J 47 14.37 35.07 1.89
N VAL J 48 15.59 34.78 2.34
CA VAL J 48 15.86 34.19 3.64
C VAL J 48 16.60 35.19 4.49
N THR J 49 16.10 35.43 5.68
CA THR J 49 16.71 36.32 6.62
C THR J 49 17.49 35.49 7.66
N LEU J 50 18.76 35.85 7.86
CA LEU J 50 19.61 35.25 8.86
C LEU J 50 19.99 36.22 9.96
N GLY J 51 20.08 35.72 11.18
CA GLY J 51 20.74 36.41 12.26
C GLY J 51 21.50 35.40 13.12
N PHE J 52 22.68 35.75 13.63
CA PHE J 52 23.50 34.93 14.48
C PHE J 52 23.47 35.35 15.94
N PHE J 53 23.64 34.37 16.82
CA PHE J 53 23.58 34.51 18.25
C PHE J 53 24.77 33.72 18.75
N LEU J 54 25.87 34.41 18.99
CA LEU J 54 27.09 33.78 19.44
C LEU J 54 26.99 33.41 20.88
N GLN J 55 27.42 32.19 21.18
CA GLN J 55 27.41 31.67 22.52
C GLN J 55 28.79 31.44 23.08
N ASP J 56 29.75 31.01 22.26
CA ASP J 56 31.07 30.70 22.81
C ASP J 56 32.07 30.46 21.70
N ILE J 57 33.26 31.05 21.85
CA ILE J 57 34.44 30.60 21.11
C ILE J 57 35.07 29.60 22.04
N VAL J 58 35.05 28.34 21.65
CA VAL J 58 35.38 27.27 22.53
C VAL J 58 36.86 27.06 22.48
N LYS J 59 37.41 27.01 21.27
CA LYS J 59 38.83 26.94 21.13
C LYS J 59 39.39 27.44 19.84
N VAL J 60 40.71 27.58 19.89
CA VAL J 60 41.53 28.12 18.85
C VAL J 60 42.60 27.07 18.65
N ASP J 61 43.00 26.79 17.41
CA ASP J 61 44.11 25.88 17.16
C ASP J 61 45.09 26.55 16.24
N SER J 62 46.19 27.03 16.83
CA SER J 62 47.19 27.81 16.10
C SER J 62 48.13 26.95 15.32
N SER J 63 48.11 25.64 15.55
CA SER J 63 48.88 24.76 14.68
C SER J 63 48.15 24.39 13.36
N THR J 64 46.82 24.54 13.32
CA THR J 64 46.02 24.23 12.10
C THR J 64 45.25 25.42 11.53
N ASN J 65 45.21 26.53 12.24
CA ASN J 65 44.39 27.70 11.86
C ASN J 65 42.91 27.35 11.70
N GLU J 66 42.41 26.73 12.78
CA GLU J 66 41.01 26.41 12.92
C GLU J 66 40.52 27.04 14.22
N VAL J 67 39.36 27.63 14.19
CA VAL J 67 38.69 28.10 15.39
C VAL J 67 37.30 27.45 15.48
N ASP J 68 36.89 27.14 16.71
CA ASP J 68 35.61 26.48 17.01
C ASP J 68 34.65 27.44 17.71
N LEU J 69 33.46 27.60 17.13
CA LEU J 69 32.40 28.47 17.60
C LEU J 69 31.13 27.69 17.90
N VAL J 70 30.44 28.09 18.94
CA VAL J 70 29.14 27.59 19.23
C VAL J 70 28.21 28.77 19.12
N TYR J 71 27.14 28.58 18.38
CA TYR J 71 26.18 29.65 18.15
C TYR J 71 24.86 29.05 17.72
N TYR J 72 23.82 29.87 17.73
CA TYR J 72 22.64 29.54 16.95
C TYR J 72 22.34 30.63 15.96
N GLU J 73 21.46 30.27 15.06
CA GLU J 73 21.28 30.96 13.80
C GLU J 73 19.78 31.01 13.59
N ARG J 74 19.18 32.17 13.51
CA ARG J 74 17.75 32.29 13.19
C ARG J 74 17.65 32.40 11.69
N GLN J 75 16.85 31.53 11.06
CA GLN J 75 16.53 31.59 9.64
C GLN J 75 15.07 31.83 9.52
N ARG J 76 14.69 32.71 8.58
CA ARG J 76 13.30 33.08 8.39
C ARG J 76 13.01 33.20 6.90
N TRP J 77 11.90 32.61 6.47
CA TRP J 77 11.44 32.78 5.06
C TRP J 77 9.93 32.56 5.09
N LYS J 78 9.31 32.68 3.92
CA LYS J 78 7.87 32.69 3.83
C LYS J 78 7.42 32.02 2.55
N LEU J 79 6.46 31.09 2.67
CA LEU J 79 5.90 30.35 1.54
C LEU J 79 4.40 30.51 1.49
N ASN J 80 3.89 30.81 0.31
CA ASN J 80 2.43 30.83 0.11
C ASN J 80 1.78 29.49 0.44
N SER J 81 2.47 28.38 0.11
CA SER J 81 1.93 27.07 0.35
C SER J 81 1.82 26.68 1.83
N LEU J 82 2.36 27.48 2.75
CA LEU J 82 2.23 27.22 4.17
C LEU J 82 1.22 28.14 4.85
N MET J 83 0.46 28.90 4.07
CA MET J 83 -0.55 29.81 4.64
C MET J 83 -1.81 29.04 5.04
N TRP J 84 -2.43 29.51 6.10
CA TRP J 84 -3.81 29.15 6.37
C TRP J 84 -4.53 30.28 7.06
N ASP J 85 -5.84 30.17 7.05
CA ASP J 85 -6.72 31.06 7.81
C ASP J 85 -6.96 30.50 9.20
N PRO J 86 -6.53 31.18 10.24
CA PRO J 86 -6.80 30.63 11.58
C PRO J 86 -8.26 30.34 11.93
N ASN J 87 -9.23 31.04 11.32
CA ASN J 87 -10.66 30.79 11.64
C ASN J 87 -11.10 29.41 11.21
N GLU J 88 -10.45 28.86 10.18
CA GLU J 88 -10.73 27.52 9.73
C GLU J 88 -10.10 26.42 10.59
N TYR J 89 -9.23 26.77 11.55
CA TYR J 89 -8.48 25.77 12.33
C TYR J 89 -8.41 26.15 13.79
N GLY J 90 -9.59 26.52 14.33
CA GLY J 90 -9.73 26.70 15.78
C GLY J 90 -8.88 27.82 16.32
N ASN J 91 -8.61 28.81 15.48
CA ASN J 91 -7.79 29.98 15.85
C ASN J 91 -6.31 29.70 16.07
N ILE J 92 -5.80 28.60 15.54
CA ILE J 92 -4.36 28.29 15.58
C ILE J 92 -3.64 29.31 14.68
N THR J 93 -2.66 30.02 15.24
CA THR J 93 -1.89 31.00 14.50
C THR J 93 -0.47 30.55 14.18
N ASP J 94 0.01 29.53 14.88
CA ASP J 94 1.30 28.97 14.61
C ASP J 94 1.43 27.59 15.24
N PHE J 95 2.38 26.80 14.76
CA PHE J 95 2.65 25.50 15.32
C PHE J 95 4.11 25.12 15.13
N ARG J 96 4.53 24.15 15.92
CA ARG J 96 5.85 23.59 15.81
C ARG J 96 5.79 22.30 15.04
N THR J 97 6.84 22.05 14.28
CA THR J 97 6.93 20.84 13.52
C THR J 97 8.37 20.52 13.17
N SER J 98 8.59 19.22 13.01
CA SER J 98 9.87 18.70 12.64
C SER J 98 10.31 19.35 11.31
N ALA J 99 11.57 19.76 11.24
CA ALA J 99 12.13 20.33 10.02
C ALA J 99 12.13 19.40 8.82
N ALA J 100 12.08 18.10 9.08
CA ALA J 100 11.92 17.12 8.01
C ALA J 100 10.56 17.25 7.27
N ASP J 101 9.56 17.84 7.89
CA ASP J 101 8.25 18.04 7.24
C ASP J 101 8.19 19.12 6.18
N ILE J 102 9.19 20.01 6.16
CA ILE J 102 9.18 21.18 5.32
C ILE J 102 10.49 21.32 4.57
N TRP J 103 10.41 22.13 3.53
CA TRP J 103 11.64 22.52 2.83
C TRP J 103 12.38 23.48 3.78
N THR J 104 13.70 23.36 3.78
CA THR J 104 14.56 24.33 4.47
C THR J 104 15.72 24.72 3.57
N PRO J 105 16.24 25.93 3.74
CA PRO J 105 17.31 26.33 2.86
C PRO J 105 18.65 25.66 3.24
N ASP J 106 19.49 25.46 2.24
CA ASP J 106 20.77 24.83 2.36
C ASP J 106 21.92 25.84 2.70
N ILE J 107 21.69 26.63 3.74
CA ILE J 107 22.67 27.60 4.18
C ILE J 107 23.90 26.88 4.73
N THR J 108 25.09 27.23 4.24
CA THR J 108 26.30 26.50 4.53
C THR J 108 27.40 27.51 4.91
N ALA J 109 28.23 27.19 5.87
CA ALA J 109 29.43 27.92 6.18
C ALA J 109 30.47 27.56 5.11
N ALA J 110 30.89 28.56 4.35
CA ALA J 110 31.79 28.36 3.22
C ALA J 110 33.21 27.97 3.55
N SER J 111 33.64 28.23 4.77
CA SER J 111 35.04 27.94 5.15
C SER J 111 35.15 27.01 6.36
N SER J 112 34.16 26.18 6.55
CA SER J 112 34.24 25.09 7.56
C SER J 112 35.33 24.11 7.23
N THR J 113 35.91 23.51 8.26
CA THR J 113 36.91 22.45 8.10
C THR J 113 36.49 21.11 8.66
N ARG J 114 35.27 21.03 9.21
CA ARG J 114 34.66 19.81 9.73
C ARG J 114 33.17 19.91 9.50
N PRO J 115 32.48 18.78 9.43
CA PRO J 115 31.02 18.92 9.35
C PRO J 115 30.51 19.65 10.61
N VAL J 116 29.54 20.50 10.40
CA VAL J 116 28.90 21.21 11.46
C VAL J 116 28.19 20.21 12.37
N GLN J 117 28.37 20.35 13.66
CA GLN J 117 27.67 19.54 14.63
C GLN J 117 26.39 20.26 15.14
N VAL J 118 25.27 19.58 15.01
CA VAL J 118 24.01 20.12 15.41
C VAL J 118 23.81 19.91 16.93
N LEU J 119 23.49 20.97 17.64
CA LEU J 119 23.30 20.94 19.10
C LEU J 119 21.87 21.11 19.54
N SER J 120 20.95 21.34 18.59
CA SER J 120 19.57 21.56 18.96
C SER J 120 18.64 20.64 18.14
N PRO J 121 17.44 20.39 18.63
CA PRO J 121 16.43 19.64 17.92
C PRO J 121 16.07 20.34 16.61
N GLN J 122 15.85 19.54 15.59
CA GLN J 122 15.57 20.04 14.24
C GLN J 122 14.06 20.32 14.13
N ILE J 123 13.62 21.43 14.70
CA ILE J 123 12.19 21.73 14.76
C ILE J 123 11.99 23.16 14.37
N ALA J 124 10.96 23.44 13.61
CA ALA J 124 10.67 24.79 13.17
C ALA J 124 9.31 25.25 13.63
N VAL J 125 9.12 26.59 13.59
CA VAL J 125 7.85 27.22 13.90
C VAL J 125 7.30 27.72 12.60
N VAL J 126 6.08 27.35 12.32
CA VAL J 126 5.38 27.79 11.11
C VAL J 126 4.21 28.66 11.57
N THR J 127 4.02 29.78 10.90
CA THR J 127 3.02 30.77 11.28
C THR J 127 2.02 30.89 10.12
N HIS J 128 0.78 31.28 10.44
CA HIS J 128 -0.36 31.26 9.50
C HIS J 128 -0.21 32.11 8.25
N ASP J 129 0.69 33.09 8.29
CA ASP J 129 1.03 33.84 7.06
C ASP J 129 2.04 33.14 6.18
N GLY J 130 2.40 31.91 6.52
CA GLY J 130 3.30 31.11 5.69
C GLY J 130 4.77 31.31 6.07
N SER J 131 5.03 32.05 7.14
CA SER J 131 6.40 32.28 7.53
C SER J 131 6.89 31.17 8.43
N VAL J 132 8.17 30.89 8.28
CA VAL J 132 8.82 29.82 8.98
C VAL J 132 10.00 30.42 9.69
N MET J 133 10.22 29.96 10.92
CA MET J 133 11.35 30.34 11.72
C MET J 133 12.08 29.03 12.13
N PHE J 134 13.35 28.90 11.79
CA PHE J 134 14.14 27.72 12.14
C PHE J 134 15.45 28.22 12.74
N SER J 135 15.77 27.72 13.94
CA SER J 135 16.87 28.23 14.75
C SER J 135 17.87 27.19 15.20
N PRO J 136 18.59 26.60 14.26
CA PRO J 136 19.52 25.56 14.68
C PRO J 136 20.73 26.13 15.41
N ALA J 137 21.10 25.42 16.46
CA ALA J 137 22.35 25.63 17.16
C ALA J 137 23.42 24.65 16.68
N GLN J 138 24.65 25.11 16.60
CA GLN J 138 25.67 24.47 15.85
C GLN J 138 27.02 24.71 16.55
N ARG J 139 27.90 23.70 16.44
CA ARG J 139 29.28 23.91 16.64
C ARG J 139 29.98 23.82 15.32
N LEU J 140 30.78 24.84 15.01
CA LEU J 140 31.46 24.97 13.73
C LEU J 140 32.97 25.12 13.95
N SER J 141 33.75 24.36 13.20
CA SER J 141 35.17 24.59 13.05
C SER J 141 35.37 25.27 11.70
N PHE J 142 36.10 26.38 11.70
CA PHE J 142 36.32 27.13 10.44
C PHE J 142 37.74 27.73 10.35
N MET J 143 38.14 28.07 9.14
CA MET J 143 39.49 28.54 8.83
C MET J 143 39.72 29.94 9.41
N CYS J 144 40.69 30.02 10.30
CA CYS J 144 40.97 31.26 11.01
C CYS J 144 42.37 31.19 11.61
N ASP J 145 43.21 32.15 11.26
CA ASP J 145 44.54 32.31 11.83
C ASP J 145 44.36 33.11 13.09
N PRO J 146 44.57 32.48 14.25
CA PRO J 146 44.39 33.14 15.52
C PRO J 146 45.64 33.93 16.02
N THR J 147 46.70 34.02 15.24
CA THR J 147 47.85 34.84 15.57
C THR J 147 47.43 36.26 16.00
N GLY J 148 47.85 36.65 17.21
CA GLY J 148 47.49 37.93 17.79
C GLY J 148 46.38 37.87 18.84
N VAL J 149 45.88 36.67 19.10
CA VAL J 149 44.72 36.52 19.97
C VAL J 149 45.09 36.83 21.43
N ASP J 150 46.34 36.54 21.80
CA ASP J 150 46.89 36.81 23.16
C ASP J 150 47.25 38.29 23.43
N SER J 151 47.20 39.12 22.41
CA SER J 151 47.39 40.55 22.52
C SER J 151 46.10 41.24 22.98
N GLU J 152 46.17 42.56 23.09
CA GLU J 152 45.05 43.38 23.50
C GLU J 152 44.20 43.84 22.31
N GLU J 153 44.82 44.00 21.13
CA GLU J 153 44.10 44.35 19.87
C GLU J 153 43.26 43.15 19.41
N GLY J 154 43.68 41.95 19.81
CA GLY J 154 43.03 40.71 19.49
C GLY J 154 43.24 40.30 18.04
N VAL J 155 42.31 39.47 17.53
CA VAL J 155 42.36 39.01 16.16
C VAL J 155 40.97 39.01 15.56
N THR J 156 40.93 39.21 14.24
CA THR J 156 39.71 39.22 13.51
C THR J 156 39.63 37.95 12.63
N CYS J 157 38.47 37.26 12.69
CA CYS J 157 38.17 36.21 11.73
C CYS J 157 36.77 36.38 11.15
N ALA J 158 36.59 35.73 10.01
CA ALA J 158 35.40 35.84 9.23
C ALA J 158 34.95 34.49 8.67
N VAL J 159 33.64 34.31 8.60
CA VAL J 159 33.11 33.16 7.87
C VAL J 159 31.83 33.57 7.18
N LYS J 160 31.75 33.24 5.91
CA LYS J 160 30.61 33.49 5.05
C LYS J 160 29.62 32.32 5.14
N PHE J 161 28.35 32.69 5.21
CA PHE J 161 27.27 31.76 5.15
C PHE J 161 26.47 32.00 3.89
N GLU J 162 26.26 30.97 3.09
CA GLU J 162 25.54 31.07 1.84
C GLU J 162 24.80 29.82 1.46
N SER J 163 23.84 29.95 0.55
CA SER J 163 23.27 28.78 -0.12
C SER J 163 24.38 28.09 -0.90
N TRP J 164 24.49 26.79 -0.75
CA TRP J 164 25.49 26.03 -1.51
C TRP J 164 25.15 25.95 -2.97
N VAL J 165 23.87 25.79 -3.31
CA VAL J 165 23.51 25.49 -4.69
C VAL J 165 22.56 26.50 -5.33
N TYR J 166 21.97 27.39 -4.56
CA TYR J 166 21.12 28.39 -5.12
C TYR J 166 21.84 29.75 -5.23
N SER J 167 21.71 30.36 -6.41
CA SER J 167 22.28 31.63 -6.73
C SER J 167 21.40 32.70 -6.17
N GLY J 168 21.88 33.96 -6.30
CA GLY J 168 21.03 35.10 -5.86
C GLY J 168 19.78 35.34 -6.72
N PHE J 169 19.69 34.70 -7.84
CA PHE J 169 18.46 34.70 -8.62
C PHE J 169 17.35 33.86 -7.96
N GLU J 170 17.73 32.87 -7.15
CA GLU J 170 16.77 31.96 -6.52
C GLU J 170 16.61 32.23 -5.03
N ILE J 171 17.72 32.45 -4.35
CA ILE J 171 17.71 32.77 -2.92
C ILE J 171 18.49 34.07 -2.73
N ASP J 172 17.79 35.04 -2.17
CA ASP J 172 18.40 36.22 -1.65
C ASP J 172 18.51 36.14 -0.16
N LEU J 173 19.62 36.49 0.42
CA LEU J 173 19.80 36.58 1.87
C LEU J 173 19.71 37.98 2.34
N LYS J 174 19.22 38.18 3.57
CA LYS J 174 19.37 39.43 4.25
C LYS J 174 19.48 39.26 5.74
N THR J 175 19.82 40.35 6.45
CA THR J 175 19.89 40.36 7.92
C THR J 175 18.84 41.34 8.43
N ASP J 176 18.40 41.22 9.67
CA ASP J 176 17.51 42.24 10.28
C ASP J 176 18.34 43.33 10.90
N THR J 177 19.54 42.97 11.34
CA THR J 177 20.46 43.89 11.96
C THR J 177 21.87 43.50 11.55
N ASP J 178 22.80 44.44 11.60
CA ASP J 178 24.21 44.17 11.35
C ASP J 178 24.98 43.76 12.58
N GLN J 179 24.40 43.91 13.75
CA GLN J 179 25.03 43.49 14.97
C GLN J 179 24.61 42.06 15.31
N VAL J 180 25.63 41.22 15.49
CA VAL J 180 25.45 39.91 16.03
C VAL J 180 24.99 40.04 17.48
N ASP J 181 23.98 39.25 17.85
CA ASP J 181 23.51 39.22 19.22
C ASP J 181 24.47 38.46 20.11
N LEU J 182 24.92 39.13 21.17
CA LEU J 182 25.84 38.57 22.15
C LEU J 182 25.24 38.41 23.48
N SER J 183 23.93 38.49 23.62
CA SER J 183 23.35 38.35 24.96
C SER J 183 23.35 36.94 25.54
N SER J 184 23.66 35.91 24.77
CA SER J 184 23.89 34.55 25.29
C SER J 184 25.38 34.21 25.28
N TYR J 185 26.27 35.17 25.04
CA TYR J 185 27.68 34.82 25.03
C TYR J 185 28.11 34.44 26.42
N TYR J 186 28.85 33.34 26.52
CA TYR J 186 29.29 32.78 27.78
C TYR J 186 30.30 33.75 28.45
N ALA J 187 29.90 34.28 29.60
CA ALA J 187 30.71 35.26 30.31
C ALA J 187 32.09 34.74 30.69
N SER J 188 32.26 33.46 30.99
CA SER J 188 33.57 32.92 31.32
C SER J 188 34.24 32.15 30.20
N SER J 189 33.88 32.44 28.95
CA SER J 189 34.62 31.85 27.83
C SER J 189 36.10 32.18 28.02
N LYS J 190 36.98 31.35 27.46
CA LYS J 190 38.39 31.75 27.35
C LYS J 190 38.60 32.97 26.44
N TYR J 191 37.64 33.31 25.59
CA TYR J 191 37.81 34.39 24.64
C TYR J 191 36.71 35.40 24.82
N GLU J 192 37.06 36.65 24.58
CA GLU J 192 36.26 37.80 24.89
C GLU J 192 35.96 38.40 23.54
N ILE J 193 34.72 38.84 23.33
CA ILE J 193 34.35 39.36 22.01
C ILE J 193 34.55 40.86 21.98
N LEU J 194 35.33 41.36 21.05
CA LEU J 194 35.51 42.81 20.90
C LEU J 194 34.48 43.38 19.96
N SER J 195 34.26 42.72 18.82
CA SER J 195 33.08 43.00 18.03
C SER J 195 32.63 41.79 17.22
N ALA J 196 31.39 41.89 16.74
CA ALA J 196 30.75 40.84 15.99
C ALA J 196 29.70 41.41 15.10
N THR J 197 29.92 41.32 13.78
CA THR J 197 28.94 41.81 12.85
C THR J 197 28.53 40.75 11.85
N GLN J 198 27.41 41.03 11.17
CA GLN J 198 26.88 40.15 10.17
C GLN J 198 26.38 40.99 9.03
N THR J 199 26.93 40.78 7.85
CA THR J 199 26.73 41.69 6.75
C THR J 199 26.41 40.96 5.44
N ARG J 200 25.33 41.34 4.78
CA ARG J 200 25.01 40.85 3.46
C ARG J 200 26.06 41.28 2.44
N GLN J 201 26.53 40.34 1.60
CA GLN J 201 27.37 40.60 0.49
C GLN J 201 26.98 39.81 -0.71
N VAL J 202 27.78 39.90 -1.74
CA VAL J 202 27.70 39.17 -2.99
C VAL J 202 29.03 38.45 -3.10
N GLN J 203 28.95 37.15 -3.38
CA GLN J 203 30.08 36.31 -3.69
C GLN J 203 30.07 35.95 -5.17
N HIS J 204 31.26 36.09 -5.77
CA HIS J 204 31.45 35.55 -7.12
C HIS J 204 32.55 34.51 -7.04
N TYR J 205 32.32 33.40 -7.74
CA TYR J 205 33.26 32.31 -7.83
C TYR J 205 33.68 32.22 -9.32
N SER J 206 34.89 31.73 -9.52
CA SER J 206 35.46 31.61 -10.88
C SER J 206 34.79 30.56 -11.76
N CYS J 207 34.21 29.52 -11.15
CA CYS J 207 33.44 28.48 -11.87
C CYS J 207 32.19 29.00 -12.66
N CYS J 208 31.61 30.14 -12.22
CA CYS J 208 30.18 30.37 -12.38
C CYS J 208 29.89 31.86 -12.62
N PRO J 209 29.09 32.21 -13.65
CA PRO J 209 28.75 33.63 -13.79
C PRO J 209 27.76 34.20 -12.73
N GLU J 210 26.97 33.31 -12.11
CA GLU J 210 25.85 33.74 -11.24
C GLU J 210 26.41 34.19 -9.89
N PRO J 211 25.95 35.31 -9.36
CA PRO J 211 26.33 35.68 -8.00
C PRO J 211 25.59 34.84 -6.93
N TYR J 212 26.23 34.66 -5.77
CA TYR J 212 25.66 33.98 -4.59
C TYR J 212 25.63 34.95 -3.45
N ILE J 213 24.52 34.97 -2.75
CA ILE J 213 24.41 36.01 -1.63
C ILE J 213 25.03 35.32 -0.49
N ASP J 214 25.73 36.04 0.38
CA ASP J 214 26.22 35.49 1.60
C ASP J 214 26.01 36.50 2.69
N VAL J 215 26.08 35.99 3.92
CA VAL J 215 26.13 36.82 5.09
C VAL J 215 27.48 36.54 5.73
N ASN J 216 28.29 37.59 5.90
CA ASN J 216 29.65 37.49 6.37
C ASN J 216 29.63 37.76 7.85
N LEU J 217 30.04 36.77 8.64
CA LEU J 217 30.08 36.88 10.07
C LEU J 217 31.54 37.23 10.39
N VAL J 218 31.74 38.39 11.02
CA VAL J 218 33.10 38.89 11.27
C VAL J 218 33.19 39.06 12.75
N VAL J 219 34.16 38.39 13.35
CA VAL J 219 34.29 38.40 14.78
C VAL J 219 35.73 38.79 15.17
N LYS J 220 35.83 39.81 16.03
CA LYS J 220 37.11 40.24 16.58
C LYS J 220 37.08 39.81 18.04
N PHE J 221 38.11 39.08 18.46
CA PHE J 221 38.14 38.54 19.80
C PHE J 221 39.59 38.41 20.32
N ARG J 222 39.72 38.16 21.63
CA ARG J 222 41.03 37.92 22.24
C ARG J 222 40.90 37.08 23.48
N GLU J 223 42.04 36.58 24.00
CA GLU J 223 42.04 35.83 25.27
C GLU J 223 41.51 36.72 26.40
N ARG J 224 40.63 36.18 27.23
CA ARG J 224 40.14 36.90 28.43
C ARG J 224 41.29 37.05 29.42
N ARG J 225 41.09 37.89 30.47
CA ARG J 225 41.72 37.60 31.84
C ARG J 225 40.71 37.39 32.97
N PHE J 235 18.59 31.73 41.71
CA PHE J 235 18.36 32.37 40.38
C PHE J 235 16.97 31.94 39.83
N ASP J 236 15.89 32.73 40.03
CA ASP J 236 14.48 32.26 39.72
C ASP J 236 13.62 33.04 38.70
N GLU J 237 14.02 34.28 38.39
CA GLU J 237 13.32 35.10 37.39
C GLU J 237 14.35 35.77 36.49
N ASN J 238 14.30 35.56 35.18
CA ASN J 238 15.34 36.05 34.25
C ASN J 238 14.74 36.99 33.16
N LEU J 239 15.50 38.03 32.81
CA LEU J 239 15.09 38.99 31.78
C LEU J 239 16.24 39.15 30.80
N TYR J 240 15.96 39.20 29.51
CA TYR J 240 16.96 39.42 28.46
C TYR J 240 16.63 40.72 27.65
N PHE J 241 17.41 41.79 27.84
CA PHE J 241 17.20 43.06 27.10
C PHE J 241 17.44 42.88 25.58
#